data_5OJM
#
_entry.id   5OJM
#
_cell.length_a   177.350
_cell.length_b   139.940
_cell.length_c   191.500
_cell.angle_alpha   90.00
_cell.angle_beta   102.25
_cell.angle_gamma   90.00
#
_symmetry.space_group_name_H-M   'C 1 2 1'
#
loop_
_entity.id
_entity.type
_entity.pdbx_description
1 polymer 'Human GABAA receptor chimera beta3-alpha5,Gamma-aminobutyric acid receptor subunit beta-3,Gamma-aminobutyric acid receptor subunit alpha-5'
2 polymer 'Nanobody Nb25'
3 branched alpha-D-mannopyranose-(1-3)-[alpha-D-mannopyranose-(1-6)]beta-D-mannopyranose-(1-4)-2-acetamido-2-deoxy-beta-D-glucopyranose-(1-4)-2-acetamido-2-deoxy-beta-D-glucopyranose
4 branched alpha-D-mannopyranose-(1-3)-alpha-D-mannopyranose-(1-6)-[alpha-D-mannopyranose-(1-3)]beta-D-mannopyranose-(1-4)-2-acetamido-2-deoxy-beta-D-glucopyranose-(1-4)-2-acetamido-2-deoxy-beta-D-glucopyranose
5 non-polymer 2-acetamido-2-deoxy-beta-D-glucopyranose
#
loop_
_entity_poly.entity_id
_entity_poly.type
_entity_poly.pdbx_seq_one_letter_code
_entity_poly.pdbx_strand_id
1 'polypeptide(L)'
;MGILPSPGMPALLSLVSLLSVLLMGCVAETGQSVNDPGNMSFVKETVDKLLKGYDIRLRPDFGGPPVCVGMNIDIASIDM
VSEVNMDYTLTMYFQQYWRDKRLAYSGIPLNLTLDNRVADQLWVPDTYFLNDKKSFVHGVTVKNRMIRLHPDGTVLYGLR
ITTTAACMMDLRRYPLDEQNCTLEIESYGYTTDDIEFYWRGGDKAVTGVERIELPQFSIVEHRLVSRNVVFATGAYPRLS
LSFRLKRNIGYFVIQTYLPCIMTVILSQVSFWLNRESVPARTVFGVTTVLTMTTLSISARNSLPKVAYATAMDWFIAVCY
AFVFSALIEFATVNYFTKSQPARAAKIDKMSRIVFPILFGTFNLVYWATYLNREPVIKGATSPKGTTETSQVAPA
;
A,B,C,D,E
2 'polypeptide(L)'
;QVQLQESGGGLVQAGGSLRLSCAASGHTFNYPIMGWFRQAPGKEREFVGAISWSGGSTSYADSVKDRFTISRDNAKNTVY
LEMNNLKPEDTAVYYCAAKGRYSGGLYYPTNYDYWGQGTQVTVSS
;
K,L,M,N,O
#
loop_
_chem_comp.id
_chem_comp.type
_chem_comp.name
_chem_comp.formula
BMA D-saccharide, beta linking beta-D-mannopyranose 'C6 H12 O6'
MAN D-saccharide, alpha linking alpha-D-mannopyranose 'C6 H12 O6'
NAG D-saccharide, beta linking 2-acetamido-2-deoxy-beta-D-glucopyranose 'C8 H15 N O6'
#
# COMPACT_ATOMS: atom_id res chain seq x y z
N PHE A 42 18.26 -40.03 29.99
CA PHE A 42 17.50 -39.82 31.25
C PHE A 42 16.49 -38.70 31.10
N VAL A 43 16.87 -37.65 30.37
CA VAL A 43 16.12 -36.43 30.41
C VAL A 43 14.89 -36.51 29.48
N LYS A 44 15.06 -37.16 28.33
CA LYS A 44 13.94 -37.35 27.38
C LYS A 44 12.76 -38.01 28.07
N GLU A 45 13.05 -38.99 28.94
CA GLU A 45 12.00 -39.70 29.66
C GLU A 45 11.29 -38.77 30.66
N THR A 46 12.08 -38.00 31.42
CA THR A 46 11.51 -37.10 32.44
C THR A 46 10.63 -36.05 31.79
N VAL A 47 11.02 -35.59 30.61
CA VAL A 47 10.20 -34.68 29.84
C VAL A 47 8.96 -35.39 29.28
N ASP A 48 9.15 -36.58 28.71
CA ASP A 48 8.05 -37.35 28.13
C ASP A 48 6.97 -37.63 29.17
N LYS A 49 7.39 -37.91 30.41
CA LYS A 49 6.44 -38.20 31.49
C LYS A 49 5.69 -36.95 31.93
N LEU A 50 6.39 -35.80 31.90
CA LEU A 50 5.75 -34.52 32.17
C LEU A 50 4.55 -34.33 31.25
N LEU A 51 4.73 -34.69 29.99
CA LEU A 51 3.74 -34.40 28.96
C LEU A 51 2.82 -35.60 28.70
N LYS A 52 3.12 -36.76 29.31
CA LYS A 52 2.16 -37.86 29.33
C LYS A 52 0.91 -37.48 30.13
N GLY A 53 -0.23 -37.41 29.44
CA GLY A 53 -1.51 -37.19 30.08
C GLY A 53 -1.77 -35.72 30.38
N TYR A 54 -0.91 -34.84 29.87
CA TYR A 54 -1.02 -33.41 30.13
C TYR A 54 -2.16 -32.83 29.32
N ASP A 55 -3.14 -32.24 30.00
CA ASP A 55 -4.26 -31.63 29.31
C ASP A 55 -4.07 -30.11 29.15
N ILE A 56 -3.82 -29.68 27.92
CA ILE A 56 -3.58 -28.27 27.62
C ILE A 56 -4.84 -27.44 27.86
N ARG A 57 -5.99 -28.11 28.00
CA ARG A 57 -7.26 -27.43 28.12
C ARG A 57 -7.46 -26.88 29.52
N LEU A 58 -6.70 -27.41 30.47
CA LEU A 58 -6.82 -27.01 31.85
C LEU A 58 -5.65 -26.12 32.24
N ARG A 59 -5.96 -24.97 32.84
CA ARG A 59 -4.95 -24.14 33.46
C ARG A 59 -4.34 -24.81 34.68
N PRO A 60 -3.25 -24.24 35.20
CA PRO A 60 -2.73 -24.69 36.47
C PRO A 60 -3.71 -24.43 37.60
N ASP A 61 -3.84 -25.39 38.51
CA ASP A 61 -4.82 -25.30 39.59
C ASP A 61 -6.22 -25.09 39.04
N PHE A 62 -6.71 -26.01 38.20
CA PHE A 62 -7.87 -25.72 37.36
C PHE A 62 -9.07 -25.26 38.17
N GLY A 63 -9.40 -26.01 39.21
CA GLY A 63 -10.53 -25.67 40.05
C GLY A 63 -10.14 -24.69 41.15
N GLY A 64 -8.84 -24.50 41.33
CA GLY A 64 -8.32 -23.86 42.52
C GLY A 64 -8.16 -22.36 42.34
N PRO A 65 -7.22 -21.76 43.10
CA PRO A 65 -7.04 -20.32 43.04
C PRO A 65 -6.53 -19.87 41.68
N PRO A 66 -6.62 -18.57 41.41
CA PRO A 66 -6.17 -18.08 40.13
C PRO A 66 -4.66 -18.19 39.98
N VAL A 67 -4.20 -18.13 38.73
CA VAL A 67 -2.77 -18.24 38.45
C VAL A 67 -2.16 -16.86 38.39
N CYS A 68 -1.24 -16.57 39.30
CA CYS A 68 -0.43 -15.36 39.20
C CYS A 68 0.54 -15.44 38.00
N VAL A 69 0.31 -14.58 37.02
CA VAL A 69 1.14 -14.49 35.83
C VAL A 69 1.94 -13.18 35.85
N GLY A 70 3.26 -13.32 35.74
CA GLY A 70 4.18 -12.19 35.82
C GLY A 70 4.59 -11.70 34.45
N MET A 71 4.40 -10.40 34.24
CA MET A 71 4.70 -9.79 32.95
C MET A 71 6.02 -9.05 32.99
N ASN A 72 6.70 -9.06 31.87
CA ASN A 72 8.00 -8.48 31.78
C ASN A 72 8.24 -8.09 30.33
N ILE A 73 8.39 -6.78 30.08
CA ILE A 73 8.51 -6.27 28.71
C ILE A 73 9.86 -5.59 28.49
N ASP A 74 10.49 -5.94 27.38
CA ASP A 74 11.71 -5.28 26.97
C ASP A 74 11.50 -4.67 25.61
N ILE A 75 11.36 -3.35 25.57
CA ILE A 75 10.99 -2.66 24.35
C ILE A 75 12.19 -2.59 23.43
N ALA A 76 11.97 -2.96 22.17
CA ALA A 76 13.04 -2.93 21.19
C ALA A 76 13.02 -1.61 20.45
N SER A 77 11.82 -1.14 20.12
CA SER A 77 11.68 0.03 19.25
C SER A 77 10.21 0.43 19.10
N ILE A 78 9.99 1.72 18.91
CA ILE A 78 8.77 2.20 18.30
C ILE A 78 9.04 2.65 16.88
N ASP A 79 8.43 1.98 15.91
CA ASP A 79 8.87 2.08 14.52
C ASP A 79 8.19 3.21 13.78
N MET A 80 7.08 3.71 14.33
CA MET A 80 6.18 4.59 13.58
C MET A 80 5.09 5.15 14.51
N VAL A 81 4.68 6.39 14.26
CA VAL A 81 3.54 6.98 14.96
C VAL A 81 2.68 7.72 13.98
N SER A 82 1.44 7.28 13.83
CA SER A 82 0.57 7.83 12.79
C SER A 82 -0.52 8.71 13.42
N GLU A 83 -0.49 10.00 13.11
CA GLU A 83 -1.53 10.91 13.59
C GLU A 83 -2.76 10.73 12.72
N VAL A 84 -2.54 10.25 11.50
CA VAL A 84 -3.62 10.10 10.53
C VAL A 84 -4.51 8.94 10.89
N ASN A 85 -3.89 7.84 11.30
CA ASN A 85 -4.62 6.64 11.70
C ASN A 85 -4.72 6.55 13.22
N MET A 86 -4.09 7.48 13.90
CA MET A 86 -4.07 7.49 15.37
C MET A 86 -3.73 6.11 15.92
N ASP A 87 -2.57 5.63 15.48
CA ASP A 87 -1.96 4.45 16.04
C ASP A 87 -0.45 4.64 16.10
N TYR A 88 0.22 3.69 16.73
CA TYR A 88 1.68 3.60 16.68
C TYR A 88 2.08 2.16 16.57
N THR A 89 3.24 1.92 16.00
CA THR A 89 3.72 0.60 15.86
C THR A 89 4.91 0.33 16.79
N LEU A 90 4.79 -0.75 17.56
CA LEU A 90 5.70 -1.04 18.67
C LEU A 90 6.31 -2.43 18.47
N THR A 91 7.58 -2.58 18.84
CA THR A 91 8.23 -3.90 18.84
C THR A 91 8.83 -4.17 20.22
N MET A 92 8.51 -5.35 20.76
CA MET A 92 8.89 -5.67 22.14
C MET A 92 9.22 -7.13 22.29
N TYR A 93 9.98 -7.44 23.32
CA TYR A 93 10.03 -8.78 23.88
C TYR A 93 9.05 -8.91 25.03
N PHE A 94 8.09 -9.80 24.87
CA PHE A 94 7.01 -9.96 25.84
C PHE A 94 7.18 -11.28 26.59
N GLN A 95 7.65 -11.19 27.83
CA GLN A 95 7.97 -12.37 28.63
C GLN A 95 6.92 -12.61 29.71
N GLN A 96 6.52 -13.86 29.88
CA GLN A 96 5.53 -14.22 30.89
C GLN A 96 6.07 -15.34 31.79
N TYR A 97 5.91 -15.16 33.10
CA TYR A 97 6.29 -16.20 34.07
C TYR A 97 5.05 -16.66 34.82
N TRP A 98 4.80 -17.96 34.80
CA TRP A 98 3.81 -18.54 35.68
C TRP A 98 4.27 -19.93 36.15
N ARG A 99 3.49 -20.55 37.03
CA ARG A 99 3.88 -21.78 37.68
C ARG A 99 2.85 -22.89 37.42
N ASP A 100 3.28 -23.90 36.67
CA ASP A 100 2.46 -25.07 36.41
C ASP A 100 3.10 -26.28 37.10
N LYS A 101 2.49 -26.73 38.18
CA LYS A 101 3.09 -27.75 39.02
C LYS A 101 3.24 -29.06 38.25
N ARG A 102 2.44 -29.21 37.20
CA ARG A 102 2.55 -30.35 36.30
C ARG A 102 3.90 -30.45 35.60
N LEU A 103 4.67 -29.37 35.64
CA LEU A 103 5.93 -29.29 34.89
C LEU A 103 7.13 -29.21 35.83
N ALA A 104 6.98 -29.75 37.03
CA ALA A 104 8.05 -29.79 38.00
C ALA A 104 8.92 -31.00 37.73
N TYR A 105 10.23 -30.85 37.91
CA TYR A 105 11.15 -31.99 37.83
C TYR A 105 12.20 -31.90 38.94
N SER A 106 12.28 -32.95 39.74
CA SER A 106 13.06 -32.91 40.96
C SER A 106 14.52 -33.31 40.69
N GLY A 107 14.71 -34.32 39.83
CA GLY A 107 16.02 -34.93 39.61
C GLY A 107 17.07 -33.95 39.14
N ILE A 108 16.70 -33.10 38.18
CA ILE A 108 17.68 -32.24 37.50
C ILE A 108 17.82 -30.91 38.25
N PRO A 109 19.06 -30.39 38.35
CA PRO A 109 19.31 -29.21 39.18
C PRO A 109 19.46 -27.92 38.39
N LEU A 110 18.94 -27.88 37.17
CA LEU A 110 19.14 -26.71 36.29
C LEU A 110 17.92 -26.44 35.39
N ASN A 111 17.88 -25.24 34.80
CA ASN A 111 16.71 -24.79 34.03
C ASN A 111 16.77 -25.31 32.61
N LEU A 112 15.64 -25.84 32.14
CA LEU A 112 15.59 -26.55 30.87
C LEU A 112 15.03 -25.64 29.80
N THR A 113 15.87 -25.23 28.85
CA THR A 113 15.40 -24.58 27.64
C THR A 113 15.08 -25.63 26.57
N LEU A 114 13.81 -25.69 26.22
CA LEU A 114 13.33 -26.64 25.24
C LEU A 114 13.04 -25.90 23.94
N ASP A 115 12.93 -26.65 22.84
CA ASP A 115 12.56 -26.06 21.55
C ASP A 115 11.23 -25.29 21.64
N ASN A 116 11.12 -24.21 20.89
CA ASN A 116 9.94 -23.34 20.96
C ASN A 116 8.64 -24.14 20.70
N ARG A 117 8.76 -25.26 19.98
CA ARG A 117 7.60 -26.02 19.53
C ARG A 117 6.89 -26.77 20.68
N VAL A 118 7.46 -26.71 21.87
CA VAL A 118 6.82 -27.26 23.05
C VAL A 118 5.57 -26.48 23.43
N ALA A 119 5.56 -25.19 23.08
CA ALA A 119 4.43 -24.34 23.41
C ALA A 119 3.14 -24.96 22.92
N ASP A 120 3.21 -25.61 21.76
CA ASP A 120 2.02 -26.17 21.11
C ASP A 120 1.41 -27.29 21.93
N GLN A 121 2.22 -27.86 22.83
CA GLN A 121 1.78 -28.97 23.64
C GLN A 121 1.82 -28.56 25.11
N LEU A 122 1.78 -27.25 25.38
CA LEU A 122 1.65 -26.75 26.74
C LEU A 122 0.46 -25.84 26.87
N TRP A 123 0.04 -25.58 28.10
CA TRP A 123 -0.88 -24.50 28.39
C TRP A 123 -0.13 -23.21 28.55
N VAL A 124 -0.61 -22.18 27.84
CA VAL A 124 -0.10 -20.83 27.98
C VAL A 124 -1.26 -19.86 28.23
N PRO A 125 -1.00 -18.76 28.94
CA PRO A 125 -2.07 -17.82 29.21
C PRO A 125 -2.58 -17.13 27.92
N ASP A 126 -3.89 -16.86 27.89
CA ASP A 126 -4.54 -16.25 26.72
C ASP A 126 -4.41 -14.72 26.75
N THR A 127 -3.18 -14.25 26.90
CA THR A 127 -2.91 -12.83 26.97
C THR A 127 -2.98 -12.20 25.58
N TYR A 128 -3.76 -11.12 25.49
CA TYR A 128 -3.85 -10.30 24.26
C TYR A 128 -3.72 -8.83 24.60
N PHE A 129 -3.63 -8.00 23.57
CA PHE A 129 -3.52 -6.56 23.76
C PHE A 129 -4.82 -5.88 23.35
N LEU A 130 -5.50 -5.31 24.33
CA LEU A 130 -6.88 -4.91 24.15
C LEU A 130 -7.03 -3.92 23.01
N ASN A 131 -6.02 -3.07 22.83
CA ASN A 131 -6.14 -1.90 21.96
C ASN A 131 -5.33 -2.03 20.67
N ASP A 132 -5.01 -3.27 20.28
CA ASP A 132 -4.17 -3.49 19.10
C ASP A 132 -5.02 -3.60 17.85
N LYS A 133 -4.53 -3.05 16.75
CA LYS A 133 -5.23 -3.10 15.48
C LYS A 133 -4.73 -4.27 14.66
N LYS A 134 -3.42 -4.50 14.68
CA LYS A 134 -2.81 -5.67 14.04
C LYS A 134 -1.51 -5.92 14.71
N SER A 135 -1.34 -7.13 15.23
CA SER A 135 -0.06 -7.55 15.84
C SER A 135 0.37 -8.86 15.24
N PHE A 136 1.67 -9.12 15.28
CA PHE A 136 2.17 -10.40 14.83
C PHE A 136 3.45 -10.78 15.55
N VAL A 137 3.74 -12.07 15.55
CA VAL A 137 4.89 -12.60 16.24
C VAL A 137 5.90 -13.01 15.19
N HIS A 138 7.12 -12.53 15.32
CA HIS A 138 8.14 -12.73 14.29
C HIS A 138 8.40 -14.24 14.07
N GLY A 139 8.75 -14.59 12.83
CA GLY A 139 8.75 -15.97 12.40
C GLY A 139 10.10 -16.51 11.97
N VAL A 140 11.07 -15.62 11.75
CA VAL A 140 12.33 -16.01 11.15
C VAL A 140 13.44 -15.95 12.19
N THR A 141 14.28 -17.01 12.28
CA THR A 141 14.21 -18.18 11.37
C THR A 141 13.21 -19.20 11.87
N VAL A 142 13.02 -19.25 13.18
CA VAL A 142 11.91 -20.00 13.76
C VAL A 142 10.97 -19.06 14.46
N LYS A 143 9.75 -19.50 14.70
CA LYS A 143 8.79 -18.73 15.48
C LYS A 143 9.52 -18.12 16.69
N ASN A 144 9.60 -16.79 16.75
CA ASN A 144 10.38 -16.15 17.82
C ASN A 144 9.70 -16.29 19.15
N ARG A 145 9.80 -17.47 19.74
CA ARG A 145 9.28 -17.70 21.08
C ARG A 145 10.20 -18.63 21.87
N MET A 146 10.29 -18.35 23.17
CA MET A 146 11.15 -19.12 24.07
C MET A 146 10.30 -19.81 25.12
N ILE A 147 10.64 -21.06 25.43
CA ILE A 147 10.18 -21.71 26.65
C ILE A 147 11.35 -22.20 27.50
N ARG A 148 11.44 -21.65 28.71
CA ARG A 148 12.39 -22.13 29.68
C ARG A 148 11.67 -22.65 30.93
N LEU A 149 11.91 -23.92 31.25
CA LEU A 149 11.33 -24.53 32.44
C LEU A 149 12.30 -24.46 33.59
N HIS A 150 11.74 -24.47 34.79
CA HIS A 150 12.54 -24.55 36.01
C HIS A 150 12.08 -25.74 36.83
N PRO A 151 13.00 -26.38 37.57
CA PRO A 151 12.62 -27.53 38.39
C PRO A 151 11.49 -27.19 39.36
N ASP A 152 11.48 -25.94 39.81
CA ASP A 152 10.32 -25.34 40.48
C ASP A 152 8.97 -25.78 39.85
N GLY A 153 8.92 -25.87 38.52
CA GLY A 153 7.65 -25.86 37.80
C GLY A 153 7.33 -24.50 37.16
N THR A 154 8.20 -23.51 37.37
CA THR A 154 7.98 -22.18 36.83
C THR A 154 8.34 -22.13 35.36
N VAL A 155 7.49 -21.50 34.55
CA VAL A 155 7.69 -21.42 33.11
C VAL A 155 8.00 -20.00 32.69
N LEU A 156 8.95 -19.87 31.77
CA LEU A 156 9.27 -18.57 31.19
C LEU A 156 8.97 -18.58 29.68
N TYR A 157 7.96 -17.81 29.28
CA TYR A 157 7.43 -17.88 27.91
C TYR A 157 7.61 -16.55 27.23
N GLY A 158 8.67 -16.44 26.44
CA GLY A 158 9.01 -15.16 25.77
C GLY A 158 8.48 -15.09 24.33
N LEU A 159 7.97 -13.93 23.94
CA LEU A 159 7.59 -13.67 22.55
C LEU A 159 8.17 -12.36 22.06
N ARG A 160 8.60 -12.33 20.80
CA ARG A 160 8.91 -11.06 20.15
C ARG A 160 7.76 -10.60 19.28
N ILE A 161 7.15 -9.48 19.64
CA ILE A 161 5.91 -9.07 19.04
C ILE A 161 6.06 -7.65 18.52
N THR A 162 5.50 -7.39 17.33
CA THR A 162 5.26 -6.02 16.87
C THR A 162 3.77 -5.76 16.80
N THR A 163 3.32 -4.77 17.55
CA THR A 163 1.93 -4.38 17.56
C THR A 163 1.81 -3.01 16.97
N THR A 164 0.75 -2.78 16.20
CA THR A 164 0.28 -1.42 15.98
C THR A 164 -1.01 -1.21 16.74
N ALA A 165 -0.95 -0.35 17.76
CA ALA A 165 -2.05 -0.18 18.72
C ALA A 165 -2.64 1.21 18.60
N ALA A 166 -3.93 1.32 18.91
CA ALA A 166 -4.61 2.60 18.81
C ALA A 166 -4.09 3.59 19.86
N CYS A 167 -3.89 4.82 19.43
CA CYS A 167 -3.49 5.88 20.33
C CYS A 167 -4.25 7.12 19.95
N MET A 168 -5.43 7.29 20.50
CA MET A 168 -6.23 8.48 20.25
C MET A 168 -5.45 9.73 20.63
N MET A 169 -5.46 10.73 19.74
CA MET A 169 -4.53 11.85 19.84
C MET A 169 -5.28 13.16 19.92
N ASP A 170 -4.83 14.02 20.83
CA ASP A 170 -5.42 15.33 20.99
C ASP A 170 -4.54 16.35 20.29
N LEU A 171 -4.85 16.60 19.02
CA LEU A 171 -4.00 17.39 18.16
C LEU A 171 -4.32 18.87 18.26
N ARG A 172 -4.95 19.29 19.35
CA ARG A 172 -5.35 20.67 19.50
C ARG A 172 -4.15 21.60 19.59
N ARG A 173 -3.12 21.19 20.32
CA ARG A 173 -1.90 21.98 20.43
C ARG A 173 -0.81 21.52 19.48
N TYR A 174 -1.18 20.78 18.45
CA TYR A 174 -0.24 20.35 17.40
C TYR A 174 0.32 21.58 16.69
N PRO A 175 1.63 21.60 16.38
CA PRO A 175 2.56 20.48 16.56
C PRO A 175 3.39 20.69 17.81
N LEU A 176 2.89 21.55 18.69
CA LEU A 176 3.49 21.78 19.98
C LEU A 176 2.81 20.95 21.07
N ASP A 177 2.54 19.69 20.73
CA ASP A 177 1.71 18.82 21.55
C ASP A 177 2.56 17.77 22.22
N GLU A 178 1.93 17.00 23.11
CA GLU A 178 2.38 15.64 23.43
C GLU A 178 1.21 14.70 23.54
N GLN A 179 1.48 13.41 23.36
CA GLN A 179 0.43 12.39 23.37
C GLN A 179 0.72 11.30 24.41
N ASN A 180 -0.33 10.62 24.85
CA ASN A 180 -0.22 9.49 25.78
C ASN A 180 -0.69 8.22 25.09
N CYS A 181 0.27 7.45 24.58
CA CYS A 181 -0.03 6.17 23.91
C CYS A 181 0.12 5.01 24.86
N THR A 182 -0.82 4.06 24.81
CA THR A 182 -0.83 2.95 25.77
C THR A 182 -0.82 1.59 25.11
N LEU A 183 -0.49 0.59 25.90
CA LEU A 183 -0.62 -0.80 25.52
C LEU A 183 -1.37 -1.53 26.62
N GLU A 184 -2.65 -1.78 26.39
CA GLU A 184 -3.50 -2.43 27.37
C GLU A 184 -3.39 -3.95 27.27
N ILE A 185 -2.93 -4.58 28.33
CA ILE A 185 -2.69 -6.02 28.32
C ILE A 185 -3.72 -6.72 29.17
N GLU A 186 -4.40 -7.71 28.59
CA GLU A 186 -5.49 -8.41 29.30
C GLU A 186 -5.57 -9.89 28.85
N SER A 187 -6.23 -10.71 29.64
CA SER A 187 -6.53 -12.09 29.21
C SER A 187 -7.90 -12.14 28.56
N TYR A 188 -8.02 -12.94 27.52
CA TYR A 188 -9.21 -12.89 26.69
C TYR A 188 -10.38 -13.62 27.33
N GLY A 189 -10.14 -14.81 27.87
CA GLY A 189 -11.22 -15.69 28.35
C GLY A 189 -11.28 -15.85 29.87
N TYR A 190 -10.12 -15.81 30.50
CA TYR A 190 -9.99 -16.20 31.91
C TYR A 190 -10.25 -14.99 32.81
N THR A 191 -11.16 -15.13 33.77
CA THR A 191 -11.47 -14.04 34.69
C THR A 191 -10.48 -13.98 35.85
N THR A 192 -10.69 -13.03 36.76
CA THR A 192 -9.85 -12.90 37.95
C THR A 192 -9.95 -14.14 38.85
N ASP A 193 -11.01 -14.92 38.67
CA ASP A 193 -11.16 -16.18 39.38
C ASP A 193 -10.17 -17.23 38.91
N ASP A 194 -9.59 -17.03 37.72
CA ASP A 194 -8.70 -18.03 37.15
C ASP A 194 -7.28 -17.48 36.88
N ILE A 195 -7.19 -16.17 36.61
CA ILE A 195 -5.90 -15.56 36.27
C ILE A 195 -5.68 -14.21 36.96
N GLU A 196 -4.44 -13.99 37.39
CA GLU A 196 -3.99 -12.69 37.90
C GLU A 196 -2.81 -12.22 37.09
N PHE A 197 -2.70 -10.92 36.88
CA PHE A 197 -1.52 -10.33 36.24
C PHE A 197 -0.79 -9.45 37.23
N TYR A 198 0.53 -9.40 37.09
CA TYR A 198 1.33 -8.45 37.87
C TYR A 198 2.59 -8.08 37.13
N TRP A 199 3.05 -6.84 37.31
CA TRP A 199 4.28 -6.39 36.69
C TRP A 199 5.48 -6.97 37.42
N ARG A 200 6.18 -7.88 36.76
CA ARG A 200 7.27 -8.60 37.40
C ARG A 200 8.47 -7.70 37.63
N GLY A 201 8.65 -7.29 38.88
CA GLY A 201 9.71 -6.34 39.25
C GLY A 201 9.19 -4.93 39.46
N GLY A 202 7.86 -4.77 39.47
CA GLY A 202 7.23 -3.49 39.83
C GLY A 202 7.54 -2.40 38.84
N ASP A 203 8.14 -1.32 39.34
CA ASP A 203 8.58 -0.21 38.50
C ASP A 203 9.52 -0.67 37.37
N LYS A 204 10.27 -1.75 37.65
CA LYS A 204 11.39 -2.15 36.79
C LYS A 204 10.99 -3.28 35.86
N ALA A 205 9.69 -3.44 35.66
CA ALA A 205 9.16 -4.52 34.85
C ALA A 205 9.30 -4.26 33.36
N VAL A 206 9.39 -2.97 32.99
CA VAL A 206 9.53 -2.59 31.59
C VAL A 206 10.87 -1.99 31.32
N THR A 207 11.49 -2.44 30.25
CA THR A 207 12.82 -1.99 29.84
C THR A 207 12.79 -1.56 28.38
N GLY A 208 13.65 -0.63 28.00
CA GLY A 208 13.90 -0.37 26.59
C GLY A 208 13.34 0.97 26.12
N VAL A 209 12.60 1.65 26.99
CA VAL A 209 12.16 3.02 26.69
C VAL A 209 13.31 3.93 26.25
N GLU A 210 14.53 3.60 26.67
CA GLU A 210 15.72 4.37 26.36
C GLU A 210 16.15 4.09 24.92
N ARG A 211 15.75 2.93 24.42
CA ARG A 211 16.16 2.46 23.12
C ARG A 211 15.29 3.05 22.03
N ILE A 212 14.14 3.59 22.42
CA ILE A 212 13.22 4.18 21.45
C ILE A 212 13.90 5.37 20.79
N GLU A 213 13.92 5.37 19.46
CA GLU A 213 14.61 6.41 18.69
C GLU A 213 13.68 6.90 17.62
N LEU A 214 12.87 7.89 17.93
CA LEU A 214 11.95 8.42 16.98
C LEU A 214 12.43 9.75 16.47
N PRO A 215 12.40 9.94 15.14
CA PRO A 215 12.80 11.22 14.58
C PRO A 215 11.93 12.38 15.08
N GLN A 216 10.63 12.11 15.30
CA GLN A 216 9.64 13.17 15.47
C GLN A 216 9.26 13.40 16.92
N PHE A 217 9.51 12.41 17.77
CA PHE A 217 9.07 12.49 19.16
C PHE A 217 10.22 12.22 20.13
N SER A 218 9.96 12.42 21.42
CA SER A 218 10.86 11.96 22.46
C SER A 218 10.05 11.55 23.69
N ILE A 219 10.46 10.45 24.33
CA ILE A 219 9.67 9.86 25.41
C ILE A 219 10.03 10.55 26.72
N VAL A 220 9.10 11.33 27.25
CA VAL A 220 9.38 12.16 28.40
C VAL A 220 9.26 11.37 29.70
N GLU A 221 8.24 10.51 29.78
CA GLU A 221 8.20 9.46 30.81
C GLU A 221 7.36 8.27 30.36
N HIS A 222 7.36 7.20 31.14
CA HIS A 222 6.42 6.09 30.95
C HIS A 222 5.85 5.62 32.29
N ARG A 223 4.73 4.91 32.24
CA ARG A 223 4.03 4.54 33.46
C ARG A 223 3.45 3.14 33.35
N LEU A 224 3.56 2.38 34.45
CA LEU A 224 2.96 1.06 34.54
C LEU A 224 1.77 1.10 35.47
N VAL A 225 0.72 0.38 35.10
CA VAL A 225 -0.49 0.34 35.90
C VAL A 225 -1.01 -1.08 35.98
N SER A 226 -1.68 -1.38 37.08
CA SER A 226 -2.30 -2.68 37.28
C SER A 226 -3.75 -2.47 37.71
N ARG A 227 -4.69 -3.07 36.99
CA ARG A 227 -6.12 -2.84 37.24
C ARG A 227 -6.94 -4.07 37.05
N ASN A 228 -8.14 -4.06 37.62
CA ASN A 228 -9.15 -5.05 37.29
C ASN A 228 -10.34 -4.39 36.62
N VAL A 229 -10.64 -4.82 35.42
CA VAL A 229 -11.70 -4.20 34.63
C VAL A 229 -12.89 -5.15 34.53
N VAL A 230 -14.09 -4.59 34.51
CA VAL A 230 -15.31 -5.38 34.60
C VAL A 230 -16.09 -5.28 33.31
N PHE A 231 -16.29 -6.41 32.67
CA PHE A 231 -17.21 -6.49 31.53
C PHE A 231 -18.47 -7.26 31.89
N ALA A 232 -19.34 -7.44 30.90
CA ALA A 232 -20.56 -8.24 31.04
C ALA A 232 -20.26 -9.71 31.36
N THR A 233 -19.18 -10.25 30.79
CA THR A 233 -18.86 -11.65 31.00
C THR A 233 -17.98 -11.85 32.23
N GLY A 234 -17.62 -10.76 32.89
CA GLY A 234 -16.96 -10.84 34.19
C GLY A 234 -15.80 -9.89 34.36
N ALA A 235 -15.01 -10.09 35.42
CA ALA A 235 -13.93 -9.17 35.77
C ALA A 235 -12.59 -9.78 35.39
N TYR A 236 -11.80 -9.00 34.64
CA TYR A 236 -10.57 -9.50 34.04
C TYR A 236 -9.38 -8.68 34.57
N PRO A 237 -8.18 -9.28 34.58
CA PRO A 237 -6.99 -8.53 34.93
C PRO A 237 -6.46 -7.70 33.75
N ARG A 238 -5.97 -6.50 34.02
CA ARG A 238 -5.32 -5.70 32.99
C ARG A 238 -4.05 -5.05 33.49
N LEU A 239 -3.07 -4.97 32.60
CA LEU A 239 -1.93 -4.11 32.80
C LEU A 239 -1.86 -3.09 31.70
N SER A 240 -1.57 -1.85 32.07
CA SER A 240 -1.56 -0.76 31.13
C SER A 240 -0.18 -0.12 31.09
N LEU A 241 0.50 -0.26 29.95
CA LEU A 241 1.77 0.45 29.72
C LEU A 241 1.49 1.72 28.96
N SER A 242 2.08 2.83 29.42
CA SER A 242 1.80 4.15 28.84
C SER A 242 3.10 4.88 28.51
N PHE A 243 3.11 5.60 27.40
CA PHE A 243 4.19 6.51 27.07
C PHE A 243 3.64 7.91 26.97
N ARG A 244 4.50 8.88 27.20
CA ARG A 244 4.21 10.25 26.84
C ARG A 244 5.18 10.73 25.77
N LEU A 245 4.65 11.02 24.58
CA LEU A 245 5.48 11.41 23.47
C LEU A 245 5.45 12.92 23.31
N LYS A 246 6.58 13.58 23.52
CA LYS A 246 6.69 15.01 23.24
C LYS A 246 7.22 15.22 21.83
N ARG A 247 6.49 15.98 21.02
CA ARG A 247 6.80 16.15 19.61
C ARG A 247 7.87 17.19 19.42
N ASN A 248 8.89 16.85 18.63
CA ASN A 248 9.92 17.80 18.22
C ASN A 248 9.44 18.65 17.04
N ILE A 249 9.70 19.95 17.13
CA ILE A 249 9.07 20.93 16.24
C ILE A 249 9.97 21.22 15.02
N GLY A 250 11.19 20.70 15.03
CA GLY A 250 12.16 20.99 13.99
C GLY A 250 11.58 20.85 12.60
N TYR A 251 10.89 19.73 12.35
CA TYR A 251 10.35 19.46 11.02
C TYR A 251 9.36 20.52 10.60
N PHE A 252 8.62 21.05 11.57
CA PHE A 252 7.45 21.87 11.30
C PHE A 252 7.81 23.33 11.09
N VAL A 253 8.90 23.78 11.71
CA VAL A 253 9.42 25.09 11.42
C VAL A 253 9.89 25.17 9.97
N ILE A 254 10.67 24.16 9.59
CA ILE A 254 11.26 24.09 8.25
C ILE A 254 10.17 24.01 7.19
N GLN A 255 9.14 23.22 7.44
CA GLN A 255 8.17 22.93 6.40
C GLN A 255 6.93 23.77 6.49
N THR A 256 6.75 24.48 7.60
CA THR A 256 5.59 25.36 7.69
C THR A 256 5.88 26.78 8.22
N TYR A 257 6.41 26.87 9.43
CA TYR A 257 6.51 28.15 10.08
C TYR A 257 7.37 29.12 9.31
N LEU A 258 8.47 28.63 8.80
CA LEU A 258 9.28 29.48 7.96
C LEU A 258 8.57 29.89 6.67
N PRO A 259 7.93 28.93 5.98
CA PRO A 259 7.20 29.37 4.79
C PRO A 259 6.10 30.38 5.09
N CYS A 260 5.45 30.22 6.22
CA CYS A 260 4.41 31.15 6.61
C CYS A 260 5.01 32.52 7.00
N ILE A 261 6.02 32.52 7.85
CA ILE A 261 6.61 33.75 8.34
C ILE A 261 7.26 34.52 7.20
N MET A 262 7.87 33.79 6.26
CA MET A 262 8.55 34.40 5.14
C MET A 262 7.55 34.92 4.12
N THR A 263 6.45 34.21 3.98
CA THR A 263 5.41 34.64 3.08
C THR A 263 4.66 35.85 3.64
N VAL A 264 4.69 36.04 4.96
CA VAL A 264 4.12 37.24 5.57
C VAL A 264 5.06 38.43 5.40
N ILE A 265 6.35 38.18 5.60
CA ILE A 265 7.37 39.20 5.36
C ILE A 265 7.35 39.62 3.90
N LEU A 266 7.19 38.67 2.99
CA LEU A 266 7.12 39.00 1.58
C LEU A 266 5.98 39.95 1.28
N SER A 267 4.82 39.72 1.90
CA SER A 267 3.63 40.54 1.61
C SER A 267 3.87 42.00 1.95
N GLN A 268 4.70 42.23 2.97
CA GLN A 268 4.91 43.56 3.54
C GLN A 268 6.05 44.30 2.85
N VAL A 269 6.73 43.64 1.93
CA VAL A 269 7.70 44.32 1.08
C VAL A 269 6.98 45.26 0.13
N SER A 270 5.74 44.91 -0.24
CA SER A 270 4.99 45.68 -1.23
C SER A 270 4.74 47.10 -0.74
N PHE A 271 4.87 47.30 0.57
CA PHE A 271 4.71 48.63 1.16
C PHE A 271 5.85 49.58 0.76
N TRP A 272 6.98 49.04 0.31
CA TRP A 272 8.15 49.85 0.01
C TRP A 272 8.27 50.13 -1.49
N LEU A 273 7.22 49.81 -2.24
CA LEU A 273 7.24 49.97 -3.68
C LEU A 273 6.27 51.04 -4.09
N ASN A 274 6.64 51.79 -5.12
CA ASN A 274 5.85 52.93 -5.54
C ASN A 274 4.44 52.50 -5.84
N ARG A 275 3.47 53.25 -5.30
CA ARG A 275 2.07 52.79 -5.32
C ARG A 275 1.54 52.81 -6.71
N GLU A 276 2.28 53.48 -7.58
CA GLU A 276 1.77 53.74 -8.91
C GLU A 276 2.04 52.59 -9.85
N SER A 277 2.89 51.65 -9.45
CA SER A 277 2.96 50.37 -10.15
C SER A 277 1.90 49.47 -9.64
N VAL A 278 0.69 49.72 -10.08
CA VAL A 278 -0.45 49.01 -9.57
C VAL A 278 -0.30 47.52 -9.81
N PRO A 279 0.10 47.14 -11.04
CA PRO A 279 0.27 45.71 -11.30
C PRO A 279 1.33 45.06 -10.42
N ALA A 280 2.47 45.72 -10.23
CA ALA A 280 3.52 45.17 -9.37
C ALA A 280 2.97 44.84 -8.00
N ARG A 281 2.25 45.77 -7.41
CA ARG A 281 1.81 45.62 -6.05
C ARG A 281 0.59 44.71 -5.91
N THR A 282 -0.11 44.45 -7.01
CA THR A 282 -1.14 43.39 -7.01
C THR A 282 -0.52 42.03 -7.12
N VAL A 283 0.63 41.94 -7.78
CA VAL A 283 1.39 40.69 -7.84
C VAL A 283 1.81 40.28 -6.42
N PHE A 284 2.39 41.21 -5.69
CA PHE A 284 2.71 40.97 -4.29
C PHE A 284 1.46 40.55 -3.51
N GLY A 285 0.34 41.21 -3.77
CA GLY A 285 -0.90 40.93 -3.03
C GLY A 285 -1.45 39.53 -3.33
N VAL A 286 -1.68 39.26 -4.60
CA VAL A 286 -2.35 38.06 -5.01
C VAL A 286 -1.47 36.85 -4.72
N THR A 287 -0.19 36.91 -5.08
CA THR A 287 0.66 35.73 -4.95
C THR A 287 0.83 35.34 -3.47
N THR A 288 1.02 36.32 -2.61
CA THR A 288 1.14 36.05 -1.18
C THR A 288 -0.14 35.49 -0.56
N VAL A 289 -1.29 35.92 -1.06
CA VAL A 289 -2.55 35.42 -0.54
C VAL A 289 -2.78 33.98 -0.99
N LEU A 290 -2.42 33.66 -2.23
CA LEU A 290 -2.60 32.32 -2.71
C LEU A 290 -1.60 31.39 -2.09
N THR A 291 -0.35 31.82 -1.95
CA THR A 291 0.63 30.97 -1.28
C THR A 291 0.33 30.79 0.20
N MET A 292 -0.60 31.57 0.72
CA MET A 292 -0.99 31.36 2.09
C MET A 292 -2.07 30.31 2.18
N THR A 293 -3.01 30.33 1.25
CA THR A 293 -4.09 29.34 1.26
C THR A 293 -3.50 27.96 1.02
N THR A 294 -2.51 27.87 0.13
CA THR A 294 -1.95 26.58 -0.22
C THR A 294 -1.10 26.03 0.88
N LEU A 295 -0.56 26.89 1.72
CA LEU A 295 0.08 26.43 2.93
C LEU A 295 -0.94 25.86 3.91
N SER A 296 -2.05 26.56 4.10
CA SER A 296 -3.05 26.13 5.07
C SER A 296 -3.73 24.84 4.64
N ILE A 297 -3.83 24.63 3.34
CA ILE A 297 -4.44 23.40 2.84
C ILE A 297 -3.48 22.23 2.91
N SER A 298 -2.26 22.43 2.44
CA SER A 298 -1.28 21.37 2.42
C SER A 298 -0.86 20.96 3.83
N ALA A 299 -0.90 21.90 4.76
CA ALA A 299 -0.57 21.60 6.15
C ALA A 299 -1.67 20.80 6.81
N ARG A 300 -2.90 21.02 6.36
CA ARG A 300 -4.05 20.29 6.87
C ARG A 300 -4.09 18.85 6.34
N ASN A 301 -3.33 18.57 5.29
CA ASN A 301 -3.46 17.33 4.53
C ASN A 301 -2.64 16.20 5.16
N SER A 302 -1.69 16.56 6.01
CA SER A 302 -0.87 15.55 6.66
C SER A 302 -1.52 15.02 7.96
N LEU A 303 -2.71 15.51 8.28
CA LEU A 303 -3.38 15.19 9.55
C LEU A 303 -4.65 14.39 9.31
N PRO A 304 -5.27 13.87 10.39
CA PRO A 304 -6.59 13.30 10.25
C PRO A 304 -7.64 14.38 10.13
N LYS A 305 -8.84 13.99 9.70
CA LYS A 305 -9.84 14.93 9.30
C LYS A 305 -10.60 15.47 10.52
N VAL A 306 -9.86 15.81 11.57
CA VAL A 306 -10.46 16.30 12.81
C VAL A 306 -11.21 17.59 12.59
N ALA A 307 -12.21 17.86 13.43
CA ALA A 307 -13.11 18.97 13.20
C ALA A 307 -12.69 20.24 13.98
N TYR A 308 -11.65 20.13 14.80
CA TYR A 308 -11.12 21.30 15.51
C TYR A 308 -9.91 21.94 14.80
N ALA A 309 -9.44 23.07 15.33
CA ALA A 309 -8.30 23.76 14.76
C ALA A 309 -7.08 23.53 15.62
N THR A 310 -5.97 23.21 14.98
CA THR A 310 -4.71 23.04 15.68
C THR A 310 -4.02 24.38 15.93
N ALA A 311 -3.06 24.37 16.84
CA ALA A 311 -2.28 25.57 17.12
C ALA A 311 -1.58 26.11 15.87
N MET A 312 -1.21 25.20 14.97
CA MET A 312 -0.66 25.58 13.68
C MET A 312 -1.72 26.21 12.79
N ASP A 313 -2.94 25.71 12.89
CA ASP A 313 -4.03 26.21 12.06
C ASP A 313 -4.35 27.68 12.40
N TRP A 314 -4.29 28.02 13.69
CA TRP A 314 -4.41 29.42 14.09
C TRP A 314 -3.29 30.25 13.53
N PHE A 315 -2.06 29.81 13.74
CA PHE A 315 -0.91 30.53 13.27
C PHE A 315 -1.06 30.84 11.79
N ILE A 316 -1.44 29.83 11.02
CA ILE A 316 -1.62 29.99 9.59
C ILE A 316 -2.79 30.91 9.29
N ALA A 317 -3.86 30.80 10.06
CA ALA A 317 -5.02 31.64 9.87
C ALA A 317 -4.66 33.11 10.10
N VAL A 318 -3.96 33.37 11.19
CA VAL A 318 -3.49 34.70 11.47
C VAL A 318 -2.55 35.22 10.38
N CYS A 319 -1.63 34.37 9.95
CA CYS A 319 -0.76 34.74 8.81
C CYS A 319 -1.58 35.10 7.58
N TYR A 320 -2.66 34.37 7.34
CA TYR A 320 -3.56 34.74 6.25
C TYR A 320 -4.15 36.12 6.45
N ALA A 321 -4.49 36.47 7.68
CA ALA A 321 -5.00 37.80 7.95
C ALA A 321 -3.97 38.85 7.56
N PHE A 322 -2.71 38.60 7.90
CA PHE A 322 -1.67 39.61 7.71
C PHE A 322 -1.37 39.84 6.23
N VAL A 323 -1.55 38.81 5.40
CA VAL A 323 -1.35 38.95 3.95
C VAL A 323 -2.60 39.48 3.25
N PHE A 324 -3.78 39.07 3.69
CA PHE A 324 -5.00 39.57 3.09
C PHE A 324 -5.20 41.02 3.45
N SER A 325 -4.79 41.38 4.65
CA SER A 325 -4.88 42.75 5.04
C SER A 325 -3.87 43.58 4.28
N ALA A 326 -2.68 43.05 4.07
CA ALA A 326 -1.67 43.75 3.27
C ALA A 326 -2.19 44.05 1.86
N LEU A 327 -3.08 43.22 1.35
CA LEU A 327 -3.65 43.45 0.02
C LEU A 327 -4.70 44.53 0.09
N ILE A 328 -5.64 44.37 1.00
CA ILE A 328 -6.69 45.34 1.17
C ILE A 328 -6.10 46.74 1.45
N GLU A 329 -4.99 46.77 2.18
CA GLU A 329 -4.24 48.00 2.39
C GLU A 329 -3.90 48.67 1.08
N PHE A 330 -3.30 47.91 0.16
CA PHE A 330 -2.91 48.46 -1.12
C PHE A 330 -4.12 48.85 -1.92
N ALA A 331 -5.16 48.03 -1.87
CA ALA A 331 -6.38 48.36 -2.59
C ALA A 331 -6.92 49.69 -2.14
N THR A 332 -6.82 49.97 -0.85
CA THR A 332 -7.20 51.27 -0.31
C THR A 332 -6.29 52.39 -0.80
N VAL A 333 -4.99 52.14 -0.70
CA VAL A 333 -4.01 53.08 -1.23
C VAL A 333 -4.29 53.43 -2.70
N ASN A 334 -4.65 52.43 -3.49
CA ASN A 334 -4.95 52.65 -4.88
C ASN A 334 -6.24 53.41 -5.04
N TYR A 335 -7.13 53.31 -4.07
CA TYR A 335 -8.40 54.03 -4.15
C TYR A 335 -8.24 55.54 -3.89
N PHE A 336 -7.17 55.92 -3.19
CA PHE A 336 -6.92 57.33 -2.90
C PHE A 336 -5.77 57.90 -3.74
N THR A 337 -5.22 57.07 -4.61
CA THR A 337 -3.92 57.35 -5.16
C THR A 337 -3.94 58.55 -6.13
N LYS A 338 -5.14 58.95 -6.56
CA LYS A 338 -5.30 60.20 -7.33
C LYS A 338 -6.19 61.22 -6.61
N SER A 339 -7.22 60.72 -5.94
CA SER A 339 -8.09 61.55 -5.12
C SER A 339 -7.29 62.37 -4.13
N GLN A 340 -6.55 61.67 -3.26
CA GLN A 340 -5.85 62.31 -2.16
C GLN A 340 -4.49 61.68 -1.98
N PRO A 341 -3.60 61.93 -2.91
CA PRO A 341 -2.32 61.27 -2.98
C PRO A 341 -1.52 61.39 -1.70
N ALA A 342 -1.73 62.47 -0.95
CA ALA A 342 -1.05 62.64 0.32
C ALA A 342 -1.43 61.53 1.29
N ARG A 343 -2.72 61.20 1.32
CA ARG A 343 -3.30 60.22 2.25
C ARG A 343 -2.83 58.81 1.93
N ALA A 344 -2.91 58.50 0.64
CA ALA A 344 -2.48 57.21 0.16
C ALA A 344 -1.05 56.93 0.57
N ALA A 345 -0.17 57.92 0.44
CA ALA A 345 1.23 57.73 0.79
C ALA A 345 1.40 57.61 2.29
N LYS A 346 0.46 58.16 3.07
CA LYS A 346 0.55 58.07 4.53
C LYS A 346 0.10 56.73 5.00
N ILE A 347 -0.89 56.17 4.32
CA ILE A 347 -1.31 54.80 4.61
C ILE A 347 -0.15 53.83 4.48
N ASP A 348 0.59 53.93 3.38
CA ASP A 348 1.78 53.12 3.22
C ASP A 348 2.80 53.37 4.33
N LYS A 349 3.09 54.63 4.59
CA LYS A 349 4.11 54.95 5.56
C LYS A 349 3.75 54.46 6.96
N MET A 350 2.45 54.45 7.28
CA MET A 350 1.99 53.82 8.55
C MET A 350 2.13 52.30 8.48
N SER A 351 1.62 51.72 7.40
CA SER A 351 1.64 50.27 7.22
C SER A 351 3.05 49.71 7.29
N ARG A 352 4.00 50.47 6.82
CA ARG A 352 5.37 50.00 6.76
C ARG A 352 5.93 49.73 8.13
N ILE A 353 5.28 50.29 9.14
CA ILE A 353 5.75 50.15 10.51
C ILE A 353 4.76 49.41 11.39
N VAL A 354 3.47 49.64 11.17
CA VAL A 354 2.42 48.95 11.94
C VAL A 354 2.43 47.44 11.68
N PHE A 355 2.55 47.05 10.42
CA PHE A 355 2.35 45.66 10.03
C PHE A 355 3.43 44.77 10.61
N PRO A 356 4.71 45.14 10.43
CA PRO A 356 5.75 44.31 10.99
C PRO A 356 5.73 44.28 12.53
N ILE A 357 5.41 45.39 13.18
CA ILE A 357 5.36 45.42 14.62
C ILE A 357 4.25 44.50 15.15
N LEU A 358 3.07 44.57 14.54
CA LEU A 358 1.96 43.71 14.92
C LEU A 358 2.28 42.23 14.70
N PHE A 359 2.86 41.91 13.56
CA PHE A 359 3.26 40.53 13.27
C PHE A 359 4.33 40.05 14.24
N GLY A 360 5.27 40.95 14.56
CA GLY A 360 6.35 40.63 15.50
C GLY A 360 5.83 40.35 16.90
N THR A 361 4.96 41.23 17.40
CA THR A 361 4.38 41.05 18.73
C THR A 361 3.39 39.88 18.77
N PHE A 362 2.66 39.65 17.68
CA PHE A 362 1.84 38.44 17.59
C PHE A 362 2.66 37.17 17.79
N ASN A 363 3.82 37.09 17.15
CA ASN A 363 4.68 35.93 17.27
C ASN A 363 5.10 35.73 18.72
N LEU A 364 5.47 36.83 19.37
CA LEU A 364 5.93 36.74 20.74
C LEU A 364 4.85 36.27 21.69
N VAL A 365 3.60 36.68 21.46
CA VAL A 365 2.50 36.17 22.25
C VAL A 365 2.15 34.71 21.89
N TYR A 366 2.10 34.39 20.59
CA TYR A 366 1.77 33.02 20.19
C TYR A 366 2.78 32.02 20.72
N TRP A 367 4.07 32.30 20.53
CA TRP A 367 5.12 31.35 20.92
C TRP A 367 5.18 31.19 22.45
N ALA A 368 5.08 32.30 23.18
CA ALA A 368 5.02 32.25 24.64
C ALA A 368 3.82 31.40 25.11
N THR A 369 2.66 31.61 24.50
CA THR A 369 1.43 30.87 24.86
C THR A 369 1.57 29.37 24.64
N TYR A 370 2.33 28.96 23.61
CA TYR A 370 2.39 27.55 23.25
C TYR A 370 3.74 26.94 23.54
N LEU A 371 4.53 27.59 24.41
CA LEU A 371 5.75 26.96 24.96
C LEU A 371 5.81 27.10 26.48
N ASN B 39 -7.99 -31.46 42.24
CA ASN B 39 -9.14 -31.95 41.44
C ASN B 39 -8.79 -32.28 39.98
N MET B 40 -7.53 -32.06 39.58
CA MET B 40 -7.19 -31.81 38.16
C MET B 40 -7.42 -33.06 37.31
N SER B 41 -7.09 -34.23 37.87
CA SER B 41 -7.25 -35.49 37.16
C SER B 41 -8.74 -35.80 36.91
N PHE B 42 -9.58 -35.59 37.93
CA PHE B 42 -11.04 -35.79 37.80
C PHE B 42 -11.62 -35.02 36.62
N VAL B 43 -11.10 -33.82 36.38
CA VAL B 43 -11.71 -32.93 35.41
C VAL B 43 -11.30 -33.30 33.98
N LYS B 44 -10.03 -33.70 33.81
CA LYS B 44 -9.53 -34.13 32.51
C LYS B 44 -10.39 -35.27 31.96
N GLU B 45 -10.80 -36.19 32.84
CA GLU B 45 -11.65 -37.31 32.43
C GLU B 45 -13.03 -36.83 32.00
N THR B 46 -13.64 -35.93 32.78
CA THR B 46 -14.99 -35.44 32.47
C THR B 46 -15.00 -34.70 31.14
N VAL B 47 -13.91 -33.98 30.86
CA VAL B 47 -13.75 -33.33 29.57
C VAL B 47 -13.49 -34.37 28.46
N ASP B 48 -12.61 -35.32 28.73
CA ASP B 48 -12.28 -36.37 27.75
C ASP B 48 -13.51 -37.15 27.34
N LYS B 49 -14.41 -37.42 28.29
CA LYS B 49 -15.66 -38.14 27.99
C LYS B 49 -16.62 -37.29 27.17
N LEU B 50 -16.64 -35.99 27.43
CA LEU B 50 -17.42 -35.07 26.62
C LEU B 50 -17.04 -35.19 25.15
N LEU B 51 -15.74 -35.31 24.90
CA LEU B 51 -15.21 -35.29 23.55
C LEU B 51 -14.98 -36.70 22.99
N LYS B 52 -15.16 -37.72 23.82
CA LYS B 52 -15.20 -39.09 23.31
C LYS B 52 -16.43 -39.32 22.44
N GLY B 53 -16.20 -39.56 21.15
CA GLY B 53 -17.28 -39.90 20.23
C GLY B 53 -18.02 -38.68 19.71
N TYR B 54 -17.50 -37.49 20.03
CA TYR B 54 -18.13 -36.24 19.62
C TYR B 54 -17.86 -36.00 18.15
N ASP B 55 -18.92 -35.91 17.37
CA ASP B 55 -18.79 -35.64 15.94
C ASP B 55 -19.02 -34.15 15.66
N ILE B 56 -17.95 -33.45 15.28
CA ILE B 56 -18.04 -32.02 15.02
C ILE B 56 -18.86 -31.73 13.76
N ARG B 57 -19.15 -32.77 12.98
CA ARG B 57 -19.87 -32.62 11.72
C ARG B 57 -21.36 -32.41 11.96
N LEU B 58 -21.82 -32.80 13.14
CA LEU B 58 -23.22 -32.72 13.47
C LEU B 58 -23.47 -31.57 14.43
N ARG B 59 -24.43 -30.72 14.09
CA ARG B 59 -24.92 -29.71 15.01
C ARG B 59 -25.63 -30.33 16.20
N PRO B 60 -25.90 -29.53 17.23
CA PRO B 60 -26.78 -29.98 18.29
C PRO B 60 -28.17 -30.28 17.78
N ASP B 61 -28.77 -31.37 18.25
CA ASP B 61 -30.07 -31.80 17.79
C ASP B 61 -30.07 -32.01 16.27
N PHE B 62 -29.20 -32.89 15.77
CA PHE B 62 -28.87 -32.86 14.34
C PHE B 62 -30.10 -32.99 13.45
N GLY B 63 -30.93 -33.98 13.73
CA GLY B 63 -32.15 -34.18 12.96
C GLY B 63 -33.30 -33.37 13.52
N GLY B 64 -33.10 -32.79 14.70
CA GLY B 64 -34.21 -32.26 15.47
C GLY B 64 -34.41 -30.79 15.22
N PRO B 65 -34.89 -30.06 16.24
CA PRO B 65 -35.23 -28.65 16.04
C PRO B 65 -34.00 -27.81 15.79
N PRO B 66 -34.19 -26.59 15.28
CA PRO B 66 -33.04 -25.75 15.00
C PRO B 66 -32.36 -25.30 16.29
N VAL B 67 -31.11 -24.86 16.16
CA VAL B 67 -30.33 -24.40 17.31
C VAL B 67 -30.52 -22.91 17.47
N CYS B 68 -31.09 -22.51 18.60
CA CYS B 68 -31.14 -21.09 18.96
C CYS B 68 -29.74 -20.61 19.35
N VAL B 69 -29.20 -19.71 18.53
CA VAL B 69 -27.90 -19.11 18.78
C VAL B 69 -28.05 -17.65 19.18
N GLY B 70 -27.49 -17.31 20.33
CA GLY B 70 -27.63 -15.96 20.90
C GLY B 70 -26.41 -15.12 20.61
N MET B 71 -26.65 -13.94 20.03
CA MET B 71 -25.58 -13.04 19.63
C MET B 71 -25.44 -11.92 20.63
N ASN B 72 -24.20 -11.50 20.81
CA ASN B 72 -23.88 -10.50 21.79
C ASN B 72 -22.61 -9.80 21.34
N ILE B 73 -22.71 -8.49 21.03
CA ILE B 73 -21.58 -7.75 20.47
C ILE B 73 -21.16 -6.60 21.38
N ASP B 74 -19.85 -6.50 21.59
CA ASP B 74 -19.29 -5.38 22.32
C ASP B 74 -18.31 -4.67 21.42
N ILE B 75 -18.72 -3.49 20.93
CA ILE B 75 -17.93 -2.77 19.95
C ILE B 75 -16.74 -2.13 20.63
N ALA B 76 -15.57 -2.32 20.03
CA ALA B 76 -14.36 -1.75 20.58
C ALA B 76 -14.10 -0.41 19.92
N SER B 77 -14.31 -0.35 18.61
CA SER B 77 -13.92 0.82 17.83
C SER B 77 -14.36 0.68 16.38
N ILE B 78 -14.65 1.83 15.77
CA ILE B 78 -14.60 1.95 14.32
C ILE B 78 -13.35 2.71 13.90
N ASP B 79 -12.46 2.04 13.17
CA ASP B 79 -11.09 2.52 13.02
C ASP B 79 -10.95 3.46 11.82
N MET B 80 -11.93 3.43 10.91
CA MET B 80 -11.78 4.04 9.58
C MET B 80 -13.10 4.03 8.83
N VAL B 81 -13.34 5.07 8.05
CA VAL B 81 -14.50 5.13 7.19
C VAL B 81 -14.11 5.68 5.85
N SER B 82 -14.24 4.88 4.80
CA SER B 82 -13.72 5.26 3.49
C SER B 82 -14.88 5.60 2.55
N GLU B 83 -14.93 6.86 2.11
CA GLU B 83 -15.91 7.28 1.12
C GLU B 83 -15.48 6.81 -0.23
N VAL B 84 -14.17 6.64 -0.39
CA VAL B 84 -13.58 6.29 -1.67
C VAL B 84 -13.87 4.84 -2.02
N ASN B 85 -13.74 3.96 -1.03
CA ASN B 85 -14.00 2.54 -1.21
C ASN B 85 -15.37 2.17 -0.70
N MET B 86 -16.07 3.13 -0.11
CA MET B 86 -17.39 2.88 0.46
C MET B 86 -17.39 1.63 1.34
N ASP B 87 -16.49 1.66 2.32
CA ASP B 87 -16.46 0.69 3.39
C ASP B 87 -16.11 1.36 4.70
N TYR B 88 -16.18 0.60 5.78
CA TYR B 88 -15.69 1.04 7.07
C TYR B 88 -15.06 -0.13 7.78
N THR B 89 -14.13 0.16 8.65
CA THR B 89 -13.44 -0.87 9.36
C THR B 89 -13.84 -0.87 10.85
N LEU B 90 -14.27 -2.04 11.32
CA LEU B 90 -14.92 -2.18 12.63
C LEU B 90 -14.16 -3.23 13.46
N THR B 91 -14.06 -2.98 14.76
CA THR B 91 -13.47 -3.95 15.69
C THR B 91 -14.44 -4.23 16.82
N MET B 92 -14.68 -5.53 17.08
CA MET B 92 -15.69 -5.92 18.04
C MET B 92 -15.29 -7.17 18.79
N TYR B 93 -15.91 -7.37 19.94
CA TYR B 93 -16.00 -8.66 20.56
C TYR B 93 -17.31 -9.33 20.19
N PHE B 94 -17.23 -10.46 19.50
CA PHE B 94 -18.40 -11.16 19.00
C PHE B 94 -18.63 -12.44 19.81
N GLN B 95 -19.61 -12.40 20.70
CA GLN B 95 -19.92 -13.55 21.58
C GLN B 95 -21.15 -14.32 21.10
N GLN B 96 -21.06 -15.65 21.15
CA GLN B 96 -22.18 -16.50 20.78
C GLN B 96 -22.49 -17.49 21.90
N TYR B 97 -23.78 -17.61 22.23
CA TYR B 97 -24.24 -18.60 23.20
C TYR B 97 -25.16 -19.58 22.52
N TRP B 98 -24.85 -20.86 22.65
CA TRP B 98 -25.78 -21.91 22.28
C TRP B 98 -25.66 -23.10 23.24
N ARG B 99 -26.53 -24.09 23.06
CA ARG B 99 -26.64 -25.20 23.98
C ARG B 99 -26.41 -26.53 23.25
N ASP B 100 -25.32 -27.19 23.60
CA ASP B 100 -25.01 -28.52 23.07
C ASP B 100 -25.09 -29.51 24.21
N LYS B 101 -26.14 -30.33 24.21
CA LYS B 101 -26.43 -31.22 25.33
C LYS B 101 -25.31 -32.23 25.51
N ARG B 102 -24.57 -32.47 24.43
CA ARG B 102 -23.40 -33.35 24.46
C ARG B 102 -22.31 -32.86 25.40
N LEU B 103 -22.40 -31.60 25.83
CA LEU B 103 -21.34 -31.00 26.64
C LEU B 103 -21.81 -30.69 28.06
N ALA B 104 -22.79 -31.44 28.54
CA ALA B 104 -23.28 -31.28 29.89
C ALA B 104 -22.38 -32.04 30.88
N TYR B 105 -22.18 -31.47 32.06
CA TYR B 105 -21.50 -32.17 33.16
C TYR B 105 -22.19 -31.89 34.51
N SER B 106 -22.53 -32.92 35.25
CA SER B 106 -23.24 -32.73 36.51
C SER B 106 -22.26 -32.52 37.68
N GLY B 107 -21.16 -33.27 37.67
CA GLY B 107 -20.30 -33.42 38.85
C GLY B 107 -19.70 -32.10 39.34
N ILE B 108 -19.25 -31.29 38.40
CA ILE B 108 -18.41 -30.13 38.71
C ILE B 108 -19.30 -28.90 39.02
N PRO B 109 -18.87 -28.07 40.00
CA PRO B 109 -19.71 -27.02 40.54
C PRO B 109 -19.42 -25.65 40.00
N LEU B 110 -18.76 -25.56 38.84
CA LEU B 110 -18.39 -24.28 38.25
C LEU B 110 -18.49 -24.30 36.72
N ASN B 111 -18.44 -23.11 36.12
CA ASN B 111 -18.34 -22.97 34.67
C ASN B 111 -16.92 -23.13 34.22
N LEU B 112 -16.72 -23.95 33.19
CA LEU B 112 -15.38 -24.41 32.82
C LEU B 112 -14.83 -23.59 31.68
N THR B 113 -13.82 -22.78 31.99
CA THR B 113 -13.09 -22.08 30.98
C THR B 113 -11.89 -22.93 30.54
N LEU B 114 -11.94 -23.39 29.31
CA LEU B 114 -10.91 -24.25 28.75
C LEU B 114 -10.07 -23.45 27.79
N ASP B 115 -8.90 -23.97 27.45
CA ASP B 115 -8.02 -23.32 26.47
C ASP B 115 -8.74 -23.11 25.14
N ASN B 116 -8.44 -22.01 24.46
CA ASN B 116 -9.14 -21.64 23.23
C ASN B 116 -9.09 -22.77 22.20
N ARG B 117 -8.06 -23.63 22.29
CA ARG B 117 -7.79 -24.65 21.28
C ARG B 117 -8.86 -25.77 21.25
N VAL B 118 -9.73 -25.78 22.25
CA VAL B 118 -10.80 -26.76 22.29
C VAL B 118 -11.83 -26.49 21.18
N ALA B 119 -11.94 -25.25 20.76
CA ALA B 119 -12.91 -24.90 19.75
C ALA B 119 -12.71 -25.75 18.50
N ASP B 120 -11.45 -26.10 18.21
CA ASP B 120 -11.13 -26.89 17.01
C ASP B 120 -11.76 -28.28 17.06
N GLN B 121 -12.09 -28.72 18.26
CA GLN B 121 -12.65 -30.05 18.47
C GLN B 121 -14.04 -29.92 19.07
N LEU B 122 -14.67 -28.77 18.82
CA LEU B 122 -16.08 -28.58 19.10
C LEU B 122 -16.81 -28.23 17.82
N TRP B 123 -18.13 -28.36 17.84
CA TRP B 123 -18.96 -27.75 16.82
C TRP B 123 -19.26 -26.33 17.19
N VAL B 124 -19.07 -25.43 16.23
CA VAL B 124 -19.41 -24.02 16.38
C VAL B 124 -20.29 -23.57 15.20
N PRO B 125 -21.16 -22.59 15.45
CA PRO B 125 -22.04 -22.14 14.36
C PRO B 125 -21.27 -21.47 13.21
N ASP B 126 -21.75 -21.65 11.98
CA ASP B 126 -21.07 -21.14 10.79
C ASP B 126 -21.47 -19.69 10.50
N THR B 127 -21.37 -18.85 11.52
CA THR B 127 -21.74 -17.46 11.42
C THR B 127 -20.67 -16.68 10.65
N TYR B 128 -21.11 -15.95 9.64
CA TYR B 128 -20.24 -15.01 8.89
C TYR B 128 -20.92 -13.66 8.70
N PHE B 129 -20.19 -12.70 8.15
CA PHE B 129 -20.74 -11.37 7.93
C PHE B 129 -20.96 -11.13 6.45
N LEU B 130 -22.23 -11.02 6.06
CA LEU B 130 -22.60 -11.11 4.67
C LEU B 130 -21.90 -10.06 3.82
N ASN B 131 -21.68 -8.88 4.41
CA ASN B 131 -21.29 -7.70 3.65
C ASN B 131 -19.84 -7.29 3.92
N ASP B 132 -19.02 -8.25 4.38
CA ASP B 132 -17.63 -7.94 4.71
C ASP B 132 -16.74 -8.12 3.49
N LYS B 133 -15.76 -7.25 3.36
CA LYS B 133 -14.79 -7.34 2.28
C LYS B 133 -13.57 -8.15 2.72
N LYS B 134 -13.13 -7.89 3.94
CA LYS B 134 -12.04 -8.65 4.55
C LYS B 134 -12.19 -8.55 6.03
N SER B 135 -12.27 -9.68 6.71
CA SER B 135 -12.30 -9.72 8.17
C SER B 135 -11.24 -10.68 8.66
N PHE B 136 -10.76 -10.45 9.87
CA PHE B 136 -9.84 -11.36 10.48
C PHE B 136 -10.00 -11.40 11.98
N VAL B 137 -9.55 -12.50 12.57
CA VAL B 137 -9.67 -12.72 14.00
C VAL B 137 -8.30 -12.58 14.62
N HIS B 138 -8.18 -11.72 15.62
CA HIS B 138 -6.88 -11.35 16.15
C HIS B 138 -6.14 -12.59 16.71
N GLY B 139 -4.81 -12.57 16.60
CA GLY B 139 -4.01 -13.78 16.77
C GLY B 139 -3.02 -13.72 17.92
N VAL B 140 -2.76 -12.53 18.42
CA VAL B 140 -1.70 -12.34 19.38
C VAL B 140 -2.30 -12.06 20.75
N THR B 141 -1.78 -12.71 21.80
CA THR B 141 -0.64 -13.64 21.68
C THR B 141 -1.11 -15.05 21.32
N VAL B 142 -2.33 -15.38 21.69
CA VAL B 142 -3.00 -16.56 21.19
C VAL B 142 -4.22 -16.17 20.39
N LYS B 143 -4.70 -17.07 19.54
CA LYS B 143 -5.91 -16.80 18.79
C LYS B 143 -6.98 -16.22 19.74
N ASN B 144 -7.40 -14.98 19.51
CA ASN B 144 -8.31 -14.32 20.44
C ASN B 144 -9.69 -14.94 20.36
N ARG B 145 -9.84 -16.08 21.00
CA ARG B 145 -11.15 -16.71 21.13
C ARG B 145 -11.31 -17.37 22.51
N MET B 146 -12.53 -17.32 23.02
CA MET B 146 -12.85 -17.83 24.33
C MET B 146 -13.86 -18.98 24.21
N ILE B 147 -13.67 -20.02 25.01
CA ILE B 147 -14.71 -21.02 25.25
C ILE B 147 -14.96 -21.17 26.74
N ARG B 148 -16.19 -20.87 27.15
CA ARG B 148 -16.64 -21.18 28.49
C ARG B 148 -17.83 -22.15 28.45
N LEU B 149 -17.67 -23.29 29.10
CA LEU B 149 -18.73 -24.27 29.22
C LEU B 149 -19.49 -24.08 30.51
N HIS B 150 -20.74 -24.51 30.49
CA HIS B 150 -21.55 -24.55 31.68
C HIS B 150 -22.06 -25.95 31.90
N PRO B 151 -22.27 -26.33 33.18
CA PRO B 151 -22.80 -27.66 33.45
C PRO B 151 -24.13 -27.91 32.73
N ASP B 152 -24.90 -26.85 32.56
CA ASP B 152 -26.04 -26.83 31.64
C ASP B 152 -25.76 -27.58 30.32
N GLY B 153 -24.55 -27.44 29.80
CA GLY B 153 -24.29 -27.72 28.38
C GLY B 153 -24.23 -26.44 27.52
N THR B 154 -24.43 -25.29 28.12
CA THR B 154 -24.43 -24.03 27.38
C THR B 154 -23.01 -23.58 27.12
N VAL B 155 -22.75 -23.15 25.89
CA VAL B 155 -21.42 -22.75 25.46
C VAL B 155 -21.36 -21.25 25.23
N LEU B 156 -20.27 -20.64 25.67
CA LEU B 156 -20.01 -19.24 25.40
C LEU B 156 -18.75 -19.09 24.53
N TYR B 157 -18.92 -18.65 23.27
CA TYR B 157 -17.83 -18.68 22.29
C TYR B 157 -17.55 -17.27 21.83
N GLY B 158 -16.54 -16.66 22.43
CA GLY B 158 -16.19 -15.25 22.12
C GLY B 158 -15.08 -15.12 21.07
N LEU B 159 -15.23 -14.14 20.18
CA LEU B 159 -14.18 -13.81 19.22
C LEU B 159 -13.92 -12.33 19.18
N ARG B 160 -12.65 -11.95 19.02
CA ARG B 160 -12.32 -10.57 18.68
C ARG B 160 -12.06 -10.41 17.21
N ILE B 161 -12.90 -9.63 16.54
CA ILE B 161 -12.88 -9.56 15.09
C ILE B 161 -12.78 -8.12 14.65
N THR B 162 -11.95 -7.88 13.63
CA THR B 162 -12.00 -6.62 12.87
C THR B 162 -12.45 -6.89 11.45
N THR B 163 -13.55 -6.27 11.08
CA THR B 163 -14.09 -6.39 9.75
C THR B 163 -13.98 -5.06 9.05
N THR B 164 -13.69 -5.09 7.74
CA THR B 164 -14.03 -3.96 6.88
C THR B 164 -15.17 -4.34 5.98
N ALA B 165 -16.33 -3.72 6.20
CA ALA B 165 -17.58 -4.09 5.55
C ALA B 165 -18.05 -3.01 4.61
N ALA B 166 -18.77 -3.41 3.56
CA ALA B 166 -19.26 -2.44 2.58
C ALA B 166 -20.33 -1.52 3.20
N CYS B 167 -20.24 -0.24 2.90
CA CYS B 167 -21.23 0.72 3.34
C CYS B 167 -21.50 1.69 2.22
N MET B 168 -22.42 1.32 1.35
CA MET B 168 -22.78 2.17 0.22
C MET B 168 -23.24 3.52 0.72
N MET B 169 -22.74 4.59 0.09
CA MET B 169 -22.88 5.93 0.64
C MET B 169 -23.59 6.85 -0.32
N ASP B 170 -24.49 7.64 0.22
CA ASP B 170 -25.21 8.62 -0.57
C ASP B 170 -24.56 9.98 -0.37
N LEU B 171 -23.59 10.30 -1.23
CA LEU B 171 -22.76 11.48 -1.04
C LEU B 171 -23.38 12.71 -1.68
N ARG B 172 -24.69 12.69 -1.91
CA ARG B 172 -25.35 13.79 -2.58
C ARG B 172 -25.34 15.05 -1.73
N ARG B 173 -25.53 14.90 -0.43
CA ARG B 173 -25.47 16.06 0.48
C ARG B 173 -24.12 16.19 1.19
N TYR B 174 -23.10 15.55 0.65
CA TYR B 174 -21.73 15.66 1.17
C TYR B 174 -21.27 17.11 1.05
N PRO B 175 -20.58 17.65 2.08
CA PRO B 175 -20.12 16.94 3.27
C PRO B 175 -21.04 17.22 4.44
N LEU B 176 -22.24 17.66 4.12
CA LEU B 176 -23.29 17.87 5.10
C LEU B 176 -24.24 16.66 5.17
N ASP B 177 -23.65 15.47 5.11
CA ASP B 177 -24.39 14.23 4.95
C ASP B 177 -24.39 13.45 6.24
N GLU B 178 -25.17 12.37 6.24
CA GLU B 178 -24.97 11.25 7.16
C GLU B 178 -25.19 9.94 6.43
N GLN B 179 -24.58 8.88 6.95
CA GLN B 179 -24.61 7.58 6.30
C GLN B 179 -25.13 6.50 7.26
N ASN B 180 -25.65 5.42 6.67
CA ASN B 180 -26.14 4.25 7.42
C ASN B 180 -25.29 3.04 7.07
N CYS B 181 -24.31 2.75 7.94
CA CYS B 181 -23.42 1.60 7.75
C CYS B 181 -23.91 0.39 8.54
N THR B 182 -23.88 -0.80 7.93
CA THR B 182 -24.44 -1.98 8.56
C THR B 182 -23.47 -3.13 8.65
N LEU B 183 -23.81 -4.08 9.52
CA LEU B 183 -23.09 -5.34 9.62
C LEU B 183 -24.11 -6.45 9.59
N GLU B 184 -24.20 -7.11 8.44
CA GLU B 184 -25.18 -8.16 8.24
C GLU B 184 -24.62 -9.50 8.71
N ILE B 185 -25.26 -10.10 9.70
CA ILE B 185 -24.76 -11.33 10.29
C ILE B 185 -25.66 -12.48 9.89
N GLU B 186 -25.07 -13.53 9.33
CA GLU B 186 -25.84 -14.67 8.82
C GLU B 186 -25.05 -15.97 8.97
N SER B 187 -25.75 -17.10 8.90
CA SER B 187 -25.08 -18.40 8.83
C SER B 187 -24.89 -18.80 7.38
N TYR B 188 -23.76 -19.42 7.09
CA TYR B 188 -23.38 -19.66 5.71
C TYR B 188 -24.15 -20.85 5.12
N GLY B 189 -24.21 -21.95 5.88
CA GLY B 189 -24.72 -23.22 5.34
C GLY B 189 -26.06 -23.67 5.92
N TYR B 190 -26.30 -23.34 7.19
CA TYR B 190 -27.42 -23.91 7.94
C TYR B 190 -28.65 -23.04 7.76
N THR B 191 -29.77 -23.66 7.35
CA THR B 191 -31.00 -22.90 7.13
C THR B 191 -31.78 -22.70 8.42
N THR B 192 -32.94 -22.07 8.33
CA THR B 192 -33.80 -21.85 9.49
C THR B 192 -34.30 -23.18 10.08
N ASP B 193 -34.24 -24.24 9.28
CA ASP B 193 -34.56 -25.58 9.76
C ASP B 193 -33.53 -26.09 10.75
N ASP B 194 -32.34 -25.51 10.74
CA ASP B 194 -31.24 -26.02 11.54
C ASP B 194 -30.70 -24.96 12.53
N ILE B 195 -30.83 -23.68 12.19
CA ILE B 195 -30.29 -22.60 13.02
C ILE B 195 -31.27 -21.43 13.16
N GLU B 196 -31.30 -20.86 14.36
CA GLU B 196 -32.02 -19.61 14.64
C GLU B 196 -31.02 -18.63 15.23
N PHE B 197 -31.19 -17.35 14.90
CA PHE B 197 -30.41 -16.29 15.53
C PHE B 197 -31.31 -15.40 16.36
N TYR B 198 -30.77 -14.88 17.45
CA TYR B 198 -31.49 -13.88 18.23
C TYR B 198 -30.53 -12.97 18.95
N TRP B 199 -30.92 -11.71 19.11
CA TRP B 199 -30.09 -10.76 19.83
C TRP B 199 -30.21 -11.01 21.33
N ARG B 200 -29.12 -11.49 21.93
CA ARG B 200 -29.15 -11.87 23.34
C ARG B 200 -29.25 -10.63 24.24
N GLY B 201 -30.43 -10.38 24.77
CA GLY B 201 -30.69 -9.17 25.55
C GLY B 201 -31.50 -8.15 24.79
N GLY B 202 -31.98 -8.52 23.60
CA GLY B 202 -32.87 -7.65 22.82
C GLY B 202 -32.20 -6.36 22.40
N ASP B 203 -32.79 -5.24 22.78
CA ASP B 203 -32.22 -3.93 22.48
C ASP B 203 -30.83 -3.76 23.09
N LYS B 204 -30.54 -4.50 24.16
CA LYS B 204 -29.33 -4.29 24.95
C LYS B 204 -28.23 -5.27 24.56
N ALA B 205 -28.38 -5.88 23.39
CA ALA B 205 -27.47 -6.95 22.96
C ALA B 205 -26.14 -6.40 22.47
N VAL B 206 -26.15 -5.14 22.05
CA VAL B 206 -24.95 -4.50 21.50
C VAL B 206 -24.45 -3.41 22.43
N THR B 207 -23.14 -3.42 22.67
CA THR B 207 -22.49 -2.46 23.55
C THR B 207 -21.31 -1.82 22.81
N GLY B 208 -20.97 -0.59 23.19
CA GLY B 208 -19.69 -0.01 22.79
C GLY B 208 -19.81 1.11 21.78
N VAL B 209 -21.03 1.34 21.29
CA VAL B 209 -21.28 2.49 20.40
C VAL B 209 -20.77 3.81 21.00
N GLU B 210 -20.69 3.87 22.33
CA GLU B 210 -20.23 5.08 23.02
C GLU B 210 -18.72 5.19 22.93
N ARG B 211 -18.07 4.06 22.69
CA ARG B 211 -16.62 4.00 22.67
C ARG B 211 -16.08 4.41 21.31
N ILE B 212 -16.95 4.44 20.30
CA ILE B 212 -16.52 4.82 18.96
C ILE B 212 -16.03 6.27 18.98
N GLU B 213 -14.81 6.50 18.49
CA GLU B 213 -14.19 7.83 18.53
C GLU B 213 -13.66 8.17 17.18
N LEU B 214 -14.49 8.75 16.35
CA LEU B 214 -14.07 9.10 15.00
C LEU B 214 -13.87 10.58 14.91
N PRO B 215 -12.73 11.01 14.34
CA PRO B 215 -12.50 12.44 14.15
C PRO B 215 -13.57 13.09 13.25
N GLN B 216 -14.07 12.34 12.26
CA GLN B 216 -14.82 12.93 11.16
C GLN B 216 -16.32 12.75 11.31
N PHE B 217 -16.73 11.78 12.13
CA PHE B 217 -18.15 11.46 12.27
C PHE B 217 -18.58 11.48 13.73
N SER B 218 -19.88 11.34 13.95
CA SER B 218 -20.41 11.06 15.28
C SER B 218 -21.67 10.19 15.16
N ILE B 219 -21.80 9.23 16.07
CA ILE B 219 -22.85 8.23 15.97
C ILE B 219 -24.14 8.77 16.59
N VAL B 220 -25.14 9.00 15.76
CA VAL B 220 -26.39 9.61 16.22
C VAL B 220 -27.29 8.57 16.86
N GLU B 221 -27.38 7.39 16.22
CA GLU B 221 -28.05 6.24 16.83
C GLU B 221 -27.53 4.94 16.24
N HIS B 222 -27.98 3.82 16.80
CA HIS B 222 -27.79 2.50 16.18
C HIS B 222 -29.06 1.67 16.29
N ARG B 223 -29.17 0.63 15.47
CA ARG B 223 -30.38 -0.17 15.43
C ARG B 223 -30.07 -1.65 15.25
N LEU B 224 -30.80 -2.50 15.97
CA LEU B 224 -30.69 -3.95 15.84
C LEU B 224 -31.92 -4.49 15.13
N VAL B 225 -31.70 -5.47 14.27
CA VAL B 225 -32.79 -6.06 13.51
C VAL B 225 -32.63 -7.57 13.46
N SER B 226 -33.75 -8.26 13.34
CA SER B 226 -33.76 -9.69 13.18
C SER B 226 -34.67 -10.05 12.00
N ARG B 227 -34.14 -10.79 11.02
CA ARG B 227 -34.89 -11.11 9.81
C ARG B 227 -34.62 -12.50 9.31
N ASN B 228 -35.51 -13.00 8.47
CA ASN B 228 -35.24 -14.17 7.66
C ASN B 228 -35.19 -13.83 6.19
N VAL B 229 -34.06 -14.15 5.58
CA VAL B 229 -33.85 -13.86 4.19
C VAL B 229 -33.86 -15.15 3.37
N VAL B 230 -34.38 -15.06 2.16
CA VAL B 230 -34.61 -16.24 1.34
C VAL B 230 -33.68 -16.22 0.13
N PHE B 231 -32.86 -17.25 0.02
CA PHE B 231 -32.07 -17.48 -1.19
C PHE B 231 -32.61 -18.69 -1.96
N ALA B 232 -31.94 -19.01 -3.07
CA ALA B 232 -32.24 -20.22 -3.86
C ALA B 232 -32.04 -21.50 -3.05
N THR B 233 -31.03 -21.52 -2.19
CA THR B 233 -30.69 -22.72 -1.42
C THR B 233 -31.49 -22.78 -0.12
N GLY B 234 -32.29 -21.74 0.15
CA GLY B 234 -33.26 -21.80 1.24
C GLY B 234 -33.30 -20.53 2.07
N ALA B 235 -33.96 -20.61 3.23
CA ALA B 235 -34.17 -19.44 4.08
C ALA B 235 -33.22 -19.44 5.27
N TYR B 236 -32.52 -18.33 5.45
CA TYR B 236 -31.46 -18.24 6.44
C TYR B 236 -31.80 -17.17 7.46
N PRO B 237 -31.26 -17.28 8.68
CA PRO B 237 -31.43 -16.24 9.68
C PRO B 237 -30.41 -15.10 9.49
N ARG B 238 -30.86 -13.87 9.69
CA ARG B 238 -29.94 -12.73 9.67
C ARG B 238 -30.18 -11.79 10.82
N LEU B 239 -29.09 -11.25 11.34
CA LEU B 239 -29.16 -10.10 12.21
C LEU B 239 -28.42 -8.94 11.59
N SER B 240 -29.01 -7.77 11.66
CA SER B 240 -28.50 -6.60 10.99
C SER B 240 -28.21 -5.50 12.02
N LEU B 241 -26.93 -5.20 12.21
CA LEU B 241 -26.54 -4.08 13.05
C LEU B 241 -26.29 -2.87 12.18
N SER B 242 -26.83 -1.72 12.59
CA SER B 242 -26.76 -0.50 11.77
C SER B 242 -26.25 0.68 12.62
N PHE B 243 -25.44 1.54 12.01
CA PHE B 243 -25.07 2.82 12.61
C PHE B 243 -25.53 3.93 11.73
N ARG B 244 -25.73 5.10 12.34
CA ARG B 244 -25.95 6.31 11.58
C ARG B 244 -24.87 7.30 11.90
N LEU B 245 -24.05 7.61 10.89
CA LEU B 245 -22.89 8.46 11.08
C LEU B 245 -23.19 9.87 10.59
N LYS B 246 -23.19 10.84 11.50
CA LYS B 246 -23.31 12.25 11.09
C LYS B 246 -21.91 12.85 10.94
N ARG B 247 -21.64 13.42 9.76
CA ARG B 247 -20.30 13.93 9.45
C ARG B 247 -20.10 15.31 10.04
N ASN B 248 -18.97 15.49 10.71
CA ASN B 248 -18.55 16.81 11.20
C ASN B 248 -17.89 17.62 10.08
N ILE B 249 -18.25 18.89 10.00
CA ILE B 249 -17.94 19.73 8.84
C ILE B 249 -16.65 20.53 9.07
N GLY B 250 -16.11 20.48 10.29
CA GLY B 250 -14.94 21.28 10.65
C GLY B 250 -13.83 21.18 9.63
N TYR B 251 -13.50 19.96 9.22
CA TYR B 251 -12.40 19.73 8.29
C TYR B 251 -12.66 20.40 6.96
N PHE B 252 -13.93 20.46 6.56
CA PHE B 252 -14.29 20.85 5.21
C PHE B 252 -14.42 22.34 5.04
N VAL B 253 -14.75 23.04 6.12
CA VAL B 253 -14.69 24.49 6.11
C VAL B 253 -13.27 24.96 5.91
N ILE B 254 -12.36 24.38 6.71
CA ILE B 254 -10.95 24.72 6.69
C ILE B 254 -10.34 24.45 5.33
N GLN B 255 -10.69 23.31 4.73
CA GLN B 255 -10.00 22.89 3.54
C GLN B 255 -10.72 23.25 2.27
N THR B 256 -11.97 23.64 2.36
CA THR B 256 -12.72 23.96 1.14
C THR B 256 -13.56 25.24 1.18
N TYR B 257 -14.39 25.41 2.20
CA TYR B 257 -15.32 26.50 2.19
C TYR B 257 -14.60 27.80 2.36
N LEU B 258 -13.66 27.86 3.28
CA LEU B 258 -12.90 29.06 3.44
C LEU B 258 -12.07 29.40 2.20
N PRO B 259 -11.36 28.42 1.61
CA PRO B 259 -10.63 28.76 0.40
C PRO B 259 -11.55 29.25 -0.71
N CYS B 260 -12.73 28.66 -0.82
CA CYS B 260 -13.66 29.10 -1.83
C CYS B 260 -14.22 30.50 -1.53
N ILE B 261 -14.68 30.71 -0.31
CA ILE B 261 -15.30 31.96 0.07
C ILE B 261 -14.28 33.10 0.00
N MET B 262 -13.04 32.81 0.37
CA MET B 262 -11.98 33.81 0.37
C MET B 262 -11.51 34.11 -1.03
N THR B 263 -11.52 33.09 -1.88
CA THR B 263 -11.15 33.27 -3.26
C THR B 263 -12.24 34.01 -4.03
N VAL B 264 -13.47 33.96 -3.54
CA VAL B 264 -14.55 34.77 -4.13
C VAL B 264 -14.44 36.23 -3.68
N ILE B 265 -14.16 36.43 -2.40
CA ILE B 265 -13.90 37.76 -1.87
C ILE B 265 -12.70 38.39 -2.55
N LEU B 266 -11.66 37.60 -2.79
CA LEU B 266 -10.49 38.13 -3.48
C LEU B 266 -10.85 38.64 -4.86
N SER B 267 -11.70 37.93 -5.58
CA SER B 267 -12.03 38.29 -6.97
C SER B 267 -12.67 39.68 -7.01
N GLN B 268 -13.41 40.03 -5.94
CA GLN B 268 -14.23 41.23 -5.92
C GLN B 268 -13.46 42.43 -5.37
N VAL B 269 -12.22 42.20 -4.94
CA VAL B 269 -11.34 43.30 -4.59
C VAL B 269 -10.95 44.07 -5.86
N SER B 270 -10.90 43.38 -6.98
CA SER B 270 -10.45 44.00 -8.23
C SER B 270 -11.38 45.13 -8.65
N PHE B 271 -12.58 45.13 -8.09
CA PHE B 271 -13.53 46.22 -8.36
C PHE B 271 -13.08 47.57 -7.76
N TRP B 272 -12.16 47.53 -6.80
CA TRP B 272 -11.72 48.74 -6.11
C TRP B 272 -10.39 49.26 -6.68
N LEU B 273 -10.00 48.73 -7.83
CA LEU B 273 -8.76 49.16 -8.46
C LEU B 273 -9.05 49.86 -9.75
N ASN B 274 -8.30 50.89 -10.07
CA ASN B 274 -8.66 51.73 -11.21
C ASN B 274 -8.58 50.90 -12.48
N ARG B 275 -9.56 51.14 -13.35
CA ARG B 275 -9.82 50.29 -14.53
C ARG B 275 -8.62 50.29 -15.43
N GLU B 276 -7.76 51.28 -15.25
CA GLU B 276 -6.75 51.57 -16.22
C GLU B 276 -5.51 50.71 -16.03
N SER B 277 -5.39 50.06 -14.87
CA SER B 277 -4.36 49.03 -14.70
C SER B 277 -4.84 47.75 -15.23
N VAL B 278 -4.90 47.65 -16.55
CA VAL B 278 -5.54 46.51 -17.18
C VAL B 278 -4.85 45.20 -16.74
N PRO B 279 -3.51 45.18 -16.77
CA PRO B 279 -2.82 43.98 -16.33
C PRO B 279 -3.11 43.60 -14.88
N ALA B 280 -3.10 44.57 -13.97
CA ALA B 280 -3.40 44.30 -12.57
C ALA B 280 -4.71 43.59 -12.43
N ARG B 281 -5.74 44.10 -13.09
CA ARG B 281 -7.08 43.58 -12.91
C ARG B 281 -7.34 42.30 -13.69
N THR B 282 -6.47 41.98 -14.65
CA THR B 282 -6.49 40.64 -15.27
C THR B 282 -5.81 39.63 -14.38
N VAL B 283 -4.83 40.06 -13.61
CA VAL B 283 -4.20 39.20 -12.62
C VAL B 283 -5.24 38.73 -11.60
N PHE B 284 -5.99 39.66 -11.05
CA PHE B 284 -7.10 39.32 -10.17
C PHE B 284 -8.08 38.38 -10.86
N GLY B 285 -8.37 38.63 -12.12
CA GLY B 285 -9.34 37.83 -12.86
C GLY B 285 -8.87 36.41 -13.09
N VAL B 286 -7.71 36.28 -13.71
CA VAL B 286 -7.22 35.01 -14.15
C VAL B 286 -6.84 34.15 -12.94
N THR B 287 -6.13 34.72 -11.97
CA THR B 287 -5.66 33.90 -10.85
C THR B 287 -6.82 33.35 -10.02
N THR B 288 -7.83 34.18 -9.77
CA THR B 288 -9.02 33.73 -9.04
C THR B 288 -9.82 32.67 -9.78
N VAL B 289 -9.85 32.74 -11.10
CA VAL B 289 -10.56 31.75 -11.89
C VAL B 289 -9.81 30.41 -11.88
N LEU B 290 -8.50 30.47 -11.97
CA LEU B 290 -7.73 29.24 -11.95
C LEU B 290 -7.70 28.62 -10.56
N THR B 291 -7.56 29.44 -9.54
CA THR B 291 -7.61 28.90 -8.18
C THR B 291 -8.99 28.41 -7.81
N MET B 292 -9.99 28.70 -8.63
CA MET B 292 -11.29 28.15 -8.38
C MET B 292 -11.43 26.78 -9.00
N THR B 293 -10.88 26.60 -10.19
CA THR B 293 -10.95 25.29 -10.84
C THR B 293 -10.13 24.27 -10.04
N THR B 294 -9.00 24.72 -9.52
CA THR B 294 -8.12 23.85 -8.77
C THR B 294 -8.71 23.42 -7.45
N LEU B 295 -9.56 24.27 -6.89
CA LEU B 295 -10.29 23.88 -5.72
C LEU B 295 -11.34 22.84 -6.04
N SER B 296 -12.06 23.05 -7.14
CA SER B 296 -13.13 22.12 -7.52
C SER B 296 -12.58 20.75 -7.90
N ILE B 297 -11.38 20.72 -8.45
CA ILE B 297 -10.77 19.45 -8.83
C ILE B 297 -10.19 18.73 -7.62
N SER B 298 -9.44 19.44 -6.81
CA SER B 298 -8.79 18.84 -5.66
C SER B 298 -9.83 18.39 -4.62
N ALA B 299 -10.95 19.08 -4.56
CA ALA B 299 -12.02 18.70 -3.64
C ALA B 299 -12.74 17.43 -4.12
N ARG B 300 -12.79 17.26 -5.44
CA ARG B 300 -13.40 16.10 -6.05
C ARG B 300 -12.52 14.84 -5.90
N ASN B 301 -11.26 15.04 -5.55
CA ASN B 301 -10.26 13.97 -5.58
C ASN B 301 -10.28 13.12 -4.31
N SER B 302 -10.90 13.63 -3.25
CA SER B 302 -11.00 12.87 -2.01
C SER B 302 -12.21 11.91 -2.00
N LEU B 303 -12.97 11.87 -3.10
CA LEU B 303 -14.22 11.12 -3.16
C LEU B 303 -14.13 9.98 -4.17
N PRO B 304 -15.15 9.10 -4.20
CA PRO B 304 -15.24 8.15 -5.29
C PRO B 304 -15.75 8.80 -6.55
N LYS B 305 -15.58 8.14 -7.68
CA LYS B 305 -15.87 8.75 -8.96
C LYS B 305 -17.37 8.60 -9.26
N VAL B 306 -18.20 8.98 -8.29
CA VAL B 306 -19.65 9.01 -8.49
C VAL B 306 -20.03 10.00 -9.59
N ALA B 307 -21.16 9.77 -10.23
CA ALA B 307 -21.52 10.54 -11.40
C ALA B 307 -22.44 11.72 -11.07
N TYR B 308 -22.86 11.83 -9.81
CA TYR B 308 -23.69 12.97 -9.38
C TYR B 308 -22.86 14.11 -8.75
N ALA B 309 -23.52 15.23 -8.47
CA ALA B 309 -22.85 16.38 -7.88
C ALA B 309 -23.22 16.48 -6.40
N THR B 310 -22.20 16.69 -5.58
CA THR B 310 -22.39 16.85 -4.15
C THR B 310 -22.80 18.28 -3.82
N ALA B 311 -23.31 18.46 -2.61
CA ALA B 311 -23.67 19.78 -2.12
C ALA B 311 -22.49 20.73 -2.15
N MET B 312 -21.30 20.20 -1.92
CA MET B 312 -20.08 20.98 -2.04
C MET B 312 -19.78 21.32 -3.49
N ASP B 313 -20.10 20.41 -4.40
CA ASP B 313 -19.82 20.62 -5.82
C ASP B 313 -20.64 21.79 -6.36
N TRP B 314 -21.89 21.90 -5.92
CA TRP B 314 -22.70 23.07 -6.25
C TRP B 314 -22.09 24.34 -5.70
N PHE B 315 -21.78 24.33 -4.40
CA PHE B 315 -21.20 25.49 -3.76
C PHE B 315 -19.99 25.98 -4.55
N ILE B 316 -19.13 25.03 -4.91
CA ILE B 316 -17.93 25.38 -5.63
C ILE B 316 -18.27 25.86 -7.04
N ALA B 317 -19.25 25.23 -7.65
CA ALA B 317 -19.68 25.64 -8.99
C ALA B 317 -20.20 27.07 -8.98
N VAL B 318 -21.05 27.38 -8.02
CA VAL B 318 -21.55 28.72 -7.86
C VAL B 318 -20.41 29.70 -7.58
N CYS B 319 -19.49 29.34 -6.70
CA CYS B 319 -18.30 30.18 -6.48
C CYS B 319 -17.54 30.43 -7.77
N TYR B 320 -17.44 29.42 -8.61
CA TYR B 320 -16.84 29.62 -9.92
C TYR B 320 -17.59 30.67 -10.75
N ALA B 321 -18.91 30.66 -10.66
CA ALA B 321 -19.69 31.65 -11.36
C ALA B 321 -19.32 33.06 -10.88
N PHE B 322 -19.16 33.22 -9.58
CA PHE B 322 -18.96 34.54 -9.01
C PHE B 322 -17.58 35.12 -9.39
N VAL B 323 -16.60 34.24 -9.59
CA VAL B 323 -15.26 34.69 -10.02
C VAL B 323 -15.16 34.85 -11.53
N PHE B 324 -15.82 33.97 -12.29
CA PHE B 324 -15.81 34.10 -13.74
C PHE B 324 -16.61 35.32 -14.15
N SER B 325 -17.67 35.61 -13.40
CA SER B 325 -18.44 36.79 -13.64
C SER B 325 -17.61 38.02 -13.34
N ALA B 326 -16.90 37.98 -12.23
CA ALA B 326 -16.04 39.09 -11.86
C ALA B 326 -15.02 39.42 -12.94
N LEU B 327 -14.62 38.41 -13.71
CA LEU B 327 -13.67 38.64 -14.80
C LEU B 327 -14.36 39.26 -15.98
N ILE B 328 -15.44 38.63 -16.40
CA ILE B 328 -16.19 39.14 -17.51
C ILE B 328 -16.66 40.59 -17.27
N GLU B 329 -16.97 40.89 -16.01
CA GLU B 329 -17.29 42.25 -15.60
C GLU B 329 -16.18 43.20 -15.99
N PHE B 330 -14.95 42.86 -15.61
CA PHE B 330 -13.82 43.71 -15.91
C PHE B 330 -13.59 43.79 -17.40
N ALA B 331 -13.72 42.67 -18.08
CA ALA B 331 -13.54 42.66 -19.52
C ALA B 331 -14.50 43.62 -20.17
N THR B 332 -15.72 43.68 -19.66
CA THR B 332 -16.70 44.66 -20.14
C THR B 332 -16.31 46.09 -19.81
N VAL B 333 -15.94 46.31 -18.56
CA VAL B 333 -15.43 47.61 -18.14
C VAL B 333 -14.30 48.09 -19.06
N ASN B 334 -13.39 47.18 -19.40
CA ASN B 334 -12.28 47.53 -20.25
C ASN B 334 -12.74 47.80 -21.66
N TYR B 335 -13.87 47.22 -22.06
CA TYR B 335 -14.37 47.44 -23.41
C TYR B 335 -15.00 48.83 -23.58
N PHE B 336 -15.43 49.44 -22.47
CA PHE B 336 -16.02 50.77 -22.53
C PHE B 336 -15.08 51.85 -21.99
N THR B 337 -13.89 51.44 -21.58
CA THR B 337 -13.11 52.26 -20.68
C THR B 337 -12.55 53.51 -21.38
N LYS B 338 -12.58 53.52 -22.72
CA LYS B 338 -12.25 54.73 -23.51
C LYS B 338 -13.43 55.21 -24.34
N SER B 339 -14.21 54.28 -24.87
CA SER B 339 -15.45 54.60 -25.58
C SER B 339 -16.35 55.47 -24.74
N GLN B 340 -16.73 54.95 -23.57
CA GLN B 340 -17.74 55.59 -22.73
C GLN B 340 -17.35 55.49 -21.28
N PRO B 341 -16.30 56.19 -20.91
CA PRO B 341 -15.65 56.01 -19.62
C PRO B 341 -16.59 56.18 -18.45
N ALA B 342 -17.65 56.97 -18.63
CA ALA B 342 -18.62 57.19 -17.57
C ALA B 342 -19.29 55.90 -17.20
N ARG B 343 -19.66 55.12 -18.23
CA ARG B 343 -20.43 53.88 -18.06
C ARG B 343 -19.58 52.81 -17.41
N ALA B 344 -18.37 52.67 -17.92
CA ALA B 344 -17.43 51.72 -17.40
C ALA B 344 -17.21 51.91 -15.90
N ALA B 345 -17.07 53.16 -15.46
CA ALA B 345 -16.84 53.41 -14.05
C ALA B 345 -18.11 53.14 -13.23
N LYS B 346 -19.28 53.21 -13.89
CA LYS B 346 -20.54 52.93 -13.19
C LYS B 346 -20.74 51.46 -13.03
N ILE B 347 -20.31 50.69 -14.02
CA ILE B 347 -20.33 49.24 -13.92
C ILE B 347 -19.56 48.77 -12.69
N ASP B 348 -18.36 49.30 -12.50
CA ASP B 348 -17.60 49.01 -11.30
C ASP B 348 -18.35 49.40 -10.03
N LYS B 349 -18.83 50.64 -10.00
CA LYS B 349 -19.49 51.12 -8.80
C LYS B 349 -20.73 50.29 -8.43
N MET B 350 -21.43 49.76 -9.44
CA MET B 350 -22.55 48.84 -9.20
C MET B 350 -22.03 47.49 -8.71
N SER B 351 -21.05 46.95 -9.45
CA SER B 351 -20.49 45.65 -9.13
C SER B 351 -19.96 45.59 -7.71
N ARG B 352 -19.41 46.70 -7.24
CA ARG B 352 -18.78 46.72 -5.94
C ARG B 352 -19.77 46.42 -4.84
N ILE B 353 -21.05 46.56 -5.15
CA ILE B 353 -22.09 46.39 -4.18
C ILE B 353 -23.01 45.22 -4.51
N VAL B 354 -23.31 45.03 -5.80
CA VAL B 354 -24.15 43.92 -6.24
C VAL B 354 -23.50 42.54 -5.96
N PHE B 355 -22.21 42.43 -6.26
CA PHE B 355 -21.53 41.15 -6.22
C PHE B 355 -21.46 40.60 -4.80
N PRO B 356 -21.00 41.41 -3.85
CA PRO B 356 -20.96 40.91 -2.48
C PRO B 356 -22.34 40.63 -1.88
N ILE B 357 -23.33 41.43 -2.22
CA ILE B 357 -24.69 41.21 -1.72
C ILE B 357 -25.27 39.89 -2.24
N LEU B 358 -25.09 39.63 -3.53
CA LEU B 358 -25.54 38.39 -4.12
C LEU B 358 -24.83 37.18 -3.51
N PHE B 359 -23.51 37.28 -3.36
CA PHE B 359 -22.74 36.21 -2.74
C PHE B 359 -23.16 35.99 -1.27
N GLY B 360 -23.43 37.08 -0.57
CA GLY B 360 -23.85 37.03 0.82
C GLY B 360 -25.20 36.36 0.98
N THR B 361 -26.16 36.78 0.16
CA THR B 361 -27.49 36.18 0.21
C THR B 361 -27.51 34.73 -0.32
N PHE B 362 -26.67 34.44 -1.32
CA PHE B 362 -26.50 33.06 -1.77
C PHE B 362 -26.07 32.15 -0.63
N ASN B 363 -25.10 32.60 0.18
CA ASN B 363 -24.61 31.80 1.29
C ASN B 363 -25.73 31.52 2.28
N LEU B 364 -26.54 32.54 2.56
CA LEU B 364 -27.62 32.37 3.52
C LEU B 364 -28.68 31.41 3.03
N VAL B 365 -28.94 31.39 1.73
CA VAL B 365 -29.85 30.39 1.16
C VAL B 365 -29.20 28.98 1.15
N TYR B 366 -27.96 28.89 0.70
CA TYR B 366 -27.30 27.59 0.63
C TYR B 366 -27.20 26.94 2.01
N TRP B 367 -26.71 27.70 2.99
CA TRP B 367 -26.47 27.13 4.33
C TRP B 367 -27.79 26.75 5.02
N ALA B 368 -28.80 27.61 4.90
CA ALA B 368 -30.12 27.29 5.42
C ALA B 368 -30.68 26.01 4.80
N THR B 369 -30.54 25.88 3.48
CA THR B 369 -31.04 24.70 2.75
C THR B 369 -30.35 23.42 3.20
N TYR B 370 -29.07 23.49 3.56
CA TYR B 370 -28.31 22.28 3.84
C TYR B 370 -27.94 22.15 5.31
N LEU B 371 -28.64 22.86 6.20
CA LEU B 371 -28.53 22.60 7.65
C LEU B 371 -29.90 22.45 8.29
N PHE C 42 -27.87 -42.77 15.34
CA PHE C 42 -28.03 -43.47 14.03
C PHE C 42 -27.29 -42.74 12.92
N VAL C 43 -27.28 -41.42 13.00
CA VAL C 43 -26.82 -40.62 11.87
C VAL C 43 -25.28 -40.54 11.85
N LYS C 44 -24.69 -40.43 13.04
CA LYS C 44 -23.21 -40.41 13.15
C LYS C 44 -22.60 -41.65 12.51
N GLU C 45 -23.26 -42.80 12.69
CA GLU C 45 -22.81 -44.06 12.10
C GLU C 45 -22.90 -44.00 10.57
N THR C 46 -24.03 -43.53 10.04
CA THR C 46 -24.24 -43.49 8.59
C THR C 46 -23.22 -42.57 7.93
N VAL C 47 -22.88 -41.48 8.62
CA VAL C 47 -21.81 -40.60 8.15
C VAL C 47 -20.42 -41.28 8.27
N ASP C 48 -20.18 -41.91 9.43
CA ASP C 48 -18.90 -42.59 9.67
C ASP C 48 -18.63 -43.67 8.63
N LYS C 49 -19.68 -44.39 8.22
CA LYS C 49 -19.53 -45.45 7.22
C LYS C 49 -19.27 -44.88 5.84
N LEU C 50 -19.88 -43.72 5.55
CA LEU C 50 -19.61 -43.01 4.30
C LEU C 50 -18.13 -42.77 4.13
N LEU C 51 -17.46 -42.41 5.22
CA LEU C 51 -16.08 -41.99 5.16
C LEU C 51 -15.09 -43.13 5.44
N LYS C 52 -15.60 -44.31 5.85
CA LYS C 52 -14.79 -45.52 5.84
C LYS C 52 -14.40 -45.89 4.41
N GLY C 53 -13.10 -45.87 4.12
CA GLY C 53 -12.58 -46.36 2.86
C GLY C 53 -12.68 -45.34 1.76
N TYR C 54 -13.08 -44.11 2.11
CA TYR C 54 -13.17 -43.03 1.15
C TYR C 54 -11.77 -42.51 0.85
N ASP C 55 -11.35 -42.61 -0.40
CA ASP C 55 -10.05 -42.11 -0.82
C ASP C 55 -10.23 -40.77 -1.52
N ILE C 56 -9.76 -39.69 -0.88
CA ILE C 56 -9.92 -38.35 -1.45
C ILE C 56 -9.12 -38.16 -2.73
N ARG C 57 -8.22 -39.10 -3.00
CA ARG C 57 -7.34 -38.99 -4.15
C ARG C 57 -8.06 -39.34 -5.45
N LEU C 58 -9.15 -40.07 -5.31
CA LEU C 58 -9.88 -40.54 -6.46
C LEU C 58 -11.16 -39.75 -6.64
N ARG C 59 -11.37 -39.26 -7.86
CA ARG C 59 -12.64 -38.66 -8.23
C ARG C 59 -13.76 -39.68 -8.25
N PRO C 60 -15.01 -39.21 -8.33
CA PRO C 60 -16.11 -40.12 -8.58
C PRO C 60 -15.98 -40.81 -9.93
N ASP C 61 -16.30 -42.10 -9.97
CA ASP C 61 -16.16 -42.88 -11.18
C ASP C 61 -14.72 -42.83 -11.70
N PHE C 62 -13.76 -43.25 -10.88
CA PHE C 62 -12.36 -42.89 -11.11
C PHE C 62 -11.88 -43.31 -12.50
N GLY C 63 -12.12 -44.56 -12.85
CA GLY C 63 -11.72 -45.05 -14.15
C GLY C 63 -12.76 -44.78 -15.21
N GLY C 64 -13.94 -44.36 -14.77
CA GLY C 64 -15.12 -44.39 -15.63
C GLY C 64 -15.33 -43.05 -16.33
N PRO C 65 -16.61 -42.73 -16.61
CA PRO C 65 -16.92 -41.50 -17.34
C PRO C 65 -16.57 -40.27 -16.54
N PRO C 66 -16.51 -39.12 -17.20
CA PRO C 66 -16.18 -37.89 -16.50
C PRO C 66 -17.28 -37.48 -15.53
N VAL C 67 -16.93 -36.63 -14.57
CA VAL C 67 -17.88 -36.15 -13.58
C VAL C 67 -18.53 -34.88 -14.06
N CYS C 68 -19.85 -34.90 -14.26
CA CYS C 68 -20.60 -33.69 -14.52
C CYS C 68 -20.68 -32.83 -13.27
N VAL C 69 -20.05 -31.65 -13.35
CA VAL C 69 -20.07 -30.68 -12.26
C VAL C 69 -20.91 -29.47 -12.65
N GLY C 70 -21.88 -29.15 -11.82
CA GLY C 70 -22.81 -28.05 -12.08
C GLY C 70 -22.40 -26.79 -11.34
N MET C 71 -22.28 -25.69 -12.08
CA MET C 71 -21.86 -24.42 -11.52
C MET C 71 -23.05 -23.51 -11.31
N ASN C 72 -22.95 -22.70 -10.27
CA ASN C 72 -24.03 -21.82 -9.90
C ASN C 72 -23.44 -20.64 -9.14
N ILE C 73 -23.58 -19.44 -9.70
CA ILE C 73 -22.95 -18.24 -9.13
C ILE C 73 -23.97 -17.19 -8.71
N ASP C 74 -23.79 -16.68 -7.50
CA ASP C 74 -24.62 -15.60 -7.00
C ASP C 74 -23.73 -14.43 -6.67
N ILE C 75 -23.75 -13.41 -7.53
CA ILE C 75 -22.83 -12.29 -7.39
C ILE C 75 -23.26 -11.40 -6.24
N ALA C 76 -22.30 -11.06 -5.39
CA ALA C 76 -22.58 -10.21 -4.25
C ALA C 76 -22.29 -8.78 -4.60
N SER C 77 -21.19 -8.56 -5.31
CA SER C 77 -20.70 -7.22 -5.57
C SER C 77 -19.49 -7.24 -6.49
N ILE C 78 -19.37 -6.20 -7.31
CA ILE C 78 -18.08 -5.83 -7.87
C ILE C 78 -17.52 -4.61 -7.14
N ASP C 79 -16.40 -4.79 -6.46
CA ASP C 79 -15.96 -3.83 -5.45
C ASP C 79 -15.11 -2.71 -6.06
N MET C 80 -14.60 -2.93 -7.26
CA MET C 80 -13.53 -2.08 -7.81
C MET C 80 -13.27 -2.45 -9.27
N VAL C 81 -12.94 -1.47 -10.09
CA VAL C 81 -12.53 -1.71 -11.46
C VAL C 81 -11.37 -0.80 -11.78
N SER C 82 -10.21 -1.39 -12.05
CA SER C 82 -8.99 -0.61 -12.19
C SER C 82 -8.57 -0.55 -13.66
N GLU C 83 -8.55 0.66 -14.22
CA GLU C 83 -8.08 0.87 -15.58
C GLU C 83 -6.57 0.83 -15.59
N VAL C 84 -5.99 1.16 -14.43
CA VAL C 84 -4.54 1.27 -14.32
C VAL C 84 -3.89 -0.09 -14.31
N ASN C 85 -4.50 -1.02 -13.58
CA ASN C 85 -4.01 -2.39 -13.48
C ASN C 85 -4.77 -3.32 -14.40
N MET C 86 -5.80 -2.76 -15.05
CA MET C 86 -6.65 -3.56 -15.95
C MET C 86 -7.07 -4.86 -15.27
N ASP C 87 -7.70 -4.69 -14.12
CA ASP C 87 -8.37 -5.75 -13.44
C ASP C 87 -9.65 -5.24 -12.80
N TYR C 88 -10.43 -6.14 -12.24
CA TYR C 88 -11.57 -5.78 -11.41
C TYR C 88 -11.66 -6.76 -10.27
N THR C 89 -12.25 -6.32 -9.17
CA THR C 89 -12.40 -7.15 -8.04
C THR C 89 -13.86 -7.55 -7.83
N LEU C 90 -14.09 -8.86 -7.73
CA LEU C 90 -15.44 -9.44 -7.73
C LEU C 90 -15.65 -10.27 -6.47
N THR C 91 -16.87 -10.22 -5.93
CA THR C 91 -17.24 -11.06 -4.78
C THR C 91 -18.49 -11.86 -5.13
N MET C 92 -18.42 -13.16 -4.90
CA MET C 92 -19.50 -14.06 -5.33
C MET C 92 -19.69 -15.20 -4.35
N TYR C 93 -20.86 -15.80 -4.40
CA TYR C 93 -21.06 -17.13 -3.91
C TYR C 93 -20.93 -18.15 -5.03
N PHE C 94 -19.94 -19.04 -4.90
CA PHE C 94 -19.62 -20.00 -5.94
C PHE C 94 -20.03 -21.40 -5.50
N GLN C 95 -21.15 -21.87 -6.06
CA GLN C 95 -21.73 -23.16 -5.65
C GLN C 95 -21.47 -24.23 -6.71
N GLN C 96 -21.10 -25.42 -6.26
CA GLN C 96 -20.84 -26.53 -7.16
C GLN C 96 -21.66 -27.76 -6.74
N TYR C 97 -22.32 -28.38 -7.73
CA TYR C 97 -23.06 -29.63 -7.49
C TYR C 97 -22.45 -30.73 -8.31
N TRP C 98 -22.08 -31.82 -7.64
CA TRP C 98 -21.73 -33.05 -8.35
C TRP C 98 -22.21 -34.26 -7.56
N ARG C 99 -22.03 -35.43 -8.14
CA ARG C 99 -22.59 -36.66 -7.60
C ARG C 99 -21.48 -37.67 -7.33
N ASP C 100 -21.30 -37.97 -6.06
CA ASP C 100 -20.34 -38.97 -5.62
C ASP C 100 -21.12 -40.12 -5.00
N LYS C 101 -21.18 -41.24 -5.71
CA LYS C 101 -22.04 -42.34 -5.32
C LYS C 101 -21.58 -42.92 -3.99
N ARG C 102 -20.31 -42.68 -3.66
CA ARG C 102 -19.76 -43.09 -2.37
C ARG C 102 -20.45 -42.41 -1.18
N LEU C 103 -21.21 -41.36 -1.46
CA LEU C 103 -21.81 -40.56 -0.38
C LEU C 103 -23.34 -40.67 -0.37
N ALA C 104 -23.85 -41.80 -0.87
CA ALA C 104 -25.27 -42.05 -0.86
C ALA C 104 -25.69 -42.59 0.50
N TYR C 105 -26.86 -42.18 0.98
CA TYR C 105 -27.47 -42.80 2.16
C TYR C 105 -28.97 -43.02 1.95
N SER C 106 -29.40 -44.26 2.08
CA SER C 106 -30.75 -44.63 1.67
C SER C 106 -31.74 -44.44 2.81
N GLY C 107 -31.31 -44.77 4.04
CA GLY C 107 -32.20 -44.79 5.20
C GLY C 107 -32.87 -43.45 5.48
N ILE C 108 -32.09 -42.38 5.41
CA ILE C 108 -32.55 -41.06 5.86
C ILE C 108 -33.25 -40.31 4.71
N PRO C 109 -34.36 -39.60 5.03
CA PRO C 109 -35.18 -39.00 3.98
C PRO C 109 -34.97 -37.50 3.83
N LEU C 110 -33.83 -36.99 4.26
CA LEU C 110 -33.60 -35.52 4.25
C LEU C 110 -32.14 -35.17 3.89
N ASN C 111 -31.92 -33.92 3.48
CA ASN C 111 -30.58 -33.48 3.05
C ASN C 111 -29.75 -33.07 4.24
N LEU C 112 -28.51 -33.54 4.28
CA LEU C 112 -27.67 -33.42 5.47
C LEU C 112 -26.70 -32.26 5.32
N THR C 113 -26.89 -31.22 6.12
CA THR C 113 -25.93 -30.14 6.23
C THR C 113 -24.90 -30.45 7.32
N LEU C 114 -23.67 -30.68 6.91
CA LEU C 114 -22.60 -31.02 7.83
C LEU C 114 -21.67 -29.84 7.99
N ASP C 115 -20.84 -29.88 9.02
CA ASP C 115 -19.84 -28.83 9.26
C ASP C 115 -18.93 -28.63 8.05
N ASN C 116 -18.53 -27.39 7.80
CA ASN C 116 -17.71 -27.08 6.62
C ASN C 116 -16.42 -27.92 6.57
N ARG C 117 -15.97 -28.37 7.73
CA ARG C 117 -14.68 -29.05 7.86
C ARG C 117 -14.68 -30.46 7.24
N VAL C 118 -15.84 -30.91 6.79
CA VAL C 118 -15.94 -32.17 6.08
C VAL C 118 -15.27 -32.10 4.72
N ALA C 119 -15.23 -30.92 4.14
CA ALA C 119 -14.65 -30.74 2.83
C ALA C 119 -13.23 -31.28 2.81
N ASP C 120 -12.52 -31.12 3.93
CA ASP C 120 -11.10 -31.50 4.00
C ASP C 120 -10.94 -33.01 3.88
N GLN C 121 -12.02 -33.74 4.12
CA GLN C 121 -11.99 -35.19 4.08
C GLN C 121 -12.94 -35.68 2.99
N LEU C 122 -13.22 -34.81 2.02
CA LEU C 122 -13.94 -35.20 0.81
C LEU C 122 -13.13 -34.88 -0.41
N TRP C 123 -13.53 -35.46 -1.54
CA TRP C 123 -13.02 -35.03 -2.82
C TRP C 123 -13.86 -33.91 -3.33
N VAL C 124 -13.18 -32.84 -3.77
CA VAL C 124 -13.83 -31.70 -4.40
C VAL C 124 -13.15 -31.39 -5.74
N PRO C 125 -13.92 -30.85 -6.69
CA PRO C 125 -13.34 -30.56 -8.01
C PRO C 125 -12.26 -29.48 -7.95
N ASP C 126 -11.24 -29.61 -8.79
CA ASP C 126 -10.10 -28.68 -8.78
C ASP C 126 -10.36 -27.44 -9.62
N THR C 127 -11.51 -26.81 -9.36
CA THR C 127 -11.94 -25.66 -10.12
C THR C 127 -11.15 -24.41 -9.67
N TYR C 128 -10.57 -23.72 -10.65
CA TYR C 128 -9.88 -22.43 -10.42
C TYR C 128 -10.32 -21.41 -11.46
N PHE C 129 -9.89 -20.16 -11.27
CA PHE C 129 -10.24 -19.09 -12.19
C PHE C 129 -9.05 -18.69 -13.02
N LEU C 130 -9.12 -18.97 -14.31
CA LEU C 130 -7.95 -18.95 -15.15
C LEU C 130 -7.29 -17.59 -15.14
N ASN C 131 -8.09 -16.53 -15.04
CA ASN C 131 -7.63 -15.17 -15.28
C ASN C 131 -7.51 -14.34 -14.01
N ASP C 132 -7.40 -15.01 -12.85
CA ASP C 132 -7.38 -14.29 -11.58
C ASP C 132 -5.96 -13.96 -11.19
N LYS C 133 -5.80 -12.76 -10.63
CA LYS C 133 -4.49 -12.28 -10.22
C LYS C 133 -4.26 -12.62 -8.75
N LYS C 134 -5.31 -12.47 -7.94
CA LYS C 134 -5.29 -12.86 -6.54
C LYS C 134 -6.70 -13.06 -6.10
N SER C 135 -7.00 -14.25 -5.56
CA SER C 135 -8.33 -14.55 -5.01
C SER C 135 -8.20 -15.08 -3.61
N PHE C 136 -9.26 -14.97 -2.83
CA PHE C 136 -9.28 -15.62 -1.54
C PHE C 136 -10.70 -15.99 -1.12
N VAL C 137 -10.79 -16.95 -0.21
CA VAL C 137 -12.06 -17.43 0.29
C VAL C 137 -12.24 -16.91 1.70
N HIS C 138 -13.36 -16.27 1.97
CA HIS C 138 -13.54 -15.59 3.25
C HIS C 138 -13.44 -16.57 4.43
N GLY C 139 -12.94 -16.09 5.56
CA GLY C 139 -12.53 -16.97 6.65
C GLY C 139 -13.29 -16.75 7.95
N VAL C 140 -14.01 -15.65 8.05
CA VAL C 140 -14.60 -15.23 9.33
C VAL C 140 -16.10 -15.42 9.26
N THR C 141 -16.71 -16.05 10.30
CA THR C 141 -15.97 -16.50 11.51
C THR C 141 -15.37 -17.88 11.32
N VAL C 142 -15.99 -18.67 10.47
CA VAL C 142 -15.40 -19.92 10.00
C VAL C 142 -15.17 -19.85 8.51
N LYS C 143 -14.29 -20.70 8.00
CA LYS C 143 -14.08 -20.78 6.54
C LYS C 143 -15.44 -20.72 5.84
N ASN C 144 -15.70 -19.69 5.06
CA ASN C 144 -17.02 -19.53 4.44
C ASN C 144 -17.22 -20.56 3.34
N ARG C 145 -17.50 -21.79 3.75
CA ARG C 145 -17.82 -22.85 2.81
C ARG C 145 -18.90 -23.76 3.35
N MET C 146 -19.76 -24.24 2.45
CA MET C 146 -20.94 -25.03 2.82
C MET C 146 -20.82 -26.41 2.18
N ILE C 147 -21.20 -27.44 2.94
CA ILE C 147 -21.46 -28.75 2.38
C ILE C 147 -22.86 -29.24 2.74
N ARG C 148 -23.66 -29.48 1.71
CA ARG C 148 -24.94 -30.15 1.87
C ARG C 148 -24.96 -31.46 1.07
N LEU C 149 -25.20 -32.56 1.77
CA LEU C 149 -25.33 -33.87 1.14
C LEU C 149 -26.77 -34.19 0.87
N HIS C 150 -27.00 -35.02 -0.14
CA HIS C 150 -28.32 -35.53 -0.44
C HIS C 150 -28.27 -37.06 -0.45
N PRO C 151 -29.39 -37.70 -0.05
CA PRO C 151 -29.42 -39.16 -0.07
C PRO C 151 -29.09 -39.72 -1.45
N ASP C 152 -29.48 -38.99 -2.48
CA ASP C 152 -28.98 -39.20 -3.84
C ASP C 152 -27.47 -39.58 -3.88
N GLY C 153 -26.67 -38.94 -3.04
CA GLY C 153 -25.23 -38.88 -3.26
C GLY C 153 -24.76 -37.55 -3.84
N THR C 154 -25.69 -36.64 -4.11
CA THR C 154 -25.35 -35.35 -4.69
C THR C 154 -24.81 -34.41 -3.63
N VAL C 155 -23.72 -33.72 -3.96
CA VAL C 155 -23.06 -32.82 -3.04
C VAL C 155 -23.24 -31.38 -3.49
N LEU C 156 -23.48 -30.50 -2.52
CA LEU C 156 -23.54 -29.08 -2.78
C LEU C 156 -22.42 -28.36 -2.02
N TYR C 157 -21.46 -27.80 -2.76
CA TYR C 157 -20.23 -27.26 -2.17
C TYR C 157 -20.15 -25.80 -2.46
N GLY C 158 -20.57 -24.98 -1.51
CA GLY C 158 -20.59 -23.52 -1.69
C GLY C 158 -19.38 -22.81 -1.16
N LEU C 159 -18.89 -21.80 -1.89
CA LEU C 159 -17.79 -20.95 -1.39
C LEU C 159 -18.12 -19.49 -1.59
N ARG C 160 -17.72 -18.65 -0.65
CA ARG C 160 -17.73 -17.21 -0.86
C ARG C 160 -16.35 -16.71 -1.23
N ILE C 161 -16.21 -16.19 -2.44
CA ILE C 161 -14.90 -15.89 -2.98
C ILE C 161 -14.88 -14.44 -3.46
N THR C 162 -13.77 -13.76 -3.18
CA THR C 162 -13.46 -12.49 -3.86
C THR C 162 -12.25 -12.67 -4.75
N THR C 163 -12.41 -12.45 -6.04
CA THR C 163 -11.30 -12.51 -6.97
C THR C 163 -11.04 -11.14 -7.52
N THR C 164 -9.77 -10.81 -7.75
CA THR C 164 -9.43 -9.74 -8.68
C THR C 164 -8.83 -10.34 -9.94
N ALA C 165 -9.57 -10.21 -11.03
CA ALA C 165 -9.26 -10.90 -12.28
C ALA C 165 -8.88 -9.91 -13.38
N ALA C 166 -8.07 -10.35 -14.32
CA ALA C 166 -7.61 -9.48 -15.39
C ALA C 166 -8.75 -9.11 -16.33
N CYS C 167 -8.80 -7.84 -16.71
CA CYS C 167 -9.77 -7.38 -17.68
C CYS C 167 -9.09 -6.40 -18.60
N MET C 168 -8.44 -6.90 -19.64
CA MET C 168 -7.82 -6.05 -20.63
C MET C 168 -8.82 -5.06 -21.19
N MET C 169 -8.40 -3.79 -21.28
CA MET C 169 -9.32 -2.71 -21.54
C MET C 169 -8.93 -1.96 -22.79
N ASP C 170 -9.92 -1.65 -23.61
CA ASP C 170 -9.69 -0.86 -24.81
C ASP C 170 -10.07 0.58 -24.52
N LEU C 171 -9.09 1.37 -24.08
CA LEU C 171 -9.35 2.70 -23.61
C LEU C 171 -9.32 3.73 -24.74
N ARG C 172 -9.51 3.28 -25.96
CA ARG C 172 -9.43 4.18 -27.10
C ARG C 172 -10.54 5.21 -27.09
N ARG C 173 -11.75 4.80 -26.73
CA ARG C 173 -12.87 5.73 -26.64
C ARG C 173 -13.14 6.18 -25.21
N TYR C 174 -12.14 6.05 -24.35
CA TYR C 174 -12.25 6.54 -22.96
C TYR C 174 -12.41 8.05 -22.96
N PRO C 175 -13.29 8.60 -22.12
CA PRO C 175 -14.03 7.90 -21.08
C PRO C 175 -15.45 7.61 -21.51
N LEU C 176 -15.66 7.66 -22.81
CA LEU C 176 -16.92 7.31 -23.42
C LEU C 176 -16.91 5.87 -23.92
N ASP C 177 -16.33 4.99 -23.10
CA ASP C 177 -16.05 3.61 -23.48
C ASP C 177 -17.01 2.65 -22.80
N GLU C 178 -16.92 1.38 -23.20
CA GLU C 178 -17.35 0.27 -22.35
C GLU C 178 -16.41 -0.90 -22.48
N GLN C 179 -16.39 -1.75 -21.46
CA GLN C 179 -15.42 -2.84 -21.38
C GLN C 179 -16.13 -4.19 -21.19
N ASN C 180 -15.44 -5.27 -21.56
CA ASN C 180 -15.95 -6.63 -21.39
C ASN C 180 -15.03 -7.39 -20.43
N CYS C 181 -15.43 -7.45 -19.16
CA CYS C 181 -14.66 -8.14 -18.13
C CYS C 181 -15.19 -9.56 -17.92
N THR C 182 -14.29 -10.53 -17.80
CA THR C 182 -14.68 -11.93 -17.74
C THR C 182 -14.14 -12.64 -16.52
N LEU C 183 -14.74 -13.79 -16.22
CA LEU C 183 -14.25 -14.70 -15.23
C LEU C 183 -14.20 -16.07 -15.84
N GLU C 184 -13.00 -16.51 -16.22
CA GLU C 184 -12.81 -17.80 -16.86
C GLU C 184 -12.66 -18.89 -15.82
N ILE C 185 -13.58 -19.86 -15.85
CA ILE C 185 -13.60 -20.91 -14.85
C ILE C 185 -13.17 -22.21 -15.51
N GLU C 186 -12.17 -22.87 -14.92
CA GLU C 186 -11.62 -24.11 -15.49
C GLU C 186 -11.13 -25.04 -14.38
N SER C 187 -10.95 -26.32 -14.71
CA SER C 187 -10.30 -27.26 -13.79
C SER C 187 -8.82 -27.31 -14.06
N TYR C 188 -8.03 -27.41 -13.00
CA TYR C 188 -6.60 -27.26 -13.12
C TYR C 188 -5.93 -28.52 -13.68
N GLY C 189 -6.31 -29.68 -13.14
CA GLY C 189 -5.61 -30.95 -13.45
C GLY C 189 -6.41 -31.93 -14.31
N TYR C 190 -7.73 -31.92 -14.14
CA TYR C 190 -8.59 -32.97 -14.70
C TYR C 190 -9.04 -32.58 -16.10
N THR C 191 -8.84 -33.45 -17.08
CA THR C 191 -9.25 -33.17 -18.46
C THR C 191 -10.73 -33.49 -18.67
N THR C 192 -11.20 -33.31 -19.91
CA THR C 192 -12.58 -33.64 -20.27
C THR C 192 -12.87 -35.13 -20.12
N ASP C 193 -11.81 -35.94 -20.10
CA ASP C 193 -11.94 -37.37 -19.84
C ASP C 193 -12.36 -37.65 -18.40
N ASP C 194 -12.15 -36.69 -17.51
CA ASP C 194 -12.42 -36.91 -16.09
C ASP C 194 -13.47 -35.93 -15.53
N ILE C 195 -13.56 -34.73 -16.11
CA ILE C 195 -14.47 -33.69 -15.60
C ILE C 195 -15.24 -32.99 -16.72
N GLU C 196 -16.51 -32.71 -16.45
CA GLU C 196 -17.35 -31.85 -17.30
C GLU C 196 -17.86 -30.70 -16.46
N PHE C 197 -17.97 -29.53 -17.07
CA PHE C 197 -18.62 -28.38 -16.43
C PHE C 197 -19.89 -28.03 -17.17
N TYR C 198 -20.88 -27.54 -16.43
CA TYR C 198 -22.08 -27.00 -17.04
C TYR C 198 -22.71 -25.96 -16.16
N TRP C 199 -23.32 -24.95 -16.77
CA TRP C 199 -24.02 -23.92 -16.01
C TRP C 199 -25.35 -24.45 -15.51
N ARG C 200 -25.45 -24.63 -14.20
CA ARG C 200 -26.62 -25.25 -13.59
C ARG C 200 -27.83 -24.33 -13.68
N GLY C 201 -28.73 -24.64 -14.61
CA GLY C 201 -29.89 -23.78 -14.88
C GLY C 201 -29.74 -22.96 -16.14
N GLY C 202 -28.70 -23.24 -16.92
CA GLY C 202 -28.50 -22.62 -18.23
C GLY C 202 -28.29 -21.12 -18.13
N ASP C 203 -29.15 -20.37 -18.81
CA ASP C 203 -29.10 -18.92 -18.77
C ASP C 203 -29.27 -18.38 -17.34
N LYS C 204 -29.94 -19.16 -16.49
CA LYS C 204 -30.37 -18.67 -15.17
C LYS C 204 -29.41 -19.13 -14.08
N ALA C 205 -28.20 -19.52 -14.48
CA ALA C 205 -27.23 -20.08 -13.55
C ALA C 205 -26.56 -18.99 -12.70
N VAL C 206 -26.58 -17.76 -13.21
CA VAL C 206 -25.93 -16.65 -12.53
C VAL C 206 -26.93 -15.64 -12.00
N THR C 207 -26.73 -15.23 -10.76
CA THR C 207 -27.62 -14.27 -10.09
C THR C 207 -26.77 -13.13 -9.51
N GLY C 208 -27.38 -11.96 -9.37
CA GLY C 208 -26.78 -10.90 -8.56
C GLY C 208 -26.23 -9.73 -9.38
N VAL C 209 -26.25 -9.87 -10.70
CA VAL C 209 -25.86 -8.77 -11.58
C VAL C 209 -26.61 -7.47 -11.26
N GLU C 210 -27.81 -7.60 -10.69
CA GLU C 210 -28.63 -6.44 -10.34
C GLU C 210 -28.12 -5.78 -9.08
N ARG C 211 -27.37 -6.54 -8.30
CA ARG C 211 -26.88 -6.09 -7.00
C ARG C 211 -25.60 -5.28 -7.17
N ILE C 212 -24.98 -5.38 -8.33
CA ILE C 212 -23.73 -4.66 -8.58
C ILE C 212 -24.02 -3.17 -8.54
N GLU C 213 -23.26 -2.44 -7.72
CA GLU C 213 -23.49 -1.00 -7.51
C GLU C 213 -22.18 -0.29 -7.65
N LEU C 214 -21.84 0.09 -8.86
CA LEU C 214 -20.59 0.77 -9.09
C LEU C 214 -20.85 2.23 -9.34
N PRO C 215 -20.10 3.11 -8.67
CA PRO C 215 -20.23 4.53 -8.92
C PRO C 215 -19.92 4.91 -10.38
N GLN C 216 -18.96 4.21 -11.00
CA GLN C 216 -18.37 4.68 -12.25
C GLN C 216 -18.91 3.96 -13.47
N PHE C 217 -19.52 2.79 -13.27
CA PHE C 217 -20.01 1.98 -14.37
C PHE C 217 -21.48 1.61 -14.22
N SER C 218 -22.02 0.95 -15.25
CA SER C 218 -23.30 0.26 -15.15
C SER C 218 -23.30 -0.97 -16.07
N ILE C 219 -23.89 -2.05 -15.60
CA ILE C 219 -23.84 -3.33 -16.32
C ILE C 219 -24.93 -3.38 -17.38
N VAL C 220 -24.53 -3.34 -18.64
CA VAL C 220 -25.49 -3.28 -19.75
C VAL C 220 -26.05 -4.67 -20.05
N GLU C 221 -25.19 -5.68 -20.06
CA GLU C 221 -25.64 -7.08 -20.05
C GLU C 221 -24.55 -7.99 -19.46
N HIS C 222 -24.89 -9.27 -19.30
CA HIS C 222 -23.89 -10.30 -19.00
C HIS C 222 -24.15 -11.55 -19.83
N ARG C 223 -23.15 -12.40 -19.96
CA ARG C 223 -23.24 -13.58 -20.80
C ARG C 223 -22.56 -14.78 -20.18
N LEU C 224 -23.19 -15.95 -20.31
CA LEU C 224 -22.61 -17.21 -19.88
C LEU C 224 -22.17 -18.01 -21.10
N VAL C 225 -21.02 -18.67 -20.99
CA VAL C 225 -20.50 -19.46 -22.08
C VAL C 225 -19.97 -20.78 -21.56
N SER C 226 -20.02 -21.80 -22.40
CA SER C 226 -19.45 -23.10 -22.09
C SER C 226 -18.55 -23.54 -23.25
N ARG C 227 -17.30 -23.86 -22.95
CA ARG C 227 -16.34 -24.22 -24.01
C ARG C 227 -15.39 -25.30 -23.57
N ASN C 228 -14.74 -25.93 -24.54
CA ASN C 228 -13.59 -26.78 -24.29
C ASN C 228 -12.34 -26.19 -24.90
N VAL C 229 -11.34 -25.97 -24.06
CA VAL C 229 -10.08 -25.40 -24.50
C VAL C 229 -8.99 -26.45 -24.47
N VAL C 230 -8.06 -26.36 -25.42
CA VAL C 230 -7.06 -27.39 -25.61
C VAL C 230 -5.69 -26.85 -25.28
N PHE C 231 -5.04 -27.46 -24.32
CA PHE C 231 -3.63 -27.20 -24.07
C PHE C 231 -2.77 -28.39 -24.49
N ALA C 232 -1.45 -28.27 -24.27
CA ALA C 232 -0.49 -29.36 -24.49
C ALA C 232 -0.79 -30.58 -23.63
N THR C 233 -1.24 -30.35 -22.40
CA THR C 233 -1.49 -31.44 -21.47
C THR C 233 -2.89 -32.00 -21.63
N GLY C 234 -3.69 -31.40 -22.52
CA GLY C 234 -4.97 -31.99 -22.92
C GLY C 234 -6.09 -30.99 -23.02
N ALA C 235 -7.32 -31.49 -23.17
CA ALA C 235 -8.49 -30.63 -23.35
C ALA C 235 -9.29 -30.50 -22.06
N TYR C 236 -9.55 -29.26 -21.65
CA TYR C 236 -10.15 -28.97 -20.35
C TYR C 236 -11.48 -28.27 -20.55
N PRO C 237 -12.40 -28.41 -19.57
CA PRO C 237 -13.65 -27.68 -19.62
C PRO C 237 -13.50 -26.25 -19.09
N ARG C 238 -14.19 -25.31 -19.74
CA ARG C 238 -14.21 -23.94 -19.26
C ARG C 238 -15.60 -23.35 -19.29
N LEU C 239 -15.89 -22.54 -18.29
CA LEU C 239 -17.03 -21.65 -18.33
C LEU C 239 -16.57 -20.23 -18.23
N SER C 240 -17.17 -19.36 -19.04
CA SER C 240 -16.76 -17.96 -19.11
C SER C 240 -17.95 -17.08 -18.72
N LEU C 241 -17.83 -16.39 -17.59
CA LEU C 241 -18.77 -15.36 -17.23
C LEU C 241 -18.27 -14.01 -17.70
N SER C 242 -19.14 -13.23 -18.32
CA SER C 242 -18.75 -11.95 -18.91
C SER C 242 -19.69 -10.84 -18.47
N PHE C 243 -19.14 -9.65 -18.22
CA PHE C 243 -19.93 -8.45 -18.03
C PHE C 243 -19.58 -7.45 -19.11
N ARG C 244 -20.52 -6.56 -19.40
CA ARG C 244 -20.23 -5.39 -20.20
C ARG C 244 -20.46 -4.15 -19.38
N LEU C 245 -19.38 -3.42 -19.10
CA LEU C 245 -19.45 -2.25 -18.23
C LEU C 245 -19.49 -0.98 -19.05
N LYS C 246 -20.60 -0.24 -18.97
CA LYS C 246 -20.68 1.06 -19.60
C LYS C 246 -20.31 2.14 -18.58
N ARG C 247 -19.33 2.97 -18.94
CA ARG C 247 -18.78 3.96 -18.02
C ARG C 247 -19.67 5.19 -17.98
N ASN C 248 -19.98 5.64 -16.77
CA ASN C 248 -20.68 6.90 -16.56
C ASN C 248 -19.71 8.09 -16.66
N ILE C 249 -20.14 9.13 -17.36
CA ILE C 249 -19.26 10.22 -17.76
C ILE C 249 -19.31 11.38 -16.76
N GLY C 250 -20.23 11.31 -15.80
CA GLY C 250 -20.45 12.38 -14.84
C GLY C 250 -19.16 12.89 -14.24
N TYR C 251 -18.32 11.98 -13.78
CA TYR C 251 -17.08 12.34 -13.11
C TYR C 251 -16.17 13.14 -14.02
N PHE C 252 -16.22 12.84 -15.32
CA PHE C 252 -15.22 13.31 -16.26
C PHE C 252 -15.58 14.65 -16.83
N VAL C 253 -16.87 14.96 -16.92
CA VAL C 253 -17.30 16.29 -17.27
C VAL C 253 -16.91 17.29 -16.17
N ILE C 254 -17.15 16.89 -14.92
CA ILE C 254 -16.82 17.71 -13.76
C ILE C 254 -15.34 17.99 -13.72
N GLN C 255 -14.51 16.97 -13.97
CA GLN C 255 -13.10 17.09 -13.70
C GLN C 255 -12.25 17.46 -14.89
N THR C 256 -12.58 16.95 -16.06
CA THR C 256 -11.77 17.23 -17.22
C THR C 256 -12.41 18.01 -18.41
N TYR C 257 -13.72 17.88 -18.62
CA TYR C 257 -14.31 18.55 -19.74
C TYR C 257 -14.61 19.98 -19.40
N LEU C 258 -15.19 20.22 -18.24
CA LEU C 258 -15.46 21.58 -17.85
C LEU C 258 -14.19 22.40 -17.70
N PRO C 259 -13.17 21.86 -17.00
CA PRO C 259 -11.93 22.64 -16.92
C PRO C 259 -11.33 22.96 -18.27
N CYS C 260 -11.41 22.02 -19.19
CA CYS C 260 -10.88 22.26 -20.52
C CYS C 260 -11.72 23.28 -21.28
N ILE C 261 -13.05 23.10 -21.29
CA ILE C 261 -13.90 23.98 -22.07
C ILE C 261 -13.91 25.38 -21.49
N MET C 262 -13.79 25.49 -20.17
CA MET C 262 -13.76 26.78 -19.48
C MET C 262 -12.43 27.47 -19.68
N THR C 263 -11.37 26.68 -19.72
CA THR C 263 -10.05 27.22 -19.97
C THR C 263 -9.89 27.64 -21.44
N VAL C 264 -10.68 27.08 -22.33
CA VAL C 264 -10.72 27.54 -23.72
C VAL C 264 -11.51 28.83 -23.85
N ILE C 265 -12.64 28.89 -23.16
CA ILE C 265 -13.43 30.11 -23.08
C ILE C 265 -12.63 31.24 -22.47
N LEU C 266 -11.87 30.93 -21.42
CA LEU C 266 -11.04 31.94 -20.80
C LEU C 266 -10.05 32.53 -21.79
N SER C 267 -9.45 31.68 -22.63
CA SER C 267 -8.41 32.15 -23.57
C SER C 267 -8.96 33.19 -24.53
N GLN C 268 -10.25 33.07 -24.85
CA GLN C 268 -10.88 33.86 -25.89
C GLN C 268 -11.47 35.16 -25.33
N VAL C 269 -11.42 35.32 -24.02
CA VAL C 269 -11.76 36.59 -23.40
C VAL C 269 -10.71 37.65 -23.76
N SER C 270 -9.47 37.22 -23.98
CA SER C 270 -8.38 38.15 -24.24
C SER C 270 -8.62 38.94 -25.52
N PHE C 271 -9.51 38.43 -26.37
CA PHE C 271 -9.89 39.12 -27.59
C PHE C 271 -10.66 40.42 -27.31
N TRP C 272 -11.23 40.53 -26.13
CA TRP C 272 -12.08 41.67 -25.81
C TRP C 272 -11.31 42.72 -24.98
N LEU C 273 -10.00 42.57 -24.92
CA LEU C 273 -9.17 43.50 -24.18
C LEU C 273 -8.31 44.29 -25.12
N ASN C 274 -8.10 45.55 -24.77
CA ASN C 274 -7.35 46.47 -25.60
C ASN C 274 -6.00 45.90 -25.95
N ARG C 275 -5.61 46.00 -27.22
CA ARG C 275 -4.41 45.33 -27.72
C ARG C 275 -3.20 45.88 -27.04
N GLU C 276 -3.35 47.07 -26.47
CA GLU C 276 -2.22 47.83 -26.06
C GLU C 276 -1.76 47.43 -24.67
N SER C 277 -2.60 46.70 -23.94
CA SER C 277 -2.13 46.04 -22.73
C SER C 277 -1.46 44.76 -23.07
N VAL C 278 -0.25 44.87 -23.57
CA VAL C 278 0.47 43.71 -24.05
C VAL C 278 0.66 42.70 -22.94
N PRO C 279 1.08 43.16 -21.76
CA PRO C 279 1.25 42.22 -20.67
C PRO C 279 -0.03 41.53 -20.26
N ALA C 280 -1.14 42.27 -20.16
CA ALA C 280 -2.42 41.67 -19.80
C ALA C 280 -2.75 40.51 -20.72
N ARG C 281 -2.62 40.73 -22.02
CA ARG C 281 -3.05 39.74 -22.98
C ARG C 281 -2.06 38.61 -23.15
N THR C 282 -0.82 38.79 -22.69
CA THR C 282 0.13 37.66 -22.59
C THR C 282 -0.16 36.82 -21.38
N VAL C 283 -0.67 37.45 -20.33
CA VAL C 283 -1.12 36.71 -19.14
C VAL C 283 -2.24 35.73 -19.53
N PHE C 284 -3.24 36.22 -20.22
CA PHE C 284 -4.28 35.38 -20.76
C PHE C 284 -3.69 34.27 -21.65
N GLY C 285 -2.71 34.61 -22.46
CA GLY C 285 -2.12 33.64 -23.39
C GLY C 285 -1.34 32.54 -22.66
N VAL C 286 -0.39 32.95 -21.85
CA VAL C 286 0.53 32.03 -21.24
C VAL C 286 -0.19 31.18 -20.22
N THR C 287 -1.02 31.79 -19.37
CA THR C 287 -1.64 31.02 -18.28
C THR C 287 -2.60 29.95 -18.84
N THR C 288 -3.38 30.31 -19.86
CA THR C 288 -4.29 29.35 -20.48
C THR C 288 -3.56 28.22 -21.19
N VAL C 289 -2.39 28.50 -21.75
CA VAL C 289 -1.61 27.47 -22.43
C VAL C 289 -1.00 26.51 -21.41
N LEU C 290 -0.52 27.04 -20.30
CA LEU C 290 0.07 26.19 -19.29
C LEU C 290 -1.00 25.39 -18.56
N THR C 291 -2.13 26.02 -18.26
CA THR C 291 -3.21 25.26 -17.62
C THR C 291 -3.83 24.25 -18.58
N MET C 292 -3.48 24.31 -19.85
CA MET C 292 -3.93 23.29 -20.76
C MET C 292 -3.01 22.10 -20.75
N THR C 293 -1.72 22.34 -20.68
CA THR C 293 -0.75 21.24 -20.65
C THR C 293 -0.93 20.46 -19.35
N THR C 294 -1.19 21.17 -18.26
CA THR C 294 -1.28 20.50 -16.97
C THR C 294 -2.56 19.71 -16.86
N LEU C 295 -3.57 20.10 -17.61
CA LEU C 295 -4.76 19.26 -17.72
C LEU C 295 -4.46 18.00 -18.51
N SER C 296 -3.74 18.12 -19.62
CA SER C 296 -3.46 16.96 -20.45
C SER C 296 -2.53 15.97 -19.76
N ILE C 297 -1.66 16.47 -18.89
CA ILE C 297 -0.75 15.58 -18.17
C ILE C 297 -1.45 14.91 -16.99
N SER C 298 -2.17 15.69 -16.21
CA SER C 298 -2.84 15.15 -15.04
C SER C 298 -3.96 14.19 -15.43
N ALA C 299 -4.58 14.42 -16.59
CA ALA C 299 -5.61 13.52 -17.09
C ALA C 299 -5.03 12.19 -17.58
N ARG C 300 -3.81 12.25 -18.06
CA ARG C 300 -3.10 11.06 -18.52
C ARG C 300 -2.61 10.20 -17.35
N ASN C 301 -2.60 10.78 -16.15
CA ASN C 301 -1.94 10.17 -14.98
C ASN C 301 -2.86 9.19 -14.26
N SER C 302 -4.16 9.28 -14.52
CA SER C 302 -5.11 8.37 -13.89
C SER C 302 -5.27 7.06 -14.70
N LEU C 303 -4.52 6.94 -15.80
CA LEU C 303 -4.67 5.79 -16.72
C LEU C 303 -3.42 4.92 -16.74
N PRO C 304 -3.49 3.76 -17.40
CA PRO C 304 -2.27 3.01 -17.67
C PRO C 304 -1.46 3.64 -18.78
N LYS C 305 -0.21 3.24 -18.88
CA LYS C 305 0.72 3.87 -19.79
C LYS C 305 0.56 3.30 -21.19
N VAL C 306 -0.68 3.23 -21.66
CA VAL C 306 -0.98 2.80 -23.03
C VAL C 306 -0.40 3.78 -24.03
N ALA C 307 -0.06 3.30 -25.22
CA ALA C 307 0.69 4.13 -26.16
C ALA C 307 -0.22 4.78 -27.20
N TYR C 308 -1.53 4.50 -27.13
CA TYR C 308 -2.50 5.17 -28.03
C TYR C 308 -3.16 6.40 -27.39
N ALA C 309 -3.96 7.12 -28.19
CA ALA C 309 -4.64 8.32 -27.70
C ALA C 309 -6.10 8.03 -27.42
N THR C 310 -6.56 8.46 -26.26
CA THR C 310 -7.95 8.30 -25.89
C THR C 310 -8.79 9.41 -26.47
N ALA C 311 -10.10 9.20 -26.50
CA ALA C 311 -11.03 10.23 -26.97
C ALA C 311 -10.88 11.52 -26.18
N MET C 312 -10.56 11.40 -24.90
CA MET C 312 -10.28 12.56 -24.06
C MET C 312 -8.98 13.23 -24.46
N ASP C 313 -7.99 12.43 -24.86
CA ASP C 313 -6.69 12.96 -25.23
C ASP C 313 -6.79 13.85 -26.47
N TRP C 314 -7.63 13.44 -27.43
CA TRP C 314 -7.90 14.28 -28.59
C TRP C 314 -8.59 15.56 -28.17
N PHE C 315 -9.65 15.44 -27.40
CA PHE C 315 -10.39 16.62 -26.97
C PHE C 315 -9.45 17.61 -26.33
N ILE C 316 -8.57 17.12 -25.46
CA ILE C 316 -7.64 17.99 -24.78
C ILE C 316 -6.61 18.56 -25.75
N ALA C 317 -6.18 17.73 -26.70
CA ALA C 317 -5.22 18.18 -27.69
C ALA C 317 -5.81 19.30 -28.54
N VAL C 318 -7.04 19.11 -29.00
CA VAL C 318 -7.74 20.12 -29.74
C VAL C 318 -7.93 21.39 -28.91
N CYS C 319 -8.33 21.24 -27.65
CA CYS C 319 -8.42 22.39 -26.75
C CYS C 319 -7.09 23.13 -26.65
N TYR C 320 -5.98 22.39 -26.61
CA TYR C 320 -4.68 23.01 -26.65
C TYR C 320 -4.46 23.82 -27.91
N ALA C 321 -4.95 23.33 -29.04
CA ALA C 321 -4.85 24.09 -30.28
C ALA C 321 -5.56 25.43 -30.15
N PHE C 322 -6.74 25.42 -29.56
CA PHE C 322 -7.58 26.60 -29.51
C PHE C 322 -6.98 27.68 -28.59
N VAL C 323 -6.26 27.25 -27.56
CA VAL C 323 -5.60 28.21 -26.65
C VAL C 323 -4.24 28.66 -27.19
N PHE C 324 -3.49 27.76 -27.83
CA PHE C 324 -2.21 28.16 -28.41
C PHE C 324 -2.43 29.04 -29.60
N SER C 325 -3.52 28.79 -30.33
CA SER C 325 -3.90 29.64 -31.42
C SER C 325 -4.27 31.01 -30.91
N ALA C 326 -5.04 31.03 -29.85
CA ALA C 326 -5.44 32.29 -29.25
C ALA C 326 -4.24 33.15 -28.86
N LEU C 327 -3.12 32.51 -28.52
CA LEU C 327 -1.92 33.25 -28.17
C LEU C 327 -1.24 33.78 -29.41
N ILE C 328 -1.00 32.89 -30.34
CA ILE C 328 -0.37 33.27 -31.58
C ILE C 328 -1.16 34.40 -32.29
N GLU C 329 -2.48 34.34 -32.16
CA GLU C 329 -3.35 35.40 -32.66
C GLU C 329 -2.93 36.74 -32.09
N PHE C 330 -2.80 36.80 -30.77
CA PHE C 330 -2.41 38.04 -30.13
C PHE C 330 -1.02 38.44 -30.51
N ALA C 331 -0.12 37.47 -30.58
CA ALA C 331 1.25 37.78 -30.98
C ALA C 331 1.26 38.42 -32.36
N THR C 332 0.40 37.96 -33.24
CA THR C 332 0.23 38.60 -34.54
C THR C 332 -0.36 40.01 -34.45
N VAL C 333 -1.43 40.13 -33.69
CA VAL C 333 -2.02 41.44 -33.41
C VAL C 333 -0.96 42.42 -32.90
N ASN C 334 -0.11 41.96 -32.00
CA ASN C 334 0.92 42.80 -31.45
C ASN C 334 1.97 43.14 -32.49
N TYR C 335 2.13 42.29 -33.48
CA TYR C 335 3.11 42.54 -34.53
C TYR C 335 2.67 43.63 -35.51
N PHE C 336 1.36 43.85 -35.60
CA PHE C 336 0.82 44.88 -36.50
C PHE C 336 0.34 46.10 -35.74
N THR C 337 0.47 46.08 -34.42
CA THR C 337 -0.29 46.97 -33.57
C THR C 337 0.18 48.43 -33.71
N LYS C 338 1.37 48.63 -34.29
CA LYS C 338 1.83 50.00 -34.68
C LYS C 338 2.04 50.14 -36.18
N SER C 339 2.52 49.08 -36.82
CA SER C 339 2.65 49.04 -38.27
C SER C 339 1.34 49.38 -38.95
N GLN C 340 0.31 48.58 -38.66
CA GLN C 340 -0.95 48.69 -39.38
C GLN C 340 -2.11 48.53 -38.43
N PRO C 341 -2.30 49.51 -37.56
CA PRO C 341 -3.19 49.36 -36.41
C PRO C 341 -4.61 49.02 -36.82
N ALA C 342 -5.01 49.41 -38.01
CA ALA C 342 -6.35 49.09 -38.50
C ALA C 342 -6.51 47.58 -38.61
N ARG C 343 -5.48 46.94 -39.14
CA ARG C 343 -5.48 45.50 -39.43
C ARG C 343 -5.50 44.68 -38.13
N ALA C 344 -4.63 45.07 -37.23
CA ALA C 344 -4.53 44.42 -35.94
C ALA C 344 -5.86 44.40 -35.24
N ALA C 345 -6.58 45.51 -35.27
CA ALA C 345 -7.87 45.58 -34.61
C ALA C 345 -8.91 44.72 -35.34
N LYS C 346 -8.70 44.49 -36.64
CA LYS C 346 -9.64 43.67 -37.41
C LYS C 346 -9.41 42.22 -37.17
N ILE C 347 -8.14 41.85 -36.97
CA ILE C 347 -7.82 40.48 -36.54
C ILE C 347 -8.56 40.10 -35.27
N ASP C 348 -8.51 40.98 -34.29
CA ASP C 348 -9.27 40.76 -33.07
C ASP C 348 -10.76 40.63 -33.33
N LYS C 349 -11.30 41.57 -34.08
CA LYS C 349 -12.74 41.59 -34.30
C LYS C 349 -13.22 40.34 -35.05
N MET C 350 -12.37 39.79 -35.92
CA MET C 350 -12.66 38.49 -36.55
C MET C 350 -12.56 37.35 -35.54
N SER C 351 -11.44 37.33 -34.83
CA SER C 351 -11.17 36.29 -33.84
C SER C 351 -12.27 36.20 -32.80
N ARG C 352 -12.85 37.32 -32.45
CA ARG C 352 -13.85 37.35 -31.40
C ARG C 352 -15.06 36.54 -31.77
N ILE C 353 -15.21 36.25 -33.05
CA ILE C 353 -16.37 35.56 -33.53
C ILE C 353 -16.02 34.21 -34.15
N VAL C 354 -14.88 34.15 -34.86
CA VAL C 354 -14.42 32.90 -35.47
C VAL C 354 -14.07 31.84 -34.43
N PHE C 355 -13.37 32.25 -33.38
CA PHE C 355 -12.83 31.30 -32.42
C PHE C 355 -13.92 30.58 -31.66
N PRO C 356 -14.89 31.32 -31.10
CA PRO C 356 -15.96 30.63 -30.40
C PRO C 356 -16.83 29.78 -31.32
N ILE C 357 -17.08 30.24 -32.54
CA ILE C 357 -17.87 29.47 -33.49
C ILE C 357 -17.21 28.14 -33.85
N LEU C 358 -15.90 28.20 -34.13
CA LEU C 358 -15.14 26.99 -34.44
C LEU C 358 -15.11 26.03 -33.26
N PHE C 359 -14.88 26.55 -32.06
CA PHE C 359 -14.88 25.73 -30.86
C PHE C 359 -16.26 25.12 -30.59
N GLY C 360 -17.30 25.91 -30.84
CA GLY C 360 -18.67 25.45 -30.66
C GLY C 360 -19.04 24.34 -31.61
N THR C 361 -18.72 24.54 -32.89
CA THR C 361 -19.02 23.52 -33.89
C THR C 361 -18.11 22.28 -33.74
N PHE C 362 -16.87 22.48 -33.31
CA PHE C 362 -16.00 21.34 -32.98
C PHE C 362 -16.65 20.45 -31.91
N ASN C 363 -17.20 21.07 -30.86
CA ASN C 363 -17.83 20.30 -29.80
C ASN C 363 -18.99 19.49 -30.33
N LEU C 364 -19.79 20.10 -31.20
CA LEU C 364 -20.94 19.41 -31.74
C LEU C 364 -20.55 18.21 -32.61
N VAL C 365 -19.47 18.34 -33.34
CA VAL C 365 -18.96 17.20 -34.11
C VAL C 365 -18.31 16.14 -33.18
N TYR C 366 -17.49 16.56 -32.23
CA TYR C 366 -16.83 15.61 -31.33
C TYR C 366 -17.85 14.81 -30.54
N TRP C 367 -18.81 15.50 -29.92
CA TRP C 367 -19.78 14.81 -29.06
C TRP C 367 -20.70 13.87 -29.85
N ALA C 368 -21.16 14.32 -31.02
CA ALA C 368 -21.94 13.46 -31.92
C ALA C 368 -21.15 12.20 -32.30
N THR C 369 -19.88 12.39 -32.66
CA THR C 369 -19.01 11.27 -33.05
C THR C 369 -18.82 10.24 -31.93
N TYR C 370 -18.80 10.70 -30.69
CA TYR C 370 -18.49 9.80 -29.57
C TYR C 370 -19.68 9.53 -28.67
N LEU C 371 -20.90 9.79 -29.17
CA LEU C 371 -22.11 9.31 -28.48
C LEU C 371 -23.05 8.60 -29.45
N MET D 40 -13.15 -49.31 -9.56
CA MET D 40 -12.68 -48.32 -8.53
C MET D 40 -11.87 -49.01 -7.44
N SER D 41 -12.28 -50.22 -7.07
CA SER D 41 -11.68 -50.92 -5.93
C SER D 41 -10.25 -51.37 -6.25
N PHE D 42 -10.05 -52.00 -7.40
CA PHE D 42 -8.70 -52.46 -7.81
C PHE D 42 -7.70 -51.31 -7.83
N VAL D 43 -8.17 -50.13 -8.19
CA VAL D 43 -7.30 -49.00 -8.39
C VAL D 43 -6.89 -48.36 -7.04
N LYS D 44 -7.84 -48.29 -6.11
CA LYS D 44 -7.55 -47.74 -4.78
C LYS D 44 -6.40 -48.51 -4.11
N GLU D 45 -6.38 -49.83 -4.32
CA GLU D 45 -5.32 -50.68 -3.77
C GLU D 45 -3.98 -50.36 -4.42
N THR D 46 -3.95 -50.24 -5.76
CA THR D 46 -2.70 -49.98 -6.48
C THR D 46 -2.12 -48.64 -6.07
N VAL D 47 -2.99 -47.66 -5.81
CA VAL D 47 -2.55 -46.38 -5.29
C VAL D 47 -2.07 -46.51 -3.82
N ASP D 48 -2.86 -47.21 -3.00
CA ASP D 48 -2.51 -47.42 -1.59
C ASP D 48 -1.14 -48.06 -1.44
N LYS D 49 -0.84 -49.03 -2.32
CA LYS D 49 0.44 -49.74 -2.28
C LYS D 49 1.59 -48.84 -2.71
N LEU D 50 1.32 -47.94 -3.66
CA LEU D 50 2.29 -46.97 -4.08
C LEU D 50 2.83 -46.20 -2.90
N LEU D 51 1.94 -45.85 -1.98
CA LEU D 51 2.29 -44.95 -0.90
C LEU D 51 2.67 -45.70 0.39
N LYS D 52 2.45 -47.02 0.40
CA LYS D 52 2.99 -47.86 1.46
C LYS D 52 4.52 -47.88 1.42
N GLY D 53 5.14 -47.36 2.48
CA GLY D 53 6.58 -47.44 2.64
C GLY D 53 7.31 -46.37 1.89
N TYR D 54 6.58 -45.42 1.31
CA TYR D 54 7.16 -44.37 0.49
C TYR D 54 7.83 -43.32 1.38
N ASP D 55 9.14 -43.13 1.22
CA ASP D 55 9.85 -42.12 2.01
C ASP D 55 10.04 -40.84 1.19
N ILE D 56 9.34 -39.77 1.58
CA ILE D 56 9.42 -38.50 0.85
C ILE D 56 10.79 -37.85 1.00
N ARG D 57 11.58 -38.37 1.95
CA ARG D 57 12.89 -37.79 2.26
C ARG D 57 13.91 -38.16 1.22
N LEU D 58 13.64 -39.23 0.49
CA LEU D 58 14.58 -39.74 -0.47
C LEU D 58 14.13 -39.42 -1.88
N ARG D 59 15.03 -38.85 -2.66
CA ARG D 59 14.79 -38.66 -4.09
C ARG D 59 14.74 -39.98 -4.82
N PRO D 60 14.30 -39.95 -6.08
CA PRO D 60 14.43 -41.12 -6.91
C PRO D 60 15.87 -41.49 -7.16
N ASP D 61 16.16 -42.79 -7.12
CA ASP D 61 17.52 -43.28 -7.25
C ASP D 61 18.44 -42.65 -6.21
N PHE D 62 18.11 -42.84 -4.93
CA PHE D 62 18.68 -41.99 -3.87
C PHE D 62 20.20 -41.99 -3.89
N GLY D 63 20.79 -43.17 -3.92
CA GLY D 63 22.23 -43.28 -3.95
C GLY D 63 22.79 -43.22 -5.36
N GLY D 64 21.90 -43.31 -6.35
CA GLY D 64 22.31 -43.58 -7.71
C GLY D 64 22.53 -42.31 -8.51
N PRO D 65 22.31 -42.39 -9.84
CA PRO D 65 22.51 -41.22 -10.68
C PRO D 65 21.53 -40.11 -10.36
N PRO D 66 21.83 -38.90 -10.83
CA PRO D 66 20.94 -37.79 -10.60
C PRO D 66 19.60 -37.96 -11.30
N VAL D 67 18.59 -37.21 -10.85
CA VAL D 67 17.26 -37.27 -11.44
C VAL D 67 17.14 -36.24 -12.54
N CYS D 68 16.91 -36.70 -13.77
CA CYS D 68 16.61 -35.77 -14.85
C CYS D 68 15.19 -35.22 -14.71
N VAL D 69 15.11 -33.91 -14.48
CA VAL D 69 13.85 -33.20 -14.32
C VAL D 69 13.59 -32.31 -15.53
N GLY D 70 12.43 -32.51 -16.15
CA GLY D 70 12.05 -31.78 -17.35
C GLY D 70 11.14 -30.61 -17.04
N MET D 71 11.52 -29.43 -17.52
CA MET D 71 10.79 -28.21 -17.26
C MET D 71 9.95 -27.82 -18.47
N ASN D 72 8.81 -27.20 -18.20
CA ASN D 72 7.88 -26.84 -19.22
C ASN D 72 7.05 -25.67 -18.69
N ILE D 73 7.15 -24.51 -19.36
CA ILE D 73 6.45 -23.30 -18.91
C ILE D 73 5.43 -22.82 -19.94
N ASP D 74 4.24 -22.50 -19.46
CA ASP D 74 3.22 -21.87 -20.28
C ASP D 74 2.87 -20.54 -19.66
N ILE D 75 3.34 -19.46 -20.29
CA ILE D 75 3.18 -18.13 -19.72
C ILE D 75 1.75 -17.68 -19.89
N ALA D 76 1.18 -17.17 -18.81
CA ALA D 76 -0.17 -16.67 -18.85
C ALA D 76 -0.16 -15.19 -19.14
N SER D 77 0.77 -14.47 -18.49
CA SER D 77 0.77 -13.01 -18.54
C SER D 77 1.98 -12.45 -17.83
N ILE D 78 2.45 -11.29 -18.31
CA ILE D 78 3.25 -10.41 -17.48
C ILE D 78 2.42 -9.22 -17.04
N ASP D 79 2.21 -9.10 -15.72
CA ASP D 79 1.13 -8.24 -15.21
C ASP D 79 1.61 -6.81 -14.99
N MET D 80 2.91 -6.61 -14.92
CA MET D 80 3.49 -5.36 -14.39
C MET D 80 5.00 -5.33 -14.62
N VAL D 81 5.53 -4.15 -14.93
CA VAL D 81 6.98 -3.99 -15.05
C VAL D 81 7.38 -2.71 -14.39
N SER D 82 8.17 -2.78 -13.34
CA SER D 82 8.44 -1.61 -12.52
C SER D 82 9.89 -1.14 -12.73
N GLU D 83 10.04 0.07 -13.26
CA GLU D 83 11.35 0.67 -13.43
C GLU D 83 11.83 1.16 -12.11
N VAL D 84 10.89 1.47 -11.23
CA VAL D 84 11.20 2.07 -9.92
C VAL D 84 11.82 1.03 -9.00
N ASN D 85 11.24 -0.15 -9.00
CA ASN D 85 11.70 -1.25 -8.16
C ASN D 85 12.55 -2.22 -8.97
N MET D 86 12.66 -1.98 -10.26
CA MET D 86 13.43 -2.86 -11.15
C MET D 86 13.07 -4.32 -10.90
N ASP D 87 11.77 -4.58 -11.06
CA ASP D 87 11.26 -5.92 -11.08
C ASP D 87 10.13 -6.01 -12.11
N TYR D 88 9.64 -7.22 -12.34
CA TYR D 88 8.44 -7.43 -13.11
C TYR D 88 7.65 -8.56 -12.49
N THR D 89 6.37 -8.56 -12.70
CA THR D 89 5.53 -9.58 -12.17
C THR D 89 5.02 -10.50 -13.29
N LEU D 90 5.22 -11.80 -13.10
CA LEU D 90 4.97 -12.81 -14.12
C LEU D 90 4.00 -13.87 -13.61
N THR D 91 3.13 -14.35 -14.48
CA THR D 91 2.22 -15.46 -14.13
C THR D 91 2.37 -16.58 -15.15
N MET D 92 2.57 -17.79 -14.66
CA MET D 92 2.88 -18.92 -15.52
C MET D 92 2.27 -20.20 -14.99
N TYR D 93 2.11 -21.17 -15.88
CA TYR D 93 1.99 -22.55 -15.52
C TYR D 93 3.34 -23.24 -15.57
N PHE D 94 3.79 -23.73 -14.42
CA PHE D 94 5.11 -24.30 -14.28
C PHE D 94 5.02 -25.81 -14.09
N GLN D 95 5.32 -26.54 -15.16
CA GLN D 95 5.16 -28.00 -15.18
C GLN D 95 6.51 -28.70 -15.08
N GLN D 96 6.57 -29.76 -14.26
CA GLN D 96 7.78 -30.54 -14.10
C GLN D 96 7.50 -32.02 -14.34
N TYR D 97 8.37 -32.66 -15.14
CA TYR D 97 8.28 -34.11 -15.38
C TYR D 97 9.53 -34.79 -14.86
N TRP D 98 9.33 -35.79 -14.01
CA TRP D 98 10.43 -36.68 -13.61
C TRP D 98 9.90 -38.10 -13.39
N ARG D 99 10.81 -39.04 -13.13
CA ARG D 99 10.46 -40.45 -13.04
C ARG D 99 10.83 -41.02 -11.68
N ASP D 100 9.82 -41.40 -10.91
CA ASP D 100 10.01 -42.08 -9.62
C ASP D 100 9.52 -43.50 -9.75
N LYS D 101 10.44 -44.46 -9.80
CA LYS D 101 10.08 -45.84 -10.10
C LYS D 101 9.17 -46.42 -9.01
N ARG D 102 9.21 -45.81 -7.84
CA ARG D 102 8.34 -46.18 -6.74
C ARG D 102 6.87 -45.91 -7.03
N LEU D 103 6.58 -45.18 -8.10
CA LEU D 103 5.21 -44.81 -8.43
C LEU D 103 4.73 -45.47 -9.72
N ALA D 104 5.31 -46.62 -10.04
CA ALA D 104 4.91 -47.37 -11.21
C ALA D 104 3.70 -48.22 -10.88
N TYR D 105 2.78 -48.36 -11.84
CA TYR D 105 1.68 -49.31 -11.73
C TYR D 105 1.46 -50.04 -13.05
N SER D 106 1.49 -51.36 -13.00
CA SER D 106 1.54 -52.15 -14.21
C SER D 106 0.12 -52.47 -14.70
N GLY D 107 -0.78 -52.74 -13.76
CA GLY D 107 -2.11 -53.26 -14.09
C GLY D 107 -2.91 -52.32 -14.97
N ILE D 108 -2.87 -51.04 -14.65
CA ILE D 108 -3.77 -50.07 -15.26
C ILE D 108 -3.16 -49.49 -16.54
N PRO D 109 -4.00 -49.29 -17.58
CA PRO D 109 -3.48 -48.93 -18.89
C PRO D 109 -3.65 -47.45 -19.24
N LEU D 110 -3.77 -46.60 -18.22
CA LEU D 110 -4.05 -45.17 -18.45
C LEU D 110 -3.35 -44.28 -17.41
N ASN D 111 -3.27 -42.98 -17.71
CA ASN D 111 -2.60 -42.02 -16.82
C ASN D 111 -3.52 -41.55 -15.74
N LEU D 112 -3.03 -41.56 -14.50
CA LEU D 112 -3.89 -41.31 -13.34
C LEU D 112 -3.71 -39.88 -12.87
N THR D 113 -4.76 -39.08 -13.03
CA THR D 113 -4.81 -37.79 -12.38
C THR D 113 -5.44 -37.93 -10.97
N LEU D 114 -4.62 -37.68 -9.97
CA LEU D 114 -5.04 -37.80 -8.59
C LEU D 114 -5.23 -36.41 -8.01
N ASP D 115 -5.92 -36.34 -6.86
CA ASP D 115 -6.12 -35.05 -6.19
C ASP D 115 -4.80 -34.36 -5.88
N ASN D 116 -4.80 -33.03 -5.97
CA ASN D 116 -3.57 -32.24 -5.81
C ASN D 116 -2.90 -32.55 -4.46
N ARG D 117 -3.69 -33.00 -3.48
CA ARG D 117 -3.22 -33.15 -2.11
C ARG D 117 -2.22 -34.32 -1.96
N VAL D 118 -2.04 -35.09 -3.01
CA VAL D 118 -1.07 -36.16 -3.01
C VAL D 118 0.36 -35.63 -2.97
N ALA D 119 0.55 -34.43 -3.50
CA ALA D 119 1.87 -33.86 -3.56
C ALA D 119 2.49 -33.82 -2.18
N ASP D 120 1.66 -33.58 -1.17
CA ASP D 120 2.14 -33.42 0.21
C ASP D 120 2.77 -34.72 0.73
N GLN D 121 2.41 -35.84 0.08
CA GLN D 121 2.88 -37.14 0.49
C GLN D 121 3.69 -37.76 -0.64
N LEU D 122 4.23 -36.92 -1.50
CA LEU D 122 5.19 -37.34 -2.52
C LEU D 122 6.49 -36.58 -2.39
N TRP D 123 7.53 -37.09 -3.01
CA TRP D 123 8.73 -36.31 -3.23
C TRP D 123 8.60 -35.51 -4.49
N VAL D 124 8.91 -34.21 -4.37
CA VAL D 124 8.96 -33.30 -5.49
C VAL D 124 10.29 -32.56 -5.50
N PRO D 125 10.75 -32.17 -6.70
CA PRO D 125 12.03 -31.46 -6.77
C PRO D 125 11.97 -30.07 -6.10
N ASP D 126 13.08 -29.67 -5.48
CA ASP D 126 13.15 -28.43 -4.72
C ASP D 126 13.49 -27.24 -5.62
N THR D 127 12.72 -27.12 -6.70
CA THR D 127 12.95 -26.06 -7.67
C THR D 127 12.43 -24.73 -7.14
N TYR D 128 13.29 -23.71 -7.18
CA TYR D 128 12.92 -22.32 -6.83
C TYR D 128 13.42 -21.36 -7.90
N PHE D 129 13.02 -20.09 -7.77
CA PHE D 129 13.43 -19.07 -8.74
C PHE D 129 14.46 -18.14 -8.11
N LEU D 130 15.67 -18.20 -8.61
CA LEU D 130 16.81 -17.62 -7.92
C LEU D 130 16.62 -16.12 -7.69
N ASN D 131 15.96 -15.47 -8.63
CA ASN D 131 15.94 -14.01 -8.68
C ASN D 131 14.57 -13.42 -8.31
N ASP D 132 13.77 -14.19 -7.58
CA ASP D 132 12.41 -13.75 -7.25
C ASP D 132 12.40 -12.99 -5.95
N LYS D 133 11.58 -11.95 -5.88
CA LYS D 133 11.43 -11.15 -4.68
C LYS D 133 10.28 -11.69 -3.83
N LYS D 134 9.17 -12.03 -4.49
CA LYS D 134 8.02 -12.62 -3.83
C LYS D 134 7.24 -13.37 -4.84
N SER D 135 7.04 -14.66 -4.59
CA SER D 135 6.26 -15.52 -5.47
C SER D 135 5.21 -16.24 -4.67
N PHE D 136 4.11 -16.61 -5.31
CA PHE D 136 3.11 -17.39 -4.65
C PHE D 136 2.36 -18.28 -5.61
N VAL D 137 1.77 -19.34 -5.07
CA VAL D 137 1.05 -20.32 -5.85
C VAL D 137 -0.43 -20.14 -5.61
N HIS D 138 -1.19 -19.99 -6.67
CA HIS D 138 -2.60 -19.63 -6.53
C HIS D 138 -3.37 -20.71 -5.73
N GLY D 139 -4.40 -20.27 -5.00
CA GLY D 139 -5.00 -21.10 -3.95
C GLY D 139 -6.48 -21.40 -4.18
N VAL D 140 -7.11 -20.66 -5.08
CA VAL D 140 -8.55 -20.74 -5.21
C VAL D 140 -8.90 -21.44 -6.53
N THR D 141 -9.83 -22.41 -6.50
CA THR D 141 -10.58 -22.78 -5.28
C THR D 141 -9.82 -23.79 -4.44
N VAL D 142 -9.00 -24.59 -5.09
CA VAL D 142 -8.04 -25.45 -4.40
C VAL D 142 -6.64 -25.03 -4.79
N LYS D 143 -5.66 -25.40 -3.99
CA LYS D 143 -4.28 -25.13 -4.34
C LYS D 143 -4.04 -25.47 -5.82
N ASN D 144 -3.71 -24.48 -6.64
CA ASN D 144 -3.60 -24.71 -8.08
C ASN D 144 -2.38 -25.53 -8.41
N ARG D 145 -2.49 -26.84 -8.18
CA ARG D 145 -1.44 -27.76 -8.57
C ARG D 145 -2.02 -29.08 -9.09
N MET D 146 -1.33 -29.67 -10.07
CA MET D 146 -1.77 -30.91 -10.68
C MET D 146 -0.71 -31.98 -10.46
N ILE D 147 -1.17 -33.20 -10.16
CA ILE D 147 -0.33 -34.38 -10.28
C ILE D 147 -0.96 -35.43 -11.19
N ARG D 148 -0.26 -35.73 -12.27
CA ARG D 148 -0.63 -36.81 -13.15
C ARG D 148 0.45 -37.90 -13.16
N LEU D 149 0.05 -39.11 -12.79
CA LEU D 149 0.95 -40.25 -12.81
C LEU D 149 0.80 -41.01 -14.10
N HIS D 150 1.88 -41.68 -14.46
CA HIS D 150 1.87 -42.59 -15.60
C HIS D 150 2.30 -43.97 -15.13
N PRO D 151 1.77 -45.03 -15.77
CA PRO D 151 2.17 -46.38 -15.38
C PRO D 151 3.68 -46.57 -15.45
N ASP D 152 4.31 -45.88 -16.40
CA ASP D 152 5.75 -45.69 -16.43
C ASP D 152 6.36 -45.48 -15.01
N GLY D 153 5.68 -44.73 -14.17
CA GLY D 153 6.30 -44.11 -13.00
C GLY D 153 6.61 -42.63 -13.18
N THR D 154 6.34 -42.10 -14.37
CA THR D 154 6.63 -40.70 -14.66
C THR D 154 5.56 -39.80 -14.06
N VAL D 155 6.02 -38.71 -13.45
CA VAL D 155 5.15 -37.77 -12.76
C VAL D 155 5.08 -36.46 -13.50
N LEU D 156 3.89 -35.89 -13.59
CA LEU D 156 3.69 -34.57 -14.12
C LEU D 156 3.14 -33.63 -13.04
N TYR D 157 3.95 -32.65 -12.63
CA TYR D 157 3.63 -31.83 -11.45
C TYR D 157 3.52 -30.38 -11.88
N GLY D 158 2.28 -29.95 -12.09
CA GLY D 158 2.02 -28.58 -12.58
C GLY D 158 1.69 -27.61 -11.45
N LEU D 159 2.22 -26.40 -11.56
CA LEU D 159 1.84 -25.31 -10.64
C LEU D 159 1.49 -24.05 -11.42
N ARG D 160 0.51 -23.32 -10.92
CA ARG D 160 0.28 -21.96 -11.38
C ARG D 160 0.92 -20.94 -10.43
N ILE D 161 1.90 -20.22 -10.93
CA ILE D 161 2.72 -19.38 -10.07
C ILE D 161 2.75 -17.97 -10.63
N THR D 162 2.65 -16.98 -9.74
CA THR D 162 3.00 -15.59 -10.07
C THR D 162 4.23 -15.18 -9.29
N THR D 163 5.28 -14.81 -10.02
CA THR D 163 6.48 -14.30 -9.38
C THR D 163 6.63 -12.85 -9.72
N THR D 164 7.14 -12.06 -8.77
CA THR D 164 7.78 -10.81 -9.12
C THR D 164 9.28 -10.96 -8.92
N ALA D 165 10.00 -10.89 -10.04
CA ALA D 165 11.44 -11.19 -10.07
C ALA D 165 12.24 -9.94 -10.41
N ALA D 166 13.48 -9.89 -9.94
CA ALA D 166 14.32 -8.75 -10.19
C ALA D 166 14.72 -8.67 -11.67
N CYS D 167 14.67 -7.45 -12.21
CA CYS D 167 15.12 -7.22 -13.55
C CYS D 167 15.87 -5.91 -13.57
N MET D 168 17.16 -5.98 -13.28
CA MET D 168 18.03 -4.82 -13.37
C MET D 168 17.92 -4.17 -14.73
N MET D 169 17.78 -2.84 -14.73
CA MET D 169 17.43 -2.12 -15.94
C MET D 169 18.49 -1.11 -16.29
N ASP D 170 18.80 -1.03 -17.58
CA ASP D 170 19.71 -0.01 -18.06
C ASP D 170 18.91 1.14 -18.64
N LEU D 171 18.60 2.12 -17.80
CA LEU D 171 17.69 3.20 -18.19
C LEU D 171 18.42 4.35 -18.87
N ARG D 172 19.61 4.09 -19.40
CA ARG D 172 20.39 5.16 -20.00
C ARG D 172 19.74 5.68 -21.27
N ARG D 173 19.16 4.80 -22.08
CA ARG D 173 18.45 5.24 -23.29
C ARG D 173 16.94 5.33 -23.10
N TYR D 174 16.50 5.41 -21.84
CA TYR D 174 15.09 5.60 -21.51
C TYR D 174 14.61 6.93 -22.07
N PRO D 175 13.40 7.00 -22.65
CA PRO D 175 12.43 5.90 -22.71
C PRO D 175 12.45 5.24 -24.06
N LEU D 176 13.56 5.44 -24.77
CA LEU D 176 13.80 4.78 -26.03
C LEU D 176 14.67 3.54 -25.85
N ASP D 177 14.36 2.78 -24.80
CA ASP D 177 15.21 1.68 -24.34
C ASP D 177 14.59 0.35 -24.67
N GLU D 178 15.34 -0.73 -24.40
CA GLU D 178 14.75 -2.05 -24.14
C GLU D 178 15.49 -2.75 -23.02
N GLN D 179 14.81 -3.71 -22.39
CA GLN D 179 15.34 -4.39 -21.22
C GLN D 179 15.35 -5.92 -21.42
N ASN D 180 16.23 -6.60 -20.67
CA ASN D 180 16.31 -8.08 -20.70
C ASN D 180 15.97 -8.60 -19.32
N CYS D 181 14.72 -9.02 -19.15
CA CYS D 181 14.24 -9.57 -17.87
C CYS D 181 14.30 -11.09 -17.86
N THR D 182 14.76 -11.67 -16.77
CA THR D 182 14.98 -13.12 -16.72
C THR D 182 14.26 -13.79 -15.57
N LEU D 183 14.14 -15.11 -15.68
CA LEU D 183 13.66 -15.95 -14.61
C LEU D 183 14.62 -17.09 -14.44
N GLU D 184 15.45 -17.00 -13.43
CA GLU D 184 16.48 -18.02 -13.17
C GLU D 184 15.89 -19.16 -12.35
N ILE D 185 15.91 -20.36 -12.90
CA ILE D 185 15.32 -21.51 -12.25
C ILE D 185 16.41 -22.44 -11.77
N GLU D 186 16.40 -22.78 -10.48
CA GLU D 186 17.45 -23.63 -9.90
C GLU D 186 16.87 -24.51 -8.79
N SER D 187 17.59 -25.56 -8.41
CA SER D 187 17.23 -26.35 -7.24
C SER D 187 17.96 -25.81 -6.03
N TYR D 188 17.27 -25.81 -4.89
CA TYR D 188 17.79 -25.15 -3.72
C TYR D 188 18.88 -25.98 -3.03
N GLY D 189 18.61 -27.28 -2.85
CA GLY D 189 19.47 -28.14 -2.01
C GLY D 189 20.28 -29.19 -2.77
N TYR D 190 19.71 -29.68 -3.87
CA TYR D 190 20.27 -30.86 -4.56
C TYR D 190 21.28 -30.42 -5.60
N THR D 191 22.49 -30.98 -5.56
CA THR D 191 23.53 -30.63 -6.53
C THR D 191 23.35 -31.41 -7.84
N THR D 192 24.26 -31.20 -8.78
CA THR D 192 24.25 -31.92 -10.06
C THR D 192 24.46 -33.43 -9.85
N ASP D 193 25.01 -33.80 -8.70
CA ASP D 193 25.15 -35.19 -8.33
C ASP D 193 23.81 -35.85 -8.03
N ASP D 194 22.79 -35.05 -7.78
CA ASP D 194 21.48 -35.60 -7.39
C ASP D 194 20.35 -35.17 -8.37
N ILE D 195 20.50 -34.00 -8.99
CA ILE D 195 19.46 -33.46 -9.88
C ILE D 195 20.04 -32.89 -11.17
N GLU D 196 19.32 -33.12 -12.27
CA GLU D 196 19.60 -32.47 -13.55
C GLU D 196 18.35 -31.76 -14.02
N PHE D 197 18.54 -30.61 -14.68
CA PHE D 197 17.42 -29.91 -15.31
C PHE D 197 17.56 -29.93 -16.82
N TYR D 198 16.44 -29.96 -17.52
CA TYR D 198 16.45 -29.78 -18.97
C TYR D 198 15.15 -29.18 -19.45
N TRP D 199 15.23 -28.36 -20.49
CA TRP D 199 14.03 -27.78 -21.08
C TRP D 199 13.29 -28.81 -21.90
N ARG D 200 12.12 -29.21 -21.43
CA ARG D 200 11.36 -30.29 -22.07
C ARG D 200 10.78 -29.82 -23.41
N GLY D 201 11.41 -30.24 -24.51
CA GLY D 201 11.04 -29.76 -25.85
C GLY D 201 12.00 -28.73 -26.41
N GLY D 202 13.10 -28.49 -25.69
CA GLY D 202 14.18 -27.62 -26.18
C GLY D 202 13.74 -26.19 -26.35
N ASP D 203 13.87 -25.68 -27.57
CA ASP D 203 13.43 -24.32 -27.89
C ASP D 203 11.93 -24.14 -27.59
N LYS D 204 11.17 -25.23 -27.68
CA LYS D 204 9.71 -25.16 -27.66
C LYS D 204 9.17 -25.46 -26.28
N ALA D 205 10.03 -25.33 -25.27
CA ALA D 205 9.68 -25.70 -23.90
C ALA D 205 8.83 -24.63 -23.25
N VAL D 206 8.91 -23.40 -23.77
CA VAL D 206 8.17 -22.28 -23.22
C VAL D 206 7.11 -21.79 -24.18
N THR D 207 5.91 -21.58 -23.66
CA THR D 207 4.75 -21.15 -24.45
C THR D 207 4.13 -19.92 -23.81
N GLY D 208 3.47 -19.08 -24.59
CA GLY D 208 2.60 -18.04 -24.02
C GLY D 208 3.15 -16.64 -24.16
N VAL D 209 4.39 -16.53 -24.62
CA VAL D 209 4.99 -15.22 -24.93
C VAL D 209 4.09 -14.36 -25.82
N GLU D 210 3.23 -15.02 -26.60
CA GLU D 210 2.33 -14.34 -27.53
C GLU D 210 1.16 -13.73 -26.77
N ARG D 211 0.90 -14.29 -25.60
CA ARG D 211 -0.25 -13.92 -24.80
C ARG D 211 0.06 -12.69 -23.97
N ILE D 212 1.35 -12.38 -23.82
CA ILE D 212 1.76 -11.22 -23.02
C ILE D 212 1.21 -9.95 -23.68
N GLU D 213 0.51 -9.14 -22.89
CA GLU D 213 -0.15 -7.95 -23.40
C GLU D 213 0.20 -6.79 -22.51
N LEU D 214 1.29 -6.12 -22.79
CA LEU D 214 1.70 -5.00 -21.99
C LEU D 214 1.42 -3.72 -22.72
N PRO D 215 0.78 -2.75 -22.04
CA PRO D 215 0.52 -1.47 -22.69
C PRO D 215 1.80 -0.73 -23.09
N GLN D 216 2.87 -0.89 -22.29
CA GLN D 216 4.05 -0.04 -22.37
C GLN D 216 5.20 -0.69 -23.10
N PHE D 217 5.16 -2.01 -23.24
CA PHE D 217 6.26 -2.75 -23.88
C PHE D 217 5.77 -3.62 -25.03
N SER D 218 6.71 -4.25 -25.72
CA SER D 218 6.41 -5.36 -26.62
C SER D 218 7.58 -6.34 -26.62
N ILE D 219 7.27 -7.63 -26.65
CA ILE D 219 8.29 -8.66 -26.52
C ILE D 219 8.91 -8.96 -27.88
N VAL D 220 10.17 -8.59 -28.04
CA VAL D 220 10.84 -8.70 -29.34
C VAL D 220 11.30 -10.14 -29.57
N GLU D 221 11.87 -10.75 -28.53
CA GLU D 221 12.20 -12.18 -28.55
C GLU D 221 12.26 -12.74 -27.12
N HIS D 222 12.40 -14.05 -27.02
CA HIS D 222 12.74 -14.71 -25.75
C HIS D 222 13.76 -15.80 -25.97
N ARG D 223 14.43 -16.21 -24.90
CA ARG D 223 15.52 -17.15 -25.00
C ARG D 223 15.56 -18.11 -23.83
N LEU D 224 15.84 -19.38 -24.12
CA LEU D 224 15.99 -20.41 -23.09
C LEU D 224 17.45 -20.80 -22.97
N VAL D 225 17.90 -21.02 -21.75
CA VAL D 225 19.28 -21.36 -21.49
C VAL D 225 19.37 -22.49 -20.48
N SER D 226 20.43 -23.29 -20.57
CA SER D 226 20.70 -24.35 -19.63
C SER D 226 22.14 -24.25 -19.18
N ARG D 227 22.35 -24.19 -17.86
CA ARG D 227 23.69 -23.96 -17.31
C ARG D 227 23.90 -24.74 -16.04
N ASN D 228 25.16 -24.90 -15.68
CA ASN D 228 25.53 -25.35 -14.34
C ASN D 228 26.31 -24.26 -13.64
N VAL D 229 25.81 -23.83 -12.49
CA VAL D 229 26.45 -22.77 -11.73
C VAL D 229 27.07 -23.34 -10.47
N VAL D 230 28.19 -22.74 -10.07
CA VAL D 230 29.00 -23.30 -9.00
C VAL D 230 29.00 -22.37 -7.81
N PHE D 231 28.53 -22.88 -6.68
CA PHE D 231 28.68 -22.18 -5.41
C PHE D 231 29.69 -22.90 -4.51
N ALA D 232 29.87 -22.38 -3.30
CA ALA D 232 30.71 -23.02 -2.28
C ALA D 232 30.20 -24.41 -1.88
N THR D 233 28.88 -24.56 -1.84
CA THR D 233 28.29 -25.82 -1.41
C THR D 233 28.15 -26.80 -2.57
N GLY D 234 28.50 -26.35 -3.77
CA GLY D 234 28.65 -27.26 -4.92
C GLY D 234 28.06 -26.71 -6.20
N ALA D 235 27.94 -27.58 -7.21
CA ALA D 235 27.44 -27.17 -8.51
C ALA D 235 25.97 -27.56 -8.70
N TYR D 236 25.15 -26.59 -9.09
CA TYR D 236 23.72 -26.79 -9.18
C TYR D 236 23.27 -26.57 -10.62
N PRO D 237 22.14 -27.18 -11.01
CA PRO D 237 21.59 -26.96 -12.33
C PRO D 237 20.76 -25.68 -12.38
N ARG D 238 20.84 -24.95 -13.50
CA ARG D 238 20.00 -23.77 -13.69
C ARG D 238 19.41 -23.72 -15.08
N LEU D 239 18.18 -23.25 -15.16
CA LEU D 239 17.59 -22.84 -16.41
C LEU D 239 17.23 -21.39 -16.36
N SER D 240 17.51 -20.66 -17.43
CA SER D 240 17.31 -19.22 -17.46
C SER D 240 16.34 -18.86 -18.58
N LEU D 241 15.17 -18.37 -18.23
CA LEU D 241 14.24 -17.81 -19.21
C LEU D 241 14.43 -16.31 -19.30
N SER D 242 14.51 -15.79 -20.52
CA SER D 242 14.80 -14.36 -20.75
C SER D 242 13.77 -13.74 -21.71
N PHE D 243 13.38 -12.52 -21.45
CA PHE D 243 12.60 -11.73 -22.39
C PHE D 243 13.37 -10.49 -22.77
N ARG D 244 13.07 -9.96 -23.95
CA ARG D 244 13.53 -8.64 -24.34
C ARG D 244 12.36 -7.71 -24.55
N LEU D 245 12.24 -6.71 -23.70
CA LEU D 245 11.09 -5.81 -23.73
C LEU D 245 11.47 -4.51 -24.44
N LYS D 246 10.85 -4.24 -25.58
CA LYS D 246 11.04 -2.95 -26.25
C LYS D 246 9.93 -2.00 -25.82
N ARG D 247 10.31 -0.82 -25.32
CA ARG D 247 9.37 0.13 -24.73
C ARG D 247 8.70 0.94 -25.82
N ASN D 248 7.38 1.03 -25.75
CA ASN D 248 6.60 1.92 -26.62
C ASN D 248 6.64 3.35 -26.09
N ILE D 249 6.83 4.30 -27.00
CA ILE D 249 7.15 5.68 -26.62
C ILE D 249 5.89 6.54 -26.55
N GLY D 250 4.75 5.98 -26.99
CA GLY D 250 3.52 6.74 -27.10
C GLY D 250 3.21 7.55 -25.84
N TYR D 251 3.29 6.90 -24.70
CA TYR D 251 2.95 7.54 -23.44
C TYR D 251 3.85 8.73 -23.16
N PHE D 252 5.11 8.63 -23.58
CA PHE D 252 6.14 9.57 -23.16
C PHE D 252 6.18 10.81 -24.03
N VAL D 253 5.79 10.67 -25.29
CA VAL D 253 5.60 11.83 -26.14
C VAL D 253 4.48 12.71 -25.61
N ILE D 254 3.37 12.06 -25.30
CA ILE D 254 2.17 12.74 -24.81
C ILE D 254 2.45 13.43 -23.50
N GLN D 255 3.16 12.77 -22.60
CA GLN D 255 3.30 13.29 -21.27
C GLN D 255 4.51 14.15 -21.10
N THR D 256 5.50 14.00 -21.97
CA THR D 256 6.73 14.77 -21.77
C THR D 256 7.30 15.49 -23.00
N TYR D 257 7.43 14.80 -24.12
CA TYR D 257 8.10 15.41 -25.25
C TYR D 257 7.29 16.54 -25.82
N LEU D 258 5.99 16.35 -25.93
CA LEU D 258 5.17 17.43 -26.39
C LEU D 258 5.15 18.61 -25.43
N PRO D 259 4.99 18.34 -24.12
CA PRO D 259 5.07 19.50 -23.20
C PRO D 259 6.41 20.21 -23.28
N CYS D 260 7.49 19.48 -23.45
CA CYS D 260 8.80 20.11 -23.57
C CYS D 260 8.92 20.89 -24.89
N ILE D 261 8.57 20.26 -26.00
CA ILE D 261 8.72 20.87 -27.31
C ILE D 261 7.81 22.10 -27.43
N MET D 262 6.62 22.02 -26.84
CA MET D 262 5.66 23.11 -26.91
C MET D 262 6.06 24.23 -25.99
N THR D 263 6.66 23.89 -24.86
CA THR D 263 7.13 24.88 -23.94
C THR D 263 8.38 25.58 -24.48
N VAL D 264 9.12 24.93 -25.38
CA VAL D 264 10.23 25.59 -26.07
C VAL D 264 9.73 26.53 -27.16
N ILE D 265 8.74 26.07 -27.91
CA ILE D 265 8.08 26.90 -28.91
C ILE D 265 7.45 28.11 -28.24
N LEU D 266 6.83 27.92 -27.09
CA LEU D 266 6.24 29.04 -26.38
C LEU D 266 7.27 30.10 -26.05
N SER D 267 8.45 29.68 -25.62
CA SER D 267 9.48 30.64 -25.18
C SER D 267 9.89 31.56 -26.32
N GLN D 268 9.82 31.04 -27.55
CA GLN D 268 10.35 31.74 -28.72
C GLN D 268 9.28 32.61 -29.38
N VAL D 269 8.06 32.56 -28.87
CA VAL D 269 7.04 33.52 -29.29
C VAL D 269 7.39 34.90 -28.81
N SER D 270 8.09 34.98 -27.67
CA SER D 270 8.39 36.27 -27.04
C SER D 270 9.26 37.13 -27.96
N PHE D 271 9.89 36.50 -28.93
CA PHE D 271 10.70 37.22 -29.91
C PHE D 271 9.85 38.10 -30.84
N TRP D 272 8.56 37.80 -30.93
CA TRP D 272 7.68 38.51 -31.87
C TRP D 272 6.86 39.60 -31.15
N LEU D 273 7.24 39.91 -29.92
CA LEU D 273 6.52 40.90 -29.14
C LEU D 273 7.38 42.09 -28.92
N ASN D 274 6.78 43.28 -28.93
CA ASN D 274 7.56 44.51 -28.87
C ASN D 274 8.41 44.51 -27.61
N ARG D 275 9.68 44.87 -27.75
CA ARG D 275 10.63 44.72 -26.66
C ARG D 275 10.31 45.65 -25.55
N GLU D 276 9.43 46.59 -25.81
CA GLU D 276 9.18 47.64 -24.85
C GLU D 276 8.15 47.22 -23.81
N SER D 277 7.42 46.14 -24.05
CA SER D 277 6.66 45.52 -22.99
C SER D 277 7.53 44.63 -22.20
N VAL D 278 8.35 45.24 -21.36
CA VAL D 278 9.33 44.50 -20.61
C VAL D 278 8.66 43.45 -19.74
N PRO D 279 7.58 43.84 -19.04
CA PRO D 279 6.91 42.85 -18.21
C PRO D 279 6.34 41.68 -19.01
N ALA D 280 5.70 41.95 -20.15
CA ALA D 280 5.15 40.89 -20.98
C ALA D 280 6.21 39.86 -21.30
N ARG D 281 7.37 40.33 -21.75
CA ARG D 281 8.40 39.44 -22.23
C ARG D 281 9.19 38.77 -21.11
N THR D 282 9.10 39.30 -19.89
CA THR D 282 9.62 38.58 -18.72
C THR D 282 8.67 37.50 -18.27
N VAL D 283 7.38 37.71 -18.48
CA VAL D 283 6.39 36.68 -18.21
C VAL D 283 6.66 35.44 -19.08
N PHE D 284 6.83 35.67 -20.38
CA PHE D 284 7.24 34.60 -21.28
C PHE D 284 8.53 33.94 -20.79
N GLY D 285 9.48 34.74 -20.33
CA GLY D 285 10.78 34.19 -19.93
C GLY D 285 10.68 33.34 -18.67
N VAL D 286 10.13 33.91 -17.62
CA VAL D 286 10.13 33.28 -16.34
C VAL D 286 9.22 32.06 -16.35
N THR D 287 8.02 32.19 -16.91
CA THR D 287 7.07 31.08 -16.84
C THR D 287 7.59 29.87 -17.64
N THR D 288 8.16 30.09 -18.82
CA THR D 288 8.73 29.00 -19.61
C THR D 288 9.93 28.33 -18.93
N VAL D 289 10.71 29.10 -18.19
CA VAL D 289 11.85 28.53 -17.49
C VAL D 289 11.40 27.67 -16.31
N LEU D 290 10.38 28.14 -15.60
CA LEU D 290 9.89 27.38 -14.47
C LEU D 290 9.13 26.16 -14.93
N THR D 291 8.32 26.29 -15.99
CA THR D 291 7.64 25.10 -16.50
C THR D 291 8.60 24.11 -17.13
N MET D 292 9.84 24.50 -17.32
CA MET D 292 10.82 23.57 -17.82
C MET D 292 11.43 22.79 -16.69
N THR D 293 11.70 23.45 -15.57
CA THR D 293 12.29 22.78 -14.41
C THR D 293 11.29 21.76 -13.87
N THR D 294 10.01 22.14 -13.86
CA THR D 294 9.00 21.26 -13.28
C THR D 294 8.74 20.08 -14.16
N LEU D 295 8.98 20.20 -15.44
CA LEU D 295 8.95 19.06 -16.30
C LEU D 295 10.11 18.12 -16.03
N SER D 296 11.30 18.67 -15.86
CA SER D 296 12.49 17.86 -15.63
C SER D 296 12.43 17.14 -14.29
N ILE D 297 11.79 17.75 -13.31
CA ILE D 297 11.69 17.14 -12.00
C ILE D 297 10.59 16.08 -11.97
N SER D 298 9.43 16.41 -12.52
CA SER D 298 8.32 15.48 -12.50
C SER D 298 8.60 14.27 -13.38
N ALA D 299 9.37 14.45 -14.43
CA ALA D 299 9.75 13.34 -15.31
C ALA D 299 10.78 12.43 -14.63
N ARG D 300 11.58 13.00 -13.76
CA ARG D 300 12.57 12.23 -13.00
C ARG D 300 11.90 11.41 -11.87
N ASN D 301 10.65 11.74 -11.55
CA ASN D 301 9.98 11.20 -10.37
C ASN D 301 9.33 9.85 -10.64
N SER D 302 9.18 9.50 -11.90
CA SER D 302 8.60 8.19 -12.25
C SER D 302 9.68 7.09 -12.29
N LEU D 303 10.93 7.44 -12.00
CA LEU D 303 12.06 6.52 -12.20
C LEU D 303 12.72 6.18 -10.88
N PRO D 304 13.65 5.21 -10.89
CA PRO D 304 14.49 5.00 -9.72
C PRO D 304 15.55 6.06 -9.62
N LYS D 305 16.15 6.16 -8.44
CA LYS D 305 17.06 7.26 -8.14
C LYS D 305 18.45 6.94 -8.68
N VAL D 306 18.51 6.49 -9.94
CA VAL D 306 19.80 6.21 -10.60
C VAL D 306 20.63 7.48 -10.73
N ALA D 307 21.94 7.32 -10.79
CA ALA D 307 22.82 8.46 -10.72
C ALA D 307 23.27 8.93 -12.12
N TYR D 308 22.86 8.22 -13.17
CA TYR D 308 23.13 8.65 -14.55
C TYR D 308 21.96 9.44 -15.18
N ALA D 309 22.19 9.97 -16.37
CA ALA D 309 21.18 10.74 -17.07
C ALA D 309 20.58 9.90 -18.19
N THR D 310 19.27 9.92 -18.27
CA THR D 310 18.56 9.22 -19.34
C THR D 310 18.53 10.06 -20.62
N ALA D 311 18.21 9.41 -21.72
CA ALA D 311 18.07 10.10 -22.99
C ALA D 311 17.02 11.21 -22.93
N MET D 312 15.99 10.98 -22.12
CA MET D 312 14.98 12.01 -21.86
C MET D 312 15.55 13.15 -21.03
N ASP D 313 16.45 12.83 -20.11
CA ASP D 313 17.01 13.84 -19.24
C ASP D 313 17.86 14.83 -20.05
N TRP D 314 18.60 14.34 -21.04
CA TRP D 314 19.30 15.22 -21.96
C TRP D 314 18.34 16.08 -22.73
N PHE D 315 17.34 15.46 -23.35
CA PHE D 315 16.37 16.19 -24.14
C PHE D 315 15.80 17.34 -23.32
N ILE D 316 15.42 17.04 -22.10
CA ILE D 316 14.84 18.05 -21.24
C ILE D 316 15.89 19.11 -20.85
N ALA D 317 17.11 18.66 -20.61
CA ALA D 317 18.18 19.58 -20.28
C ALA D 317 18.45 20.54 -21.42
N VAL D 318 18.53 20.03 -22.63
CA VAL D 318 18.70 20.85 -23.80
C VAL D 318 17.53 21.80 -23.97
N CYS D 319 16.30 21.31 -23.80
CA CYS D 319 15.13 22.18 -23.83
C CYS D 319 15.24 23.30 -22.80
N TYR D 320 15.75 23.00 -21.63
CA TYR D 320 16.01 24.03 -20.63
C TYR D 320 16.98 25.08 -21.15
N ALA D 321 18.00 24.65 -21.89
CA ALA D 321 18.93 25.60 -22.46
C ALA D 321 18.20 26.56 -23.40
N PHE D 322 17.30 26.03 -24.22
CA PHE D 322 16.67 26.82 -25.26
C PHE D 322 15.70 27.88 -24.68
N VAL D 323 15.13 27.57 -23.53
CA VAL D 323 14.24 28.53 -22.84
C VAL D 323 15.01 29.51 -21.98
N PHE D 324 16.08 29.05 -21.32
CA PHE D 324 16.87 29.95 -20.51
C PHE D 324 17.64 30.90 -21.41
N SER D 325 18.03 30.42 -22.57
CA SER D 325 18.68 31.26 -23.54
C SER D 325 17.72 32.30 -24.04
N ALA D 326 16.51 31.87 -24.33
CA ALA D 326 15.49 32.79 -24.80
C ALA D 326 15.25 33.94 -23.81
N LEU D 327 15.47 33.68 -22.52
CA LEU D 327 15.30 34.72 -21.52
C LEU D 327 16.49 35.65 -21.52
N ILE D 328 17.67 35.08 -21.44
CA ILE D 328 18.88 35.86 -21.45
C ILE D 328 18.97 36.73 -22.72
N GLU D 329 18.46 36.20 -23.83
CA GLU D 329 18.34 36.95 -25.07
C GLU D 329 17.58 38.24 -24.84
N PHE D 330 16.41 38.13 -24.22
CA PHE D 330 15.58 39.30 -23.99
C PHE D 330 16.24 40.23 -23.01
N ALA D 331 16.85 39.67 -21.98
CA ALA D 331 17.55 40.51 -21.01
C ALA D 331 18.61 41.35 -21.69
N THR D 332 19.29 40.76 -22.67
CA THR D 332 20.25 41.51 -23.48
C THR D 332 19.57 42.58 -24.35
N VAL D 333 18.53 42.18 -25.04
CA VAL D 333 17.74 43.11 -25.82
C VAL D 333 17.28 44.31 -24.97
N ASN D 334 16.86 44.04 -23.74
CA ASN D 334 16.41 45.10 -22.86
C ASN D 334 17.57 45.97 -22.42
N TYR D 335 18.78 45.41 -22.42
CA TYR D 335 19.96 46.18 -22.02
C TYR D 335 20.40 47.19 -23.10
N PHE D 336 20.01 46.94 -24.34
CA PHE D 336 20.36 47.83 -25.44
C PHE D 336 19.17 48.66 -25.91
N THR D 337 18.02 48.47 -25.28
CA THR D 337 16.76 48.85 -25.87
C THR D 337 16.60 50.38 -25.92
N LYS D 338 17.42 51.11 -25.17
CA LYS D 338 17.49 52.58 -25.29
C LYS D 338 18.86 53.08 -25.74
N SER D 339 19.92 52.41 -25.28
CA SER D 339 21.29 52.70 -25.73
C SER D 339 21.39 52.64 -27.22
N GLN D 340 21.05 51.49 -27.79
CA GLN D 340 21.26 51.24 -29.21
C GLN D 340 20.10 50.48 -29.80
N PRO D 341 18.95 51.14 -29.89
CA PRO D 341 17.71 50.48 -30.19
C PRO D 341 17.75 49.72 -31.51
N ALA D 342 18.60 50.15 -32.43
CA ALA D 342 18.75 49.46 -33.70
C ALA D 342 19.26 48.04 -33.48
N ARG D 343 20.24 47.92 -32.58
CA ARG D 343 20.94 46.67 -32.30
C ARG D 343 20.00 45.68 -31.59
N ALA D 344 19.31 46.20 -30.58
CA ALA D 344 18.37 45.41 -29.83
C ALA D 344 17.34 44.79 -30.74
N ALA D 345 16.83 45.55 -31.70
CA ALA D 345 15.83 45.02 -32.63
C ALA D 345 16.43 44.00 -33.57
N LYS D 346 17.75 44.08 -33.80
CA LYS D 346 18.40 43.13 -34.68
C LYS D 346 18.67 41.84 -33.99
N ILE D 347 18.96 41.92 -32.69
CA ILE D 347 19.08 40.71 -31.89
C ILE D 347 17.80 39.89 -31.94
N ASP D 348 16.67 40.54 -31.75
CA ASP D 348 15.40 39.87 -31.91
C ASP D 348 15.23 39.27 -33.30
N LYS D 349 15.47 40.07 -34.33
CA LYS D 349 15.25 39.61 -35.68
C LYS D 349 16.14 38.42 -36.03
N MET D 350 17.35 38.36 -35.46
CA MET D 350 18.22 37.16 -35.61
C MET D 350 17.65 35.99 -34.82
N SER D 351 17.34 36.24 -33.55
CA SER D 351 16.82 35.20 -32.66
C SER D 351 15.57 34.56 -33.22
N ARG D 352 14.75 35.33 -33.90
CA ARG D 352 13.49 34.83 -34.40
C ARG D 352 13.69 33.73 -35.41
N ILE D 353 14.90 33.63 -35.93
CA ILE D 353 15.20 32.66 -36.97
C ILE D 353 16.25 31.66 -36.53
N VAL D 354 17.24 32.12 -35.77
CA VAL D 354 18.29 31.23 -35.26
C VAL D 354 17.73 30.17 -34.28
N PHE D 355 16.86 30.62 -33.36
CA PHE D 355 16.43 29.77 -32.27
C PHE D 355 15.60 28.60 -32.76
N PRO D 356 14.58 28.86 -33.59
CA PRO D 356 13.80 27.75 -34.10
C PRO D 356 14.60 26.80 -35.00
N ILE D 357 15.50 27.34 -35.81
CA ILE D 357 16.31 26.50 -36.68
C ILE D 357 17.22 25.56 -35.88
N LEU D 358 17.87 26.11 -34.85
CA LEU D 358 18.72 25.31 -33.98
C LEU D 358 17.93 24.24 -33.23
N PHE D 359 16.77 24.62 -32.69
CA PHE D 359 15.91 23.66 -32.01
C PHE D 359 15.41 22.59 -32.97
N GLY D 360 15.08 22.99 -34.19
CA GLY D 360 14.62 22.06 -35.21
C GLY D 360 15.67 21.05 -35.61
N THR D 361 16.88 21.55 -35.88
CA THR D 361 17.97 20.66 -36.25
C THR D 361 18.47 19.82 -35.06
N PHE D 362 18.43 20.37 -33.85
CA PHE D 362 18.70 19.57 -32.66
C PHE D 362 17.78 18.34 -32.56
N ASN D 363 16.49 18.55 -32.81
CA ASN D 363 15.53 17.46 -32.75
C ASN D 363 15.89 16.39 -33.77
N LEU D 364 16.24 16.81 -34.97
CA LEU D 364 16.54 15.87 -36.03
C LEU D 364 17.79 15.05 -35.71
N VAL D 365 18.78 15.65 -35.07
CA VAL D 365 19.95 14.88 -34.63
C VAL D 365 19.63 13.99 -33.43
N TYR D 366 18.91 14.51 -32.44
CA TYR D 366 18.58 13.71 -31.26
C TYR D 366 17.76 12.50 -31.64
N TRP D 367 16.70 12.70 -32.42
CA TRP D 367 15.78 11.60 -32.74
C TRP D 367 16.45 10.54 -33.65
N ALA D 368 17.23 11.00 -34.62
CA ALA D 368 18.02 10.08 -35.45
C ALA D 368 18.98 9.25 -34.60
N THR D 369 19.67 9.91 -33.67
CA THR D 369 20.63 9.23 -32.78
C THR D 369 19.96 8.17 -31.90
N TYR D 370 18.72 8.40 -31.49
CA TYR D 370 18.07 7.51 -30.53
C TYR D 370 16.95 6.68 -31.15
N LEU D 371 16.93 6.56 -32.47
CA LEU D 371 15.98 5.65 -33.14
C LEU D 371 16.69 4.74 -34.18
N PHE E 42 18.36 -50.18 1.98
CA PHE E 42 19.30 -50.06 3.13
C PHE E 42 19.22 -48.66 3.75
N VAL E 43 19.02 -47.67 2.91
CA VAL E 43 19.20 -46.30 3.34
C VAL E 43 17.96 -45.80 4.09
N LYS E 44 16.78 -46.20 3.62
CA LYS E 44 15.51 -45.81 4.28
C LYS E 44 15.52 -46.21 5.75
N GLU E 45 16.07 -47.40 6.01
CA GLU E 45 16.16 -47.91 7.38
C GLU E 45 17.10 -47.05 8.23
N THR E 46 18.29 -46.75 7.68
CA THR E 46 19.30 -45.98 8.42
C THR E 46 18.78 -44.59 8.75
N VAL E 47 18.00 -44.01 7.83
CA VAL E 47 17.36 -42.73 8.09
C VAL E 47 16.23 -42.89 9.12
N ASP E 48 15.39 -43.92 8.94
CA ASP E 48 14.28 -44.16 9.86
C ASP E 48 14.75 -44.34 11.30
N LYS E 49 15.90 -45.02 11.46
CA LYS E 49 16.47 -45.25 12.80
C LYS E 49 17.02 -43.97 13.40
N LEU E 50 17.58 -43.11 12.55
CA LEU E 50 18.04 -41.80 12.99
C LEU E 50 16.93 -41.06 13.69
N LEU E 51 15.72 -41.14 13.13
CA LEU E 51 14.60 -40.35 13.59
C LEU E 51 13.72 -41.11 14.58
N LYS E 52 13.96 -42.41 14.72
CA LYS E 52 13.31 -43.16 15.80
C LYS E 52 13.82 -42.69 17.17
N GLY E 53 12.91 -42.12 17.96
CA GLY E 53 13.23 -41.74 19.34
C GLY E 53 13.94 -40.40 19.42
N TYR E 54 14.01 -39.69 18.29
CA TYR E 54 14.61 -38.37 18.25
C TYR E 54 13.66 -37.35 18.88
N ASP E 55 14.11 -36.69 19.94
CA ASP E 55 13.32 -35.64 20.57
C ASP E 55 13.77 -34.26 20.09
N ILE E 56 12.91 -33.60 19.30
CA ILE E 56 13.24 -32.29 18.74
C ILE E 56 13.33 -31.22 19.83
N ARG E 57 12.86 -31.54 21.03
CA ARG E 57 12.79 -30.59 22.12
C ARG E 57 14.17 -30.40 22.76
N LEU E 58 15.04 -31.35 22.53
CA LEU E 58 16.35 -31.32 23.13
C LEU E 58 17.39 -30.96 22.09
N ARG E 59 18.23 -29.98 22.43
CA ARG E 59 19.39 -29.67 21.61
C ARG E 59 20.41 -30.79 21.65
N PRO E 60 21.41 -30.72 20.76
CA PRO E 60 22.54 -31.62 20.89
C PRO E 60 23.30 -31.38 22.17
N ASP E 61 23.74 -32.47 22.80
CA ASP E 61 24.43 -32.40 24.07
C ASP E 61 23.57 -31.68 25.11
N PHE E 62 22.36 -32.19 25.37
CA PHE E 62 21.32 -31.38 26.02
C PHE E 62 21.79 -30.80 27.35
N GLY E 63 22.34 -31.63 28.21
CA GLY E 63 22.82 -31.18 29.50
C GLY E 63 24.26 -30.69 29.41
N GLY E 64 24.90 -30.96 28.29
CA GLY E 64 26.36 -30.86 28.20
C GLY E 64 26.80 -29.51 27.68
N PRO E 65 27.93 -29.48 26.96
CA PRO E 65 28.49 -28.23 26.49
C PRO E 65 27.59 -27.56 25.46
N PRO E 66 27.82 -26.27 25.20
CA PRO E 66 27.00 -25.59 24.23
C PRO E 66 27.26 -26.10 22.82
N VAL E 67 26.31 -25.84 21.92
CA VAL E 67 26.43 -26.24 20.53
C VAL E 67 27.10 -25.15 19.73
N CYS E 68 28.28 -25.43 19.19
CA CYS E 68 28.91 -24.52 18.24
C CYS E 68 28.16 -24.53 16.92
N VAL E 69 27.58 -23.38 16.58
CA VAL E 69 26.84 -23.20 15.35
C VAL E 69 27.62 -22.26 14.42
N GLY E 70 27.88 -22.74 13.22
CA GLY E 70 28.66 -21.99 12.24
C GLY E 70 27.75 -21.28 11.25
N MET E 71 27.96 -19.97 11.11
CA MET E 71 27.16 -19.15 10.23
C MET E 71 27.88 -18.87 8.93
N ASN E 72 27.10 -18.76 7.88
CA ASN E 72 27.64 -18.60 6.56
C ASN E 72 26.58 -17.91 5.70
N ILE E 73 26.88 -16.69 5.24
CA ILE E 73 25.91 -15.88 4.49
C ILE E 73 26.38 -15.61 3.08
N ASP E 74 25.48 -15.80 2.13
CA ASP E 74 25.73 -15.44 0.75
C ASP E 74 24.68 -14.46 0.32
N ILE E 75 25.06 -13.20 0.20
CA ILE E 75 24.12 -12.14 -0.08
C ILE E 75 23.69 -12.19 -1.53
N ALA E 76 22.39 -12.14 -1.76
CA ALA E 76 21.87 -12.17 -3.10
C ALA E 76 21.68 -10.76 -3.61
N SER E 77 21.18 -9.88 -2.74
CA SER E 77 20.79 -8.53 -3.15
C SER E 77 20.35 -7.71 -1.97
N ILE E 78 20.58 -6.40 -2.05
CA ILE E 78 19.81 -5.45 -1.26
C ILE E 78 18.81 -4.74 -2.16
N ASP E 79 17.52 -4.93 -1.88
CA ASP E 79 16.48 -4.62 -2.86
C ASP E 79 16.02 -3.17 -2.74
N MET E 80 16.32 -2.53 -1.61
CA MET E 80 15.69 -1.25 -1.24
C MET E 80 16.35 -0.67 0.01
N VAL E 81 16.45 0.65 0.07
CA VAL E 81 16.91 1.33 1.26
C VAL E 81 16.04 2.53 1.52
N SER E 82 15.35 2.54 2.65
CA SER E 82 14.35 3.57 2.91
C SER E 82 14.86 4.54 3.99
N GLU E 83 15.05 5.80 3.60
CA GLU E 83 15.43 6.84 4.55
C GLU E 83 14.23 7.23 5.36
N VAL E 84 13.04 7.03 4.78
CA VAL E 84 11.80 7.46 5.38
C VAL E 84 11.43 6.55 6.54
N ASN E 85 11.60 5.25 6.33
CA ASN E 85 11.28 4.25 7.35
C ASN E 85 12.54 3.79 8.06
N MET E 86 13.70 4.29 7.62
CA MET E 86 14.98 3.93 8.21
C MET E 86 15.09 2.41 8.35
N ASP E 87 14.92 1.74 7.22
CA ASP E 87 15.19 0.34 7.08
C ASP E 87 15.82 0.06 5.72
N TYR E 88 16.24 -1.17 5.53
CA TYR E 88 16.64 -1.66 4.22
C TYR E 88 16.16 -3.07 4.06
N THR E 89 15.94 -3.47 2.84
CA THR E 89 15.46 -4.78 2.57
C THR E 89 16.57 -5.63 1.90
N LEU E 90 16.82 -6.80 2.49
CA LEU E 90 17.99 -7.62 2.18
C LEU E 90 17.53 -9.02 1.79
N THR E 91 18.21 -9.63 0.83
CA THR E 91 17.95 -11.03 0.47
C THR E 91 19.26 -11.80 0.53
N MET E 92 19.23 -12.93 1.24
CA MET E 92 20.44 -13.71 1.48
C MET E 92 20.16 -15.19 1.48
N TYR E 93 21.21 -15.97 1.26
CA TYR E 93 21.23 -17.35 1.65
C TYR E 93 21.88 -17.49 3.01
N PHE E 94 21.11 -17.99 3.98
CA PHE E 94 21.55 -18.07 5.36
C PHE E 94 21.79 -19.53 5.73
N GLN E 95 23.07 -19.91 5.78
CA GLN E 95 23.45 -21.31 6.02
C GLN E 95 23.98 -21.49 7.44
N GLN E 96 23.56 -22.58 8.08
CA GLN E 96 24.01 -22.91 9.41
C GLN E 96 24.57 -24.32 9.46
N TYR E 97 25.75 -24.47 10.08
CA TYR E 97 26.35 -25.80 10.30
C TYR E 97 26.45 -26.07 11.78
N TRP E 98 25.90 -27.18 12.22
CA TRP E 98 26.14 -27.68 13.56
C TRP E 98 26.22 -29.22 13.58
N ARG E 99 26.54 -29.77 14.74
CA ARG E 99 26.79 -31.20 14.85
C ARG E 99 25.83 -31.85 15.86
N ASP E 100 24.96 -32.70 15.35
CA ASP E 100 24.05 -33.47 16.18
C ASP E 100 24.43 -34.94 16.09
N LYS E 101 25.03 -35.47 17.16
CA LYS E 101 25.61 -36.80 17.12
C LYS E 101 24.53 -37.85 16.90
N ARG E 102 23.29 -37.48 17.22
CA ARG E 102 22.13 -38.34 16.98
C ARG E 102 21.92 -38.64 15.50
N LEU E 103 22.56 -37.86 14.63
CA LEU E 103 22.33 -37.98 13.19
C LEU E 103 23.56 -38.49 12.45
N ALA E 104 24.39 -39.26 13.16
CA ALA E 104 25.54 -39.88 12.54
C ALA E 104 25.13 -41.16 11.84
N TYR E 105 25.74 -41.44 10.70
CA TYR E 105 25.57 -42.74 10.02
C TYR E 105 26.90 -43.27 9.50
N SER E 106 27.24 -44.49 9.91
CA SER E 106 28.57 -45.00 9.69
C SER E 106 28.68 -45.69 8.33
N GLY E 107 27.63 -46.42 7.95
CA GLY E 107 27.70 -47.31 6.78
C GLY E 107 27.99 -46.57 5.48
N ILE E 108 27.34 -45.44 5.29
CA ILE E 108 27.37 -44.74 4.01
C ILE E 108 28.55 -43.74 3.98
N PRO E 109 29.22 -43.63 2.82
CA PRO E 109 30.45 -42.85 2.75
C PRO E 109 30.26 -41.48 2.09
N LEU E 110 29.03 -40.97 2.07
CA LEU E 110 28.73 -39.74 1.33
C LEU E 110 27.65 -38.90 2.04
N ASN E 111 27.54 -37.63 1.65
CA ASN E 111 26.65 -36.68 2.32
C ASN E 111 25.24 -36.79 1.79
N LEU E 112 24.28 -36.84 2.71
CA LEU E 112 22.89 -37.14 2.34
C LEU E 112 22.09 -35.86 2.27
N THR E 113 21.66 -35.52 1.06
CA THR E 113 20.69 -34.46 0.87
C THR E 113 19.26 -35.04 0.92
N LEU E 114 18.53 -34.66 1.96
CA LEU E 114 17.17 -35.15 2.16
C LEU E 114 16.19 -34.05 1.83
N ASP E 115 14.92 -34.41 1.67
CA ASP E 115 13.87 -33.42 1.42
C ASP E 115 13.82 -32.36 2.53
N ASN E 116 13.52 -31.13 2.15
CA ASN E 116 13.51 -30.01 3.10
C ASN E 116 12.59 -30.30 4.30
N ARG E 117 11.58 -31.14 4.09
CA ARG E 117 10.53 -31.35 5.09
C ARG E 117 11.02 -32.15 6.31
N VAL E 118 12.25 -32.63 6.25
CA VAL E 118 12.83 -33.30 7.42
C VAL E 118 13.13 -32.31 8.54
N ALA E 119 13.35 -31.06 8.17
CA ALA E 119 13.65 -30.04 9.16
C ALA E 119 12.56 -29.99 10.22
N ASP E 120 11.32 -30.24 9.81
CA ASP E 120 10.17 -30.17 10.73
C ASP E 120 10.27 -31.23 11.83
N GLN E 121 11.06 -32.26 11.58
CA GLN E 121 11.21 -33.35 12.50
C GLN E 121 12.67 -33.43 12.94
N LEU E 122 13.39 -32.32 12.84
CA LEU E 122 14.72 -32.18 13.40
C LEU E 122 14.77 -31.02 14.37
N TRP E 123 15.82 -30.99 15.18
CA TRP E 123 16.13 -29.82 15.96
C TRP E 123 16.97 -28.89 15.15
N VAL E 124 16.57 -27.62 15.14
CA VAL E 124 17.33 -26.55 14.49
C VAL E 124 17.54 -25.39 15.47
N PRO E 125 18.65 -24.67 15.31
CA PRO E 125 18.91 -23.57 16.22
C PRO E 125 17.88 -22.44 16.06
N ASP E 126 17.56 -21.78 17.18
CA ASP E 126 16.52 -20.75 17.22
C ASP E 126 17.10 -19.38 16.84
N THR E 127 17.81 -19.34 15.72
CA THR E 127 18.46 -18.14 15.26
C THR E 127 17.43 -17.21 14.65
N TYR E 128 17.45 -15.95 15.12
CA TYR E 128 16.64 -14.87 14.54
C TYR E 128 17.48 -13.63 14.33
N PHE E 129 16.89 -12.62 13.69
CA PHE E 129 17.60 -11.38 13.43
C PHE E 129 17.07 -10.28 14.32
N LEU E 130 17.89 -9.81 15.24
CA LEU E 130 17.43 -9.02 16.34
C LEU E 130 16.72 -7.76 15.85
N ASN E 131 17.20 -7.20 14.74
CA ASN E 131 16.82 -5.85 14.32
C ASN E 131 15.92 -5.87 13.08
N ASP E 132 15.24 -6.98 12.85
CA ASP E 132 14.38 -7.11 11.66
C ASP E 132 12.98 -6.64 11.96
N LYS E 133 12.37 -5.98 11.00
CA LYS E 133 11.01 -5.49 11.15
C LYS E 133 10.03 -6.51 10.60
N LYS E 134 10.38 -7.10 9.46
CA LYS E 134 9.61 -8.18 8.86
C LYS E 134 10.51 -8.96 7.99
N SER E 135 10.61 -10.26 8.24
CA SER E 135 11.40 -11.15 7.39
C SER E 135 10.55 -12.33 6.97
N PHE E 136 10.90 -12.96 5.86
CA PHE E 136 10.21 -14.15 5.44
C PHE E 136 11.12 -15.06 4.64
N VAL E 137 10.76 -16.34 4.61
CA VAL E 137 11.54 -17.36 3.93
C VAL E 137 10.79 -17.76 2.70
N HIS E 138 11.45 -17.72 1.56
CA HIS E 138 10.76 -17.92 0.28
C HIS E 138 10.11 -19.32 0.22
N GLY E 139 8.99 -19.40 -0.48
CA GLY E 139 8.11 -20.56 -0.39
C GLY E 139 7.96 -21.35 -1.69
N VAL E 140 8.38 -20.76 -2.80
CA VAL E 140 8.06 -21.32 -4.11
C VAL E 140 9.33 -21.89 -4.73
N THR E 141 9.27 -23.10 -5.29
CA THR E 141 8.03 -23.90 -5.35
C THR E 141 7.82 -24.72 -4.06
N VAL E 142 8.92 -25.03 -3.38
CA VAL E 142 8.86 -25.57 -2.04
C VAL E 142 9.53 -24.61 -1.07
N LYS E 143 9.22 -24.72 0.21
CA LYS E 143 9.90 -23.92 1.20
C LYS E 143 11.41 -23.90 0.92
N ASN E 144 11.96 -22.73 0.60
CA ASN E 144 13.36 -22.64 0.19
C ASN E 144 14.30 -22.93 1.34
N ARG E 145 14.47 -24.20 1.65
CA ARG E 145 15.24 -24.63 2.81
C ARG E 145 15.98 -25.94 2.45
N MET E 146 17.25 -26.02 2.83
CA MET E 146 18.09 -27.17 2.49
C MET E 146 18.51 -27.89 3.76
N ILE E 147 18.49 -29.22 3.73
CA ILE E 147 19.15 -30.03 4.74
C ILE E 147 20.13 -31.02 4.09
N ARG E 148 21.40 -30.86 4.43
CA ARG E 148 22.40 -31.84 4.04
C ARG E 148 23.07 -32.44 5.28
N LEU E 149 22.98 -33.77 5.39
CA LEU E 149 23.61 -34.48 6.48
C LEU E 149 24.96 -35.00 6.06
N HIS E 150 25.83 -35.18 7.06
CA HIS E 150 27.11 -35.81 6.85
C HIS E 150 27.24 -37.00 7.79
N PRO E 151 27.96 -38.04 7.36
CA PRO E 151 28.14 -39.22 8.22
C PRO E 151 28.74 -38.84 9.57
N ASP E 152 29.58 -37.81 9.55
CA ASP E 152 30.00 -37.11 10.77
C ASP E 152 28.86 -36.95 11.80
N GLY E 153 27.65 -36.66 11.32
CA GLY E 153 26.60 -36.07 12.17
C GLY E 153 26.43 -34.58 11.98
N THR E 154 27.25 -33.98 11.12
CA THR E 154 27.20 -32.54 10.89
C THR E 154 26.04 -32.21 9.95
N VAL E 155 25.28 -31.16 10.31
CA VAL E 155 24.11 -30.76 9.55
C VAL E 155 24.35 -29.42 8.86
N LEU E 156 23.89 -29.32 7.62
CA LEU E 156 23.93 -28.07 6.89
C LEU E 156 22.50 -27.60 6.58
N TYR E 157 22.08 -26.49 7.21
CA TYR E 157 20.69 -26.04 7.15
C TYR E 157 20.63 -24.68 6.50
N GLY E 158 20.33 -24.69 5.20
CA GLY E 158 20.31 -23.44 4.41
C GLY E 158 18.91 -22.84 4.28
N LEU E 159 18.82 -21.52 4.37
CA LEU E 159 17.56 -20.82 4.11
C LEU E 159 17.78 -19.64 3.17
N ARG E 160 16.81 -19.40 2.29
CA ARG E 160 16.78 -18.14 1.55
C ARG E 160 15.81 -17.16 2.21
N ILE E 161 16.34 -16.05 2.70
CA ILE E 161 15.58 -15.16 3.52
C ILE E 161 15.67 -13.75 2.95
N THR E 162 14.53 -13.05 2.92
CA THR E 162 14.53 -11.60 2.72
C THR E 162 14.06 -10.90 3.99
N THR E 163 14.92 -10.05 4.52
CA THR E 163 14.63 -9.28 5.71
C THR E 163 14.53 -7.83 5.33
N THR E 164 13.61 -7.10 5.95
CA THR E 164 13.75 -5.65 6.06
C THR E 164 14.09 -5.29 7.50
N ALA E 165 15.31 -4.80 7.69
CA ALA E 165 15.87 -4.57 9.04
C ALA E 165 16.07 -3.09 9.29
N ALA E 166 16.03 -2.70 10.55
CA ALA E 166 16.20 -1.30 10.90
C ALA E 166 17.63 -0.82 10.62
N CYS E 167 17.73 0.37 10.06
CA CYS E 167 19.00 1.01 9.86
C CYS E 167 18.86 2.46 10.18
N MET E 168 19.03 2.81 11.44
CA MET E 168 18.92 4.20 11.87
C MET E 168 19.93 5.04 11.12
N MET E 169 19.50 6.20 10.62
CA MET E 169 20.28 6.95 9.65
C MET E 169 20.60 8.33 10.17
N ASP E 170 21.85 8.74 9.96
CA ASP E 170 22.29 10.05 10.34
C ASP E 170 22.28 10.95 9.09
N LEU E 171 21.15 11.62 8.87
CA LEU E 171 20.94 12.33 7.65
C LEU E 171 21.46 13.76 7.71
N ARG E 172 22.40 14.02 8.61
CA ARG E 172 22.90 15.37 8.80
C ARG E 172 23.68 15.84 7.58
N ARG E 173 24.49 14.98 6.99
CA ARG E 173 25.22 15.33 5.78
C ARG E 173 24.55 14.83 4.50
N TYR E 174 23.27 14.52 4.58
CA TYR E 174 22.48 14.13 3.41
C TYR E 174 22.45 15.29 2.41
N PRO E 175 22.58 15.01 1.10
CA PRO E 175 22.64 13.68 0.51
C PRO E 175 24.07 13.30 0.20
N LEU E 176 25.00 14.00 0.85
CA LEU E 176 26.40 13.70 0.76
C LEU E 176 26.87 12.83 1.92
N ASP E 177 26.04 11.85 2.27
CA ASP E 177 26.21 11.07 3.48
C ASP E 177 26.70 9.67 3.14
N GLU E 178 27.01 8.91 4.19
CA GLU E 178 26.97 7.45 4.15
C GLU E 178 26.36 6.89 5.42
N GLN E 179 25.85 5.67 5.33
CA GLN E 179 25.17 5.04 6.45
C GLN E 179 25.79 3.68 6.78
N ASN E 180 25.57 3.23 8.02
CA ASN E 180 26.05 1.93 8.49
C ASN E 180 24.86 1.07 8.85
N CYS E 181 24.46 0.21 7.93
CA CYS E 181 23.31 -0.70 8.14
C CYS E 181 23.80 -2.07 8.61
N THR E 182 23.12 -2.65 9.59
CA THR E 182 23.56 -3.92 10.19
C THR E 182 22.50 -4.99 10.18
N LEU E 183 22.95 -6.23 10.36
CA LEU E 183 22.08 -7.35 10.57
C LEU E 183 22.55 -8.10 11.78
N GLU E 184 21.86 -7.91 12.90
CA GLU E 184 22.23 -8.53 14.16
C GLU E 184 21.64 -9.93 14.26
N ILE E 185 22.50 -10.93 14.37
CA ILE E 185 22.06 -12.31 14.40
C ILE E 185 22.24 -12.89 15.79
N GLU E 186 21.16 -13.44 16.35
CA GLU E 186 21.18 -13.93 17.73
C GLU E 186 20.24 -15.13 17.88
N SER E 187 20.42 -15.90 18.95
CA SER E 187 19.47 -16.96 19.29
C SER E 187 18.43 -16.43 20.26
N TYR E 188 17.20 -16.88 20.09
CA TYR E 188 16.09 -16.29 20.82
C TYR E 188 16.04 -16.79 22.26
N GLY E 189 16.18 -18.11 22.44
CA GLY E 189 15.96 -18.75 23.74
C GLY E 189 17.22 -19.27 24.43
N TYR E 190 18.17 -19.75 23.64
CA TYR E 190 19.30 -20.51 24.16
C TYR E 190 20.45 -19.58 24.52
N THR E 191 20.95 -19.68 25.76
CA THR E 191 22.05 -18.80 26.20
C THR E 191 23.40 -19.35 25.75
N THR E 192 24.47 -18.66 26.13
CA THR E 192 25.83 -19.11 25.82
C THR E 192 26.15 -20.45 26.48
N ASP E 193 25.39 -20.81 27.51
CA ASP E 193 25.53 -22.11 28.15
C ASP E 193 25.06 -23.25 27.24
N ASP E 194 24.25 -22.92 26.23
CA ASP E 194 23.65 -23.95 25.38
C ASP E 194 24.04 -23.78 23.90
N ILE E 195 24.30 -22.54 23.48
CA ILE E 195 24.63 -22.27 22.06
C ILE E 195 25.81 -21.30 21.93
N GLU E 196 26.65 -21.58 20.93
CA GLU E 196 27.72 -20.67 20.50
C GLU E 196 27.53 -20.34 19.04
N PHE E 197 27.84 -19.11 18.66
CA PHE E 197 27.87 -18.72 17.25
C PHE E 197 29.29 -18.40 16.83
N TYR E 198 29.61 -18.70 15.57
CA TYR E 198 30.88 -18.28 15.00
C TYR E 198 30.76 -18.11 13.51
N TRP E 199 31.51 -17.15 12.95
CA TRP E 199 31.50 -16.94 11.51
C TRP E 199 32.32 -18.02 10.82
N ARG E 200 31.65 -18.89 10.07
CA ARG E 200 32.31 -20.04 9.46
C ARG E 200 33.23 -19.60 8.32
N GLY E 201 34.54 -19.59 8.59
CA GLY E 201 35.53 -19.10 7.63
C GLY E 201 36.02 -17.68 7.96
N GLY E 202 35.65 -17.18 9.14
CA GLY E 202 36.18 -15.91 9.65
C GLY E 202 35.79 -14.73 8.80
N ASP E 203 36.78 -14.01 8.31
CA ASP E 203 36.56 -12.87 7.43
C ASP E 203 35.78 -13.28 6.18
N LYS E 204 35.92 -14.54 5.77
CA LYS E 204 35.44 -14.99 4.47
C LYS E 204 34.10 -15.68 4.59
N ALA E 205 33.41 -15.45 5.70
CA ALA E 205 32.16 -16.13 6.00
C ALA E 205 31.01 -15.55 5.21
N VAL E 206 31.15 -14.29 4.78
CA VAL E 206 30.08 -13.60 4.07
C VAL E 206 30.46 -13.34 2.63
N THR E 207 29.54 -13.64 1.73
CA THR E 207 29.77 -13.52 0.29
C THR E 207 28.62 -12.72 -0.33
N GLY E 208 28.89 -12.05 -1.44
CA GLY E 208 27.80 -11.50 -2.26
C GLY E 208 27.69 -9.99 -2.18
N VAL E 209 28.46 -9.37 -1.29
CA VAL E 209 28.56 -7.90 -1.24
C VAL E 209 28.84 -7.28 -2.62
N GLU E 210 29.47 -8.05 -3.50
CA GLU E 210 29.82 -7.59 -4.83
C GLU E 210 28.60 -7.60 -5.73
N ARG E 211 27.62 -8.40 -5.36
CA ARG E 211 26.44 -8.62 -6.16
C ARG E 211 25.42 -7.52 -5.90
N ILE E 212 25.60 -6.79 -4.80
CA ILE E 212 24.66 -5.72 -4.45
C ILE E 212 24.70 -4.65 -5.53
N GLU E 213 23.53 -4.32 -6.06
CA GLU E 213 23.42 -3.37 -7.17
C GLU E 213 22.35 -2.36 -6.85
N LEU E 214 22.73 -1.30 -6.16
CA LEU E 214 21.78 -0.28 -5.81
C LEU E 214 22.00 0.93 -6.69
N PRO E 215 20.92 1.47 -7.27
CA PRO E 215 21.03 2.69 -8.05
C PRO E 215 21.60 3.87 -7.23
N GLN E 216 21.25 3.94 -5.94
CA GLN E 216 21.44 5.14 -5.15
C GLN E 216 22.66 5.09 -4.24
N PHE E 217 23.14 3.88 -3.97
CA PHE E 217 24.26 3.71 -3.05
C PHE E 217 25.38 2.88 -3.67
N SER E 218 26.48 2.78 -2.95
CA SER E 218 27.52 1.80 -3.26
C SER E 218 28.20 1.33 -1.98
N ILE E 219 28.47 0.04 -1.90
CA ILE E 219 28.98 -0.55 -0.66
C ILE E 219 30.48 -0.39 -0.60
N VAL E 220 30.95 0.47 0.30
CA VAL E 220 32.36 0.82 0.34
C VAL E 220 33.16 -0.24 1.10
N GLU E 221 32.60 -0.74 2.20
CA GLU E 221 33.14 -1.93 2.87
C GLU E 221 32.07 -2.65 3.67
N HIS E 222 32.40 -3.84 4.19
CA HIS E 222 31.54 -4.54 5.15
C HIS E 222 32.38 -5.15 6.26
N ARG E 223 31.74 -5.46 7.38
CA ARG E 223 32.44 -5.94 8.55
C ARG E 223 31.66 -7.03 9.27
N LEU E 224 32.38 -8.06 9.72
CA LEU E 224 31.79 -9.12 10.53
C LEU E 224 32.25 -8.99 11.97
N VAL E 225 31.35 -9.27 12.89
CA VAL E 225 31.67 -9.14 14.31
C VAL E 225 31.09 -10.34 15.08
N SER E 226 31.74 -10.69 16.17
CA SER E 226 31.25 -11.71 17.07
C SER E 226 31.25 -11.17 18.50
N ARG E 227 30.10 -11.24 19.17
CA ARG E 227 29.96 -10.65 20.51
C ARG E 227 29.08 -11.47 21.40
N ASN E 228 29.18 -11.20 22.70
CA ASN E 228 28.20 -11.69 23.66
C ASN E 228 27.45 -10.51 24.28
N VAL E 229 26.13 -10.57 24.16
CA VAL E 229 25.28 -9.55 24.74
C VAL E 229 24.53 -10.10 25.94
N VAL E 230 24.30 -9.23 26.91
CA VAL E 230 23.73 -9.63 28.19
C VAL E 230 22.35 -9.02 28.33
N PHE E 231 21.35 -9.88 28.48
CA PHE E 231 20.01 -9.45 28.88
C PHE E 231 19.70 -9.89 30.30
N ALA E 232 18.48 -9.57 30.75
CA ALA E 232 17.98 -10.01 32.06
C ALA E 232 17.91 -11.53 32.16
N THR E 233 17.56 -12.19 31.07
CA THR E 233 17.38 -13.63 31.06
C THR E 233 18.69 -14.36 30.77
N GLY E 234 19.75 -13.60 30.53
CA GLY E 234 21.11 -14.18 30.49
C GLY E 234 21.94 -13.66 29.34
N ALA E 235 23.07 -14.34 29.07
CA ALA E 235 24.01 -13.90 28.05
C ALA E 235 23.86 -14.72 26.77
N TYR E 236 23.70 -14.03 25.65
CA TYR E 236 23.39 -14.68 24.38
C TYR E 236 24.51 -14.39 23.39
N PRO E 237 24.67 -15.28 22.40
CA PRO E 237 25.63 -15.05 21.34
C PRO E 237 25.06 -14.15 20.25
N ARG E 238 25.89 -13.26 19.71
CA ARG E 238 25.47 -12.46 18.58
C ARG E 238 26.53 -12.37 17.53
N LEU E 239 26.10 -12.38 16.27
CA LEU E 239 26.93 -11.98 15.17
C LEU E 239 26.34 -10.78 14.49
N SER E 240 27.20 -9.83 14.14
CA SER E 240 26.75 -8.56 13.59
C SER E 240 27.37 -8.37 12.21
N LEU E 241 26.53 -8.39 11.17
CA LEU E 241 26.98 -8.03 9.84
C LEU E 241 26.69 -6.57 9.58
N SER E 242 27.66 -5.85 9.03
CA SER E 242 27.53 -4.41 8.81
C SER E 242 27.91 -4.04 7.38
N PHE E 243 27.19 -3.08 6.80
CA PHE E 243 27.58 -2.47 5.54
C PHE E 243 27.79 -0.99 5.75
N ARG E 244 28.61 -0.41 4.89
CA ARG E 244 28.70 1.04 4.80
C ARG E 244 28.26 1.49 3.43
N LEU E 245 27.16 2.23 3.39
CA LEU E 245 26.55 2.62 2.12
C LEU E 245 26.93 4.07 1.81
N LYS E 246 27.67 4.28 0.73
CA LYS E 246 27.98 5.63 0.28
C LYS E 246 26.98 6.03 -0.79
N ARG E 247 26.31 7.17 -0.58
CA ARG E 247 25.22 7.59 -1.44
C ARG E 247 25.76 8.29 -2.66
N ASN E 248 25.26 7.90 -3.83
CA ASN E 248 25.55 8.59 -5.09
C ASN E 248 24.68 9.83 -5.25
N ILE E 249 25.31 10.94 -5.67
CA ILE E 249 24.68 12.26 -5.60
C ILE E 249 24.00 12.61 -6.92
N GLY E 250 24.20 11.78 -7.94
CA GLY E 250 23.71 12.08 -9.29
C GLY E 250 22.26 12.50 -9.29
N TYR E 251 21.43 11.74 -8.59
CA TYR E 251 19.99 11.99 -8.58
C TYR E 251 19.67 13.34 -7.99
N PHE E 252 20.48 13.77 -7.03
CA PHE E 252 20.14 14.93 -6.21
C PHE E 252 20.59 16.24 -6.84
N VAL E 253 21.64 16.19 -7.64
CA VAL E 253 22.00 17.35 -8.43
C VAL E 253 20.91 17.66 -9.45
N ILE E 254 20.47 16.62 -10.14
CA ILE E 254 19.45 16.72 -11.17
C ILE E 254 18.13 17.23 -10.59
N GLN E 255 17.75 16.74 -9.43
CA GLN E 255 16.44 17.03 -8.92
C GLN E 255 16.42 18.19 -7.93
N THR E 256 17.57 18.59 -7.44
CA THR E 256 17.59 19.65 -6.43
C THR E 256 18.64 20.76 -6.65
N TYR E 257 19.89 20.37 -6.83
CA TYR E 257 20.94 21.35 -6.85
C TYR E 257 20.86 22.19 -8.08
N LEU E 258 20.62 21.56 -9.23
CA LEU E 258 20.44 22.33 -10.43
C LEU E 258 19.22 23.26 -10.35
N PRO E 259 18.06 22.74 -9.90
CA PRO E 259 16.93 23.66 -9.75
C PRO E 259 17.21 24.80 -8.80
N CYS E 260 17.93 24.54 -7.72
CA CYS E 260 18.27 25.61 -6.80
C CYS E 260 19.27 26.61 -7.42
N ILE E 261 20.34 26.10 -8.00
CA ILE E 261 21.38 26.99 -8.52
C ILE E 261 20.86 27.78 -9.71
N MET E 262 19.97 27.17 -10.50
CA MET E 262 19.40 27.83 -11.67
C MET E 262 18.36 28.85 -11.25
N THR E 263 17.64 28.55 -10.18
CA THR E 263 16.67 29.47 -9.67
C THR E 263 17.33 30.66 -8.97
N VAL E 264 18.57 30.46 -8.52
CA VAL E 264 19.35 31.59 -7.97
C VAL E 264 19.91 32.47 -9.09
N ILE E 265 20.41 31.82 -10.13
CA ILE E 265 20.88 32.53 -11.30
C ILE E 265 19.74 33.30 -11.94
N LEU E 266 18.54 32.70 -11.99
CA LEU E 266 17.39 33.40 -12.52
C LEU E 266 17.12 34.68 -11.77
N SER E 267 17.23 34.65 -10.45
CA SER E 267 16.89 35.82 -9.63
C SER E 267 17.78 37.00 -9.97
N GLN E 268 19.01 36.71 -10.37
CA GLN E 268 20.04 37.73 -10.55
C GLN E 268 20.06 38.27 -11.97
N VAL E 269 19.22 37.71 -12.84
CA VAL E 269 19.00 38.30 -14.16
C VAL E 269 18.27 39.63 -14.03
N SER E 270 17.44 39.75 -13.00
CA SER E 270 16.62 40.94 -12.81
C SER E 270 17.49 42.19 -12.64
N PHE E 271 18.75 41.98 -12.29
CA PHE E 271 19.68 43.10 -12.15
C PHE E 271 20.00 43.77 -13.50
N TRP E 272 19.77 43.05 -14.60
CA TRP E 272 20.15 43.55 -15.91
C TRP E 272 18.95 44.15 -16.65
N LEU E 273 17.86 44.38 -15.91
CA LEU E 273 16.67 44.99 -16.49
C LEU E 273 16.47 46.36 -15.91
N ASN E 274 16.02 47.30 -16.71
CA ASN E 274 15.94 48.66 -16.24
C ASN E 274 14.95 48.74 -15.08
N ARG E 275 15.33 49.53 -14.09
CA ARG E 275 14.65 49.61 -12.80
C ARG E 275 13.24 50.04 -12.97
N GLU E 276 12.96 50.63 -14.12
CA GLU E 276 11.74 51.37 -14.29
C GLU E 276 10.60 50.44 -14.69
N SER E 277 10.91 49.23 -15.11
CA SER E 277 9.88 48.22 -15.27
C SER E 277 9.60 47.55 -13.95
N VAL E 278 8.91 48.26 -13.07
CA VAL E 278 8.75 47.81 -11.72
C VAL E 278 8.05 46.44 -11.68
N PRO E 279 6.96 46.28 -12.44
CA PRO E 279 6.29 45.01 -12.46
C PRO E 279 7.16 43.85 -12.95
N ALA E 280 7.91 44.08 -14.03
CA ALA E 280 8.80 43.04 -14.55
C ALA E 280 9.72 42.53 -13.46
N ARG E 281 10.35 43.44 -12.74
CA ARG E 281 11.36 43.06 -11.79
C ARG E 281 10.80 42.56 -10.47
N THR E 282 9.51 42.81 -10.22
CA THR E 282 8.82 42.14 -9.10
C THR E 282 8.43 40.73 -9.47
N VAL E 283 8.15 40.50 -10.75
CA VAL E 283 7.89 39.15 -11.24
C VAL E 283 9.13 38.26 -11.01
N PHE E 284 10.29 38.75 -11.42
CA PHE E 284 11.53 38.06 -11.12
C PHE E 284 11.70 37.83 -9.61
N GLY E 285 11.35 38.83 -8.82
CA GLY E 285 11.52 38.71 -7.36
C GLY E 285 10.59 37.67 -6.75
N VAL E 286 9.31 37.82 -6.98
CA VAL E 286 8.32 37.02 -6.32
C VAL E 286 8.41 35.57 -6.82
N THR E 287 8.51 35.36 -8.13
CA THR E 287 8.47 33.98 -8.65
C THR E 287 9.69 33.18 -8.17
N THR E 288 10.86 33.80 -8.17
CA THR E 288 12.07 33.13 -7.68
C THR E 288 12.02 32.82 -6.19
N VAL E 289 11.37 33.67 -5.42
CA VAL E 289 11.25 33.44 -3.98
C VAL E 289 10.27 32.30 -3.71
N LEU E 290 9.19 32.26 -4.46
CA LEU E 290 8.22 31.18 -4.26
C LEU E 290 8.75 29.86 -4.77
N THR E 291 9.43 29.87 -5.91
CA THR E 291 10.02 28.64 -6.41
C THR E 291 11.17 28.17 -5.53
N MET E 292 11.62 29.01 -4.61
CA MET E 292 12.62 28.58 -3.69
C MET E 292 12.00 27.89 -2.49
N THR E 293 10.89 28.40 -2.01
CA THR E 293 10.22 27.78 -0.86
C THR E 293 9.69 26.41 -1.27
N THR E 294 9.19 26.31 -2.49
CA THR E 294 8.59 25.05 -2.92
C THR E 294 9.65 24.01 -3.20
N LEU E 295 10.86 24.43 -3.51
CA LEU E 295 11.96 23.50 -3.54
C LEU E 295 12.32 23.00 -2.16
N SER E 296 12.38 23.90 -1.19
CA SER E 296 12.77 23.52 0.17
C SER E 296 11.72 22.61 0.82
N ILE E 297 10.46 22.79 0.45
CA ILE E 297 9.41 21.96 1.00
C ILE E 297 9.36 20.59 0.33
N SER E 298 9.41 20.58 -0.99
CA SER E 298 9.31 19.32 -1.72
C SER E 298 10.56 18.46 -1.48
N ALA E 299 11.70 19.09 -1.24
CA ALA E 299 12.92 18.36 -0.96
C ALA E 299 12.88 17.75 0.45
N ARG E 300 12.17 18.41 1.35
CA ARG E 300 12.01 17.93 2.73
C ARG E 300 11.02 16.75 2.79
N ASN E 301 10.25 16.56 1.72
CA ASN E 301 9.12 15.61 1.73
C ASN E 301 9.55 14.19 1.40
N SER E 302 10.74 14.03 0.85
CA SER E 302 11.25 12.71 0.54
C SER E 302 11.96 12.06 1.76
N LEU E 303 12.00 12.77 2.88
CA LEU E 303 12.79 12.34 4.04
C LEU E 303 11.89 12.03 5.23
N PRO E 304 12.47 11.42 6.29
CA PRO E 304 11.76 11.33 7.55
C PRO E 304 11.71 12.66 8.26
N LYS E 305 10.80 12.77 9.22
CA LYS E 305 10.51 14.04 9.84
C LYS E 305 11.51 14.32 10.97
N VAL E 306 12.79 14.15 10.65
CA VAL E 306 13.87 14.49 11.59
C VAL E 306 13.86 15.99 11.90
N ALA E 307 14.35 16.35 13.06
CA ALA E 307 14.21 17.72 13.54
C ALA E 307 15.47 18.55 13.27
N TYR E 308 16.52 17.93 12.74
CA TYR E 308 17.73 18.67 12.36
C TYR E 308 17.75 19.06 10.86
N ALA E 309 18.75 19.84 10.47
CA ALA E 309 18.86 20.30 9.09
C ALA E 309 19.92 19.51 8.36
N THR E 310 19.59 19.07 7.15
CA THR E 310 20.53 18.35 6.31
C THR E 310 21.43 19.32 5.57
N ALA E 311 22.53 18.79 5.05
CA ALA E 311 23.46 19.60 4.24
C ALA E 311 22.75 20.23 3.05
N MET E 312 21.76 19.52 2.51
CA MET E 312 20.92 20.07 1.46
C MET E 312 20.02 21.19 1.97
N ASP E 313 19.55 21.05 3.19
CA ASP E 313 18.66 22.05 3.76
C ASP E 313 19.39 23.39 3.95
N TRP E 314 20.67 23.35 4.34
CA TRP E 314 21.48 24.56 4.38
C TRP E 314 21.62 25.15 2.98
N PHE E 315 22.03 24.33 2.04
CA PHE E 315 22.23 24.81 0.68
C PHE E 315 20.98 25.52 0.19
N ILE E 316 19.83 24.90 0.41
CA ILE E 316 18.57 25.49 -0.01
C ILE E 316 18.27 26.75 0.77
N ALA E 317 18.58 26.74 2.06
CA ALA E 317 18.35 27.90 2.88
C ALA E 317 19.18 29.08 2.41
N VAL E 318 20.45 28.84 2.15
CA VAL E 318 21.33 29.85 1.61
C VAL E 318 20.84 30.34 0.26
N CYS E 319 20.44 29.42 -0.62
CA CYS E 319 19.83 29.81 -1.88
C CYS E 319 18.63 30.71 -1.70
N TYR E 320 17.81 30.42 -0.69
CA TYR E 320 16.70 31.29 -0.35
C TYR E 320 17.18 32.69 0.02
N ALA E 321 18.28 32.77 0.75
CA ALA E 321 18.83 34.07 1.09
C ALA E 321 19.17 34.86 -0.18
N PHE E 322 19.77 34.20 -1.15
CA PHE E 322 20.29 34.88 -2.32
C PHE E 322 19.16 35.38 -3.22
N VAL E 323 18.02 34.70 -3.20
CA VAL E 323 16.85 35.15 -3.98
C VAL E 323 16.03 36.20 -3.23
N PHE E 324 15.90 36.04 -1.90
CA PHE E 324 15.16 37.01 -1.13
C PHE E 324 15.93 38.30 -1.06
N SER E 325 17.26 38.20 -1.04
CA SER E 325 18.09 39.37 -1.07
C SER E 325 17.95 40.07 -2.39
N ALA E 326 17.95 39.30 -3.46
CA ALA E 326 17.80 39.86 -4.78
C ALA E 326 16.51 40.67 -4.91
N LEU E 327 15.47 40.29 -4.15
CA LEU E 327 14.21 41.02 -4.18
C LEU E 327 14.32 42.30 -3.37
N ILE E 328 14.78 42.16 -2.14
CA ILE E 328 14.95 43.30 -1.28
C ILE E 328 15.88 44.35 -1.94
N GLU E 329 16.88 43.88 -2.68
CA GLU E 329 17.73 44.74 -3.46
C GLU E 329 16.91 45.61 -4.38
N PHE E 330 16.03 44.99 -5.15
CA PHE E 330 15.22 45.73 -6.08
C PHE E 330 14.28 46.65 -5.37
N ALA E 331 13.69 46.18 -4.27
CA ALA E 331 12.80 47.03 -3.49
C ALA E 331 13.52 48.29 -3.03
N THR E 332 14.78 48.15 -2.67
CA THR E 332 15.60 49.31 -2.33
C THR E 332 15.85 50.22 -3.54
N VAL E 333 16.27 49.61 -4.64
CA VAL E 333 16.44 50.32 -5.88
C VAL E 333 15.18 51.13 -6.25
N ASN E 334 14.03 50.52 -6.07
CA ASN E 334 12.78 51.16 -6.38
C ASN E 334 12.50 52.28 -5.41
N TYR E 335 13.05 52.20 -4.20
CA TYR E 335 12.82 53.24 -3.21
C TYR E 335 13.65 54.52 -3.51
N PHE E 336 14.73 54.37 -4.26
CA PHE E 336 15.58 55.51 -4.61
C PHE E 336 15.39 55.93 -6.07
N THR E 337 14.51 55.24 -6.78
CA THR E 337 14.52 55.28 -8.22
C THR E 337 14.05 56.65 -8.75
N LYS E 338 13.42 57.45 -7.90
CA LYS E 338 13.11 58.86 -8.23
C LYS E 338 13.81 59.85 -7.33
N SER E 339 13.94 59.51 -6.05
CA SER E 339 14.69 60.32 -5.10
C SER E 339 16.09 60.57 -5.59
N GLN E 340 16.84 59.50 -5.82
CA GLN E 340 18.27 59.61 -6.14
C GLN E 340 18.64 58.63 -7.22
N PRO E 341 18.15 58.86 -8.42
CA PRO E 341 18.21 57.87 -9.49
C PRO E 341 19.63 57.41 -9.79
N ALA E 342 20.61 58.26 -9.52
CA ALA E 342 22.02 57.89 -9.73
C ALA E 342 22.39 56.73 -8.83
N ARG E 343 21.93 56.79 -7.59
CA ARG E 343 22.28 55.83 -6.55
C ARG E 343 21.63 54.47 -6.82
N ALA E 344 20.35 54.53 -7.15
CA ALA E 344 19.61 53.34 -7.48
C ALA E 344 20.29 52.57 -8.59
N ALA E 345 20.76 53.26 -9.62
CA ALA E 345 21.43 52.59 -10.74
C ALA E 345 22.78 52.02 -10.30
N LYS E 346 23.38 52.61 -9.26
CA LYS E 346 24.67 52.11 -8.78
C LYS E 346 24.50 50.89 -7.93
N ILE E 347 23.40 50.84 -7.18
CA ILE E 347 23.06 49.64 -6.44
C ILE E 347 22.95 48.44 -7.38
N ASP E 348 22.24 48.60 -8.48
CA ASP E 348 22.17 47.56 -9.49
C ASP E 348 23.55 47.19 -10.03
N LYS E 349 24.32 48.19 -10.42
CA LYS E 349 25.61 47.93 -11.02
C LYS E 349 26.56 47.19 -10.07
N MET E 350 26.44 47.47 -8.77
CA MET E 350 27.18 46.69 -7.76
C MET E 350 26.63 45.28 -7.64
N SER E 351 25.32 45.19 -7.48
CA SER E 351 24.64 43.90 -7.32
C SER E 351 24.94 42.95 -8.46
N ARG E 352 25.09 43.50 -9.66
CA ARG E 352 25.29 42.68 -10.84
C ARG E 352 26.56 41.89 -10.75
N ILE E 353 27.46 42.32 -9.87
CA ILE E 353 28.76 41.70 -9.75
C ILE E 353 28.97 41.06 -8.38
N VAL E 354 28.47 41.72 -7.34
CA VAL E 354 28.61 41.19 -5.98
C VAL E 354 27.84 39.86 -5.80
N PHE E 355 26.61 39.82 -6.31
CA PHE E 355 25.72 38.69 -6.04
C PHE E 355 26.24 37.40 -6.65
N PRO E 356 26.61 37.43 -7.95
CA PRO E 356 27.14 36.21 -8.53
C PRO E 356 28.47 35.78 -7.93
N ILE E 357 29.33 36.72 -7.59
CA ILE E 357 30.61 36.37 -6.98
C ILE E 357 30.43 35.70 -5.62
N LEU E 358 29.55 36.26 -4.79
CA LEU E 358 29.25 35.68 -3.50
C LEU E 358 28.64 34.28 -3.62
N PHE E 359 27.68 34.13 -4.53
CA PHE E 359 27.07 32.83 -4.76
C PHE E 359 28.08 31.82 -5.30
N GLY E 360 28.97 32.29 -6.18
CA GLY E 360 30.00 31.45 -6.75
C GLY E 360 30.99 30.96 -5.70
N THR E 361 31.48 31.89 -4.87
CA THR E 361 32.42 31.53 -3.83
C THR E 361 31.74 30.72 -2.70
N PHE E 362 30.48 30.99 -2.41
CA PHE E 362 29.72 30.16 -1.49
C PHE E 362 29.71 28.71 -1.93
N ASN E 363 29.46 28.47 -3.23
CA ASN E 363 29.42 27.12 -3.75
C ASN E 363 30.77 26.43 -3.56
N LEU E 364 31.84 27.15 -3.82
CA LEU E 364 33.17 26.57 -3.72
C LEU E 364 33.51 26.20 -2.28
N VAL E 365 33.07 26.99 -1.33
CA VAL E 365 33.26 26.61 0.08
C VAL E 365 32.34 25.49 0.50
N TYR E 366 31.06 25.56 0.12
CA TYR E 366 30.10 24.50 0.51
C TYR E 366 30.53 23.15 -0.04
N TRP E 367 30.84 23.09 -1.33
CA TRP E 367 31.17 21.81 -1.96
C TRP E 367 32.48 21.23 -1.45
N ALA E 368 33.49 22.08 -1.27
CA ALA E 368 34.75 21.64 -0.67
C ALA E 368 34.52 21.07 0.73
N THR E 369 33.72 21.76 1.55
CA THR E 369 33.43 21.32 2.91
C THR E 369 32.69 19.97 2.97
N TYR E 370 31.87 19.69 1.97
CA TYR E 370 31.04 18.48 2.01
C TYR E 370 31.47 17.42 0.99
N LEU E 371 32.67 17.56 0.43
CA LEU E 371 33.24 16.47 -0.40
C LEU E 371 34.69 16.15 0.02
N GLN F 1 -4.55 13.98 35.57
CA GLN F 1 -5.70 13.78 36.49
C GLN F 1 -6.95 14.54 36.03
N VAL F 2 -8.08 14.30 36.69
CA VAL F 2 -9.34 14.99 36.39
C VAL F 2 -10.05 15.37 37.68
N GLN F 3 -10.77 16.49 37.66
CA GLN F 3 -11.55 16.93 38.83
C GLN F 3 -12.98 17.25 38.41
N LEU F 4 -13.94 16.65 39.08
CA LEU F 4 -15.34 16.80 38.72
C LEU F 4 -16.10 17.45 39.86
N GLN F 5 -17.00 18.38 39.51
CA GLN F 5 -17.86 19.00 40.52
C GLN F 5 -19.27 19.15 39.98
N GLU F 6 -20.25 18.84 40.82
CA GLU F 6 -21.65 18.83 40.43
C GLU F 6 -22.36 20.08 40.94
N SER F 7 -23.61 20.24 40.52
CA SER F 7 -24.49 21.26 41.06
C SER F 7 -25.89 21.01 40.54
N GLY F 8 -26.86 21.72 41.11
CA GLY F 8 -28.22 21.69 40.60
C GLY F 8 -29.15 20.82 41.43
N GLY F 9 -28.58 20.07 42.37
CA GLY F 9 -29.36 19.23 43.28
C GLY F 9 -30.11 20.05 44.30
N GLY F 10 -31.32 19.61 44.64
CA GLY F 10 -32.17 20.35 45.57
C GLY F 10 -33.46 19.61 45.87
N LEU F 11 -34.36 20.27 46.57
CA LEU F 11 -35.70 19.70 46.83
C LEU F 11 -36.63 19.96 45.64
N VAL F 12 -37.33 18.91 45.21
CA VAL F 12 -38.29 19.02 44.11
C VAL F 12 -39.56 18.22 44.45
N GLN F 13 -40.70 18.69 43.97
CA GLN F 13 -41.97 18.01 44.18
C GLN F 13 -42.24 17.02 43.04
N ALA F 14 -42.92 15.92 43.38
CA ALA F 14 -43.11 14.79 42.47
C ALA F 14 -43.74 15.23 41.15
N GLY F 15 -43.35 14.57 40.06
CA GLY F 15 -43.69 15.01 38.71
C GLY F 15 -42.90 16.23 38.24
N GLY F 16 -42.08 16.78 39.14
CA GLY F 16 -41.28 17.98 38.82
C GLY F 16 -40.08 17.68 37.94
N SER F 17 -39.32 18.71 37.63
CA SER F 17 -38.11 18.57 36.82
C SER F 17 -36.92 19.18 37.53
N LEU F 18 -35.72 18.73 37.14
CA LEU F 18 -34.49 19.29 37.70
C LEU F 18 -33.32 19.00 36.76
N ARG F 19 -32.37 19.94 36.71
CA ARG F 19 -31.22 19.82 35.83
C ARG F 19 -29.93 19.81 36.64
N LEU F 20 -29.21 18.68 36.58
CA LEU F 20 -27.91 18.58 37.24
C LEU F 20 -26.78 18.84 36.26
N SER F 21 -25.72 19.48 36.75
CA SER F 21 -24.56 19.80 35.93
C SER F 21 -23.32 19.17 36.52
N CYS F 22 -22.35 18.89 35.67
CA CYS F 22 -21.06 18.40 36.12
C CYS F 22 -19.94 19.05 35.36
N ALA F 23 -19.20 19.94 36.03
CA ALA F 23 -18.11 20.69 35.38
C ALA F 23 -16.80 19.98 35.60
N ALA F 24 -16.03 19.80 34.53
CA ALA F 24 -14.80 19.00 34.61
C ALA F 24 -13.58 19.85 34.30
N SER F 25 -12.45 19.51 34.92
CA SER F 25 -11.19 20.19 34.65
C SER F 25 -10.05 19.19 34.61
N GLY F 26 -8.96 19.55 33.91
CA GLY F 26 -7.79 18.66 33.79
C GLY F 26 -7.82 17.80 32.53
N HIS F 27 -7.24 16.61 32.60
CA HIS F 27 -7.06 15.78 31.41
C HIS F 27 -8.37 15.10 30.99
N THR F 28 -9.35 15.88 30.55
CA THR F 28 -10.66 15.31 30.22
C THR F 28 -10.60 14.44 28.97
N PHE F 29 -9.53 14.58 28.18
CA PHE F 29 -9.38 13.81 26.95
C PHE F 29 -9.07 12.34 27.23
N ASN F 30 -8.27 12.10 28.26
CA ASN F 30 -7.90 10.74 28.61
C ASN F 30 -9.07 9.99 29.23
N TYR F 31 -10.11 10.71 29.65
CA TYR F 31 -11.29 10.10 30.26
C TYR F 31 -12.56 10.57 29.55
N PRO F 32 -12.82 10.03 28.35
CA PRO F 32 -13.81 10.58 27.45
C PRO F 32 -15.24 10.34 27.88
N ILE F 33 -15.54 9.15 28.38
CA ILE F 33 -16.92 8.82 28.74
C ILE F 33 -17.26 9.39 30.13
N MET F 34 -18.44 10.01 30.23
CA MET F 34 -18.99 10.49 31.50
C MET F 34 -20.23 9.73 31.87
N GLY F 35 -20.35 9.43 33.17
CA GLY F 35 -21.41 8.61 33.68
C GLY F 35 -22.08 9.27 34.89
N TRP F 36 -23.36 8.95 35.07
CA TRP F 36 -24.12 9.37 36.22
C TRP F 36 -24.54 8.16 37.05
N PHE F 37 -24.23 8.22 38.33
CA PHE F 37 -24.65 7.22 39.26
C PHE F 37 -25.45 7.88 40.39
N ARG F 38 -26.37 7.14 41.00
CA ARG F 38 -27.10 7.63 42.18
C ARG F 38 -27.05 6.61 43.31
N GLN F 39 -26.97 7.11 44.54
CA GLN F 39 -26.85 6.25 45.73
C GLN F 39 -27.95 6.61 46.74
N ALA F 40 -28.99 5.78 46.81
CA ALA F 40 -30.02 5.94 47.86
C ALA F 40 -29.43 5.65 49.24
N PRO F 41 -30.10 6.10 50.33
CA PRO F 41 -29.55 5.93 51.67
C PRO F 41 -29.19 4.47 51.97
N GLY F 42 -30.12 3.56 51.71
CA GLY F 42 -29.94 2.14 52.01
C GLY F 42 -29.36 1.36 50.85
N LYS F 43 -29.85 1.62 49.65
CA LYS F 43 -29.56 0.80 48.47
C LYS F 43 -28.13 1.04 47.97
N GLU F 44 -27.68 0.19 47.04
CA GLU F 44 -26.32 0.28 46.47
C GLU F 44 -26.27 1.34 45.39
N ARG F 45 -25.05 1.72 44.99
CA ARG F 45 -24.86 2.74 43.95
C ARG F 45 -25.35 2.22 42.61
N GLU F 46 -26.26 2.96 41.97
CA GLU F 46 -26.98 2.48 40.78
C GLU F 46 -26.51 3.28 39.57
N PHE F 47 -26.44 2.62 38.43
CA PHE F 47 -26.12 3.29 37.18
C PHE F 47 -27.35 4.04 36.65
N VAL F 48 -27.17 5.31 36.32
CA VAL F 48 -28.27 6.12 35.78
C VAL F 48 -28.18 6.22 34.27
N GLY F 49 -27.06 6.73 33.78
CA GLY F 49 -26.81 6.85 32.35
C GLY F 49 -25.41 7.36 32.07
N ALA F 50 -25.06 7.49 30.80
CA ALA F 50 -23.72 7.92 30.42
C ALA F 50 -23.71 8.48 29.02
N ILE F 51 -22.65 9.21 28.69
CA ILE F 51 -22.57 9.88 27.40
C ILE F 51 -21.14 9.82 26.83
N SER F 52 -21.02 9.87 25.50
CA SER F 52 -19.72 9.68 24.82
C SER F 52 -18.95 11.00 24.69
N TRP F 53 -17.68 10.89 24.27
CA TRP F 53 -16.81 12.06 24.01
C TRP F 53 -17.38 12.97 22.91
N SER F 54 -17.82 12.35 21.81
CA SER F 54 -18.45 13.09 20.72
C SER F 54 -19.80 13.67 21.14
N GLY F 55 -20.40 13.07 22.17
CA GLY F 55 -21.67 13.54 22.70
C GLY F 55 -22.86 12.93 21.99
N GLY F 56 -22.59 12.24 20.88
CA GLY F 56 -23.66 11.70 20.03
C GLY F 56 -24.37 10.54 20.69
N SER F 57 -23.60 9.54 21.14
CA SER F 57 -24.17 8.32 21.71
C SER F 57 -24.36 8.44 23.22
N THR F 58 -25.52 7.99 23.71
CA THR F 58 -25.80 7.95 25.14
C THR F 58 -26.24 6.55 25.55
N SER F 59 -26.50 6.35 26.84
CA SER F 59 -27.02 5.08 27.33
C SER F 59 -27.64 5.28 28.72
N TYR F 60 -28.85 4.75 28.92
CA TYR F 60 -29.60 5.00 30.15
C TYR F 60 -30.01 3.67 30.80
N ALA F 61 -30.21 3.69 32.13
CA ALA F 61 -30.87 2.58 32.83
C ALA F 61 -32.36 2.54 32.47
N ASP F 62 -32.97 1.36 32.60
CA ASP F 62 -34.38 1.19 32.20
C ASP F 62 -35.33 2.02 33.06
N SER F 63 -35.07 2.04 34.38
CA SER F 63 -35.89 2.80 35.33
C SER F 63 -35.91 4.29 34.95
N VAL F 64 -34.75 4.78 34.54
CA VAL F 64 -34.56 6.21 34.26
C VAL F 64 -34.83 6.53 32.78
N LYS F 65 -34.95 5.50 31.95
CA LYS F 65 -35.14 5.68 30.51
C LYS F 65 -36.42 6.45 30.23
N ASP F 66 -36.34 7.40 29.29
CA ASP F 66 -37.52 8.10 28.77
C ASP F 66 -37.97 9.27 29.66
N ARG F 67 -37.37 9.38 30.86
CA ARG F 67 -37.73 10.46 31.78
C ARG F 67 -36.52 11.37 32.06
N PHE F 68 -35.34 10.90 31.66
CA PHE F 68 -34.11 11.65 31.86
C PHE F 68 -33.40 11.80 30.51
N THR F 69 -32.60 12.86 30.38
CA THR F 69 -31.77 13.01 29.19
C THR F 69 -30.41 13.59 29.57
N ILE F 70 -29.35 12.96 29.06
CA ILE F 70 -27.99 13.42 29.30
C ILE F 70 -27.42 14.10 28.04
N SER F 71 -26.82 15.27 28.22
CA SER F 71 -26.25 16.04 27.12
C SER F 71 -24.83 16.50 27.45
N ARG F 72 -24.05 16.81 26.41
CA ARG F 72 -22.67 17.26 26.59
C ARG F 72 -22.44 18.56 25.90
N ASP F 73 -21.53 19.36 26.45
CA ASP F 73 -21.09 20.60 25.80
C ASP F 73 -19.59 20.79 26.03
N ASN F 74 -18.78 20.18 25.16
CA ASN F 74 -17.33 20.14 25.36
C ASN F 74 -16.72 21.54 25.35
N ALA F 75 -17.45 22.50 24.79
CA ALA F 75 -17.09 23.93 24.88
C ALA F 75 -16.92 24.37 26.34
N LYS F 76 -17.78 23.88 27.22
CA LYS F 76 -17.78 24.30 28.64
C LYS F 76 -17.31 23.18 29.55
N ASN F 77 -16.80 22.09 28.97
CA ASN F 77 -16.37 20.93 29.72
C ASN F 77 -17.40 20.57 30.81
N THR F 78 -18.60 20.26 30.35
CA THR F 78 -19.74 20.07 31.21
C THR F 78 -20.70 19.06 30.59
N VAL F 79 -21.17 18.13 31.39
CA VAL F 79 -22.28 17.26 31.01
C VAL F 79 -23.50 17.56 31.87
N TYR F 80 -24.67 17.50 31.24
CA TYR F 80 -25.90 17.87 31.92
C TYR F 80 -26.80 16.66 32.05
N LEU F 81 -27.62 16.65 33.09
CA LEU F 81 -28.59 15.57 33.30
C LEU F 81 -29.97 16.17 33.63
N GLU F 82 -30.86 16.21 32.62
CA GLU F 82 -32.21 16.69 32.83
C GLU F 82 -33.14 15.57 33.27
N MET F 83 -33.72 15.73 34.45
CA MET F 83 -34.59 14.72 35.04
C MET F 83 -36.03 15.26 35.08
N ASN F 84 -36.91 14.67 34.26
CA ASN F 84 -38.29 15.16 34.12
C ASN F 84 -39.27 14.10 34.61
N ASN F 85 -40.43 14.55 35.10
CA ASN F 85 -41.44 13.66 35.70
C ASN F 85 -40.81 12.83 36.85
N LEU F 86 -40.26 13.55 37.84
CA LEU F 86 -39.50 12.92 38.92
C LEU F 86 -40.41 12.15 39.87
N LYS F 87 -39.93 10.99 40.32
CA LYS F 87 -40.64 10.17 41.30
C LYS F 87 -39.86 10.15 42.63
N PRO F 88 -40.54 9.75 43.73
CA PRO F 88 -39.89 9.62 45.03
C PRO F 88 -38.85 8.49 45.06
N GLU F 89 -38.99 7.56 44.12
CA GLU F 89 -38.01 6.50 43.95
C GLU F 89 -36.66 7.04 43.45
N ASP F 90 -36.68 8.21 42.83
CA ASP F 90 -35.45 8.81 42.28
C ASP F 90 -34.60 9.47 43.36
N THR F 91 -35.15 9.63 44.56
CA THR F 91 -34.45 10.30 45.66
C THR F 91 -33.11 9.60 45.93
N ALA F 92 -32.02 10.36 45.86
CA ALA F 92 -30.68 9.81 46.11
C ALA F 92 -29.63 10.92 45.98
N VAL F 93 -28.38 10.57 46.33
CA VAL F 93 -27.22 11.42 46.04
C VAL F 93 -26.69 11.10 44.64
N TYR F 94 -26.79 12.08 43.74
CA TYR F 94 -26.43 11.84 42.34
C TYR F 94 -24.96 12.18 42.08
N TYR F 95 -24.22 11.20 41.58
CA TYR F 95 -22.77 11.30 41.39
C TYR F 95 -22.41 11.48 39.91
N CYS F 96 -21.25 12.08 39.67
CA CYS F 96 -20.77 12.27 38.32
C CYS F 96 -19.39 11.62 38.19
N ALA F 97 -19.23 10.76 37.18
CA ALA F 97 -18.00 9.97 37.06
C ALA F 97 -17.41 10.01 35.66
N ALA F 98 -16.10 9.83 35.58
CA ALA F 98 -15.39 9.86 34.29
C ALA F 98 -14.63 8.57 34.09
N LYS F 99 -14.75 7.98 32.89
CA LYS F 99 -14.18 6.65 32.65
C LYS F 99 -13.06 6.70 31.63
N GLY F 100 -12.04 5.89 31.86
CA GLY F 100 -10.90 5.82 30.97
C GLY F 100 -11.26 5.16 29.65
N ARG F 101 -10.44 5.42 28.64
CA ARG F 101 -10.83 5.09 27.28
C ARG F 101 -11.07 3.58 27.13
N TYR F 102 -10.17 2.78 27.69
CA TYR F 102 -10.33 1.32 27.67
C TYR F 102 -10.52 0.77 29.08
N SER F 103 -11.69 1.03 29.66
CA SER F 103 -11.93 0.72 31.08
C SER F 103 -13.10 -0.24 31.26
N GLY F 104 -13.54 -0.86 30.17
CA GLY F 104 -14.58 -1.87 30.26
C GLY F 104 -15.96 -1.26 30.37
N GLY F 105 -16.89 -2.01 30.93
CA GLY F 105 -18.30 -1.74 30.72
C GLY F 105 -18.76 -0.49 31.43
N LEU F 106 -19.86 0.09 30.95
CA LEU F 106 -20.35 1.36 31.48
C LEU F 106 -20.94 1.21 32.87
N TYR F 107 -21.60 0.07 33.11
CA TYR F 107 -22.57 -0.06 34.23
C TYR F 107 -21.84 -0.15 35.55
N TYR F 108 -20.61 -0.62 35.52
CA TYR F 108 -19.90 -1.00 36.72
C TYR F 108 -18.97 0.14 37.15
N PRO F 109 -19.19 0.66 38.38
CA PRO F 109 -18.50 1.83 38.92
C PRO F 109 -17.01 1.62 39.15
N THR F 110 -16.61 0.39 39.45
CA THR F 110 -15.19 0.03 39.58
C THR F 110 -14.32 0.70 38.53
N ASN F 111 -14.84 0.74 37.31
CA ASN F 111 -14.08 1.09 36.15
C ASN F 111 -13.84 2.61 36.02
N TYR F 112 -14.66 3.40 36.70
CA TYR F 112 -14.50 4.86 36.62
C TYR F 112 -13.38 5.28 37.54
N ASP F 113 -12.46 6.11 37.03
CA ASP F 113 -11.27 6.52 37.79
C ASP F 113 -11.56 7.74 38.68
N TYR F 114 -12.40 8.66 38.20
CA TYR F 114 -12.61 9.92 38.88
C TYR F 114 -14.08 10.19 39.13
N TRP F 115 -14.38 10.61 40.35
CA TRP F 115 -15.74 10.92 40.79
C TRP F 115 -15.79 12.34 41.33
N GLY F 116 -17.01 12.86 41.46
CA GLY F 116 -17.22 14.12 42.15
C GLY F 116 -18.13 13.91 43.34
N GLN F 117 -17.85 14.61 44.42
CA GLN F 117 -18.65 14.46 45.62
C GLN F 117 -20.08 14.96 45.36
N GLY F 118 -21.03 14.06 45.52
CA GLY F 118 -22.31 14.14 44.80
C GLY F 118 -23.20 15.25 45.30
N THR F 119 -24.28 15.50 44.58
CA THR F 119 -25.30 16.45 45.03
C THR F 119 -26.62 15.72 45.34
N GLN F 120 -27.32 16.18 46.38
CA GLN F 120 -28.52 15.51 46.87
C GLN F 120 -29.75 15.90 46.05
N VAL F 121 -30.57 14.92 45.70
CA VAL F 121 -31.89 15.17 45.14
C VAL F 121 -32.96 14.45 45.95
N THR F 122 -33.93 15.22 46.45
CA THR F 122 -35.04 14.67 47.23
C THR F 122 -36.40 15.01 46.57
N VAL F 123 -37.31 14.04 46.54
CA VAL F 123 -38.55 14.17 45.76
C VAL F 123 -39.76 13.82 46.64
N GLN G 1 -37.69 4.91 6.06
CA GLN G 1 -38.86 4.22 5.48
C GLN G 1 -39.11 4.62 4.03
N VAL G 2 -40.01 3.90 3.37
CA VAL G 2 -40.34 4.15 1.95
C VAL G 2 -41.85 4.01 1.74
N GLN G 3 -42.40 4.79 0.81
CA GLN G 3 -43.82 4.71 0.47
C GLN G 3 -44.00 4.60 -1.04
N LEU G 4 -44.72 3.58 -1.47
CA LEU G 4 -44.87 3.29 -2.89
C LEU G 4 -46.32 3.42 -3.30
N GLN G 5 -46.56 4.00 -4.47
CA GLN G 5 -47.92 4.09 -5.02
C GLN G 5 -47.91 3.81 -6.52
N GLU G 6 -48.88 3.02 -6.95
CA GLU G 6 -48.95 2.58 -8.35
C GLU G 6 -50.00 3.37 -9.11
N SER G 7 -50.06 3.15 -10.41
CA SER G 7 -51.12 3.67 -11.25
C SER G 7 -51.00 3.06 -12.63
N GLY G 8 -52.04 3.25 -13.45
CA GLY G 8 -52.00 2.83 -14.85
C GLY G 8 -52.77 1.54 -15.10
N GLY G 9 -53.21 0.89 -14.03
CA GLY G 9 -54.01 -0.33 -14.13
C GLY G 9 -55.41 -0.04 -14.62
N GLY G 10 -55.96 -0.94 -15.43
CA GLY G 10 -57.29 -0.75 -16.02
C GLY G 10 -57.74 -1.98 -16.80
N LEU G 11 -58.86 -1.85 -17.50
CA LEU G 11 -59.32 -2.90 -18.41
C LEU G 11 -58.61 -2.78 -19.76
N VAL G 12 -58.12 -3.91 -20.27
CA VAL G 12 -57.47 -3.98 -21.58
C VAL G 12 -57.93 -5.23 -22.33
N GLN G 13 -57.99 -5.13 -23.66
CA GLN G 13 -58.35 -6.27 -24.48
C GLN G 13 -57.11 -7.07 -24.89
N ALA G 14 -57.30 -8.37 -25.06
CA ALA G 14 -56.19 -9.30 -25.28
C ALA G 14 -55.33 -8.89 -26.49
N GLY G 15 -54.02 -9.14 -26.39
CA GLY G 15 -53.06 -8.61 -27.36
C GLY G 15 -52.77 -7.12 -27.16
N GLY G 16 -53.49 -6.48 -26.23
CA GLY G 16 -53.32 -5.04 -25.99
C GLY G 16 -52.05 -4.70 -25.22
N SER G 17 -51.87 -3.42 -24.95
CA SER G 17 -50.71 -2.95 -24.17
C SER G 17 -51.17 -2.09 -23.01
N LEU G 18 -50.31 -1.97 -22.00
CA LEU G 18 -50.59 -1.11 -20.84
C LEU G 18 -49.31 -0.78 -20.10
N ARG G 19 -49.25 0.42 -19.54
CA ARG G 19 -48.06 0.89 -18.84
C ARG G 19 -48.38 1.20 -17.39
N LEU G 20 -47.76 0.45 -16.47
CA LEU G 20 -47.92 0.70 -15.04
C LEU G 20 -46.77 1.53 -14.50
N SER G 21 -47.09 2.41 -13.55
CA SER G 21 -46.08 3.26 -12.92
C SER G 21 -46.05 3.02 -11.43
N CYS G 22 -44.89 3.26 -10.83
CA CYS G 22 -44.77 3.20 -9.39
C CYS G 22 -43.92 4.34 -8.86
N ALA G 23 -44.57 5.29 -8.20
CA ALA G 23 -43.88 6.48 -7.69
C ALA G 23 -43.47 6.27 -6.25
N ALA G 24 -42.22 6.57 -5.93
CA ALA G 24 -41.69 6.28 -4.61
C ALA G 24 -41.30 7.55 -3.88
N SER G 25 -41.40 7.52 -2.55
CA SER G 25 -40.95 8.62 -1.72
C SER G 25 -40.25 8.10 -0.47
N GLY G 26 -39.37 8.92 0.12
CA GLY G 26 -38.64 8.53 1.33
C GLY G 26 -37.26 7.97 1.02
N HIS G 27 -36.78 7.06 1.87
CA HIS G 27 -35.40 6.59 1.78
C HIS G 27 -35.22 5.57 0.66
N THR G 28 -35.37 6.01 -0.59
CA THR G 28 -35.28 5.11 -1.73
C THR G 28 -33.86 4.57 -1.93
N PHE G 29 -32.87 5.24 -1.33
CA PHE G 29 -31.47 4.82 -1.47
C PHE G 29 -31.18 3.53 -0.72
N ASN G 30 -31.79 3.38 0.45
CA ASN G 30 -31.57 2.21 1.27
C ASN G 30 -32.25 1.00 0.69
N TYR G 31 -33.17 1.21 -0.26
CA TYR G 31 -33.89 0.11 -0.91
C TYR G 31 -33.80 0.24 -2.41
N PRO G 32 -32.63 -0.12 -2.97
CA PRO G 32 -32.30 0.22 -4.35
C PRO G 32 -33.07 -0.57 -5.38
N ILE G 33 -33.25 -1.86 -5.14
CA ILE G 33 -33.92 -2.72 -6.11
C ILE G 33 -35.45 -2.57 -6.01
N MET G 34 -36.10 -2.44 -7.17
CA MET G 34 -37.56 -2.42 -7.26
C MET G 34 -38.06 -3.63 -8.02
N GLY G 35 -39.17 -4.17 -7.54
CA GLY G 35 -39.72 -5.41 -8.04
C GLY G 35 -41.21 -5.30 -8.32
N TRP G 36 -41.67 -6.10 -9.28
CA TRP G 36 -43.07 -6.20 -9.61
C TRP G 36 -43.57 -7.61 -9.32
N PHE G 37 -44.65 -7.68 -8.55
CA PHE G 37 -45.32 -8.92 -8.30
C PHE G 37 -46.79 -8.80 -8.73
N ARG G 38 -47.40 -9.92 -9.12
CA ARG G 38 -48.83 -9.94 -9.42
C ARG G 38 -49.53 -11.06 -8.66
N GLN G 39 -50.78 -10.80 -8.24
CA GLN G 39 -51.57 -11.76 -7.46
C GLN G 39 -52.91 -12.02 -8.14
N ALA G 40 -53.03 -13.16 -8.81
CA ALA G 40 -54.31 -13.59 -9.38
C ALA G 40 -55.31 -13.93 -8.27
N PRO G 41 -56.62 -13.96 -8.59
CA PRO G 41 -57.63 -14.25 -7.57
C PRO G 41 -57.33 -15.56 -6.82
N GLY G 42 -57.07 -16.63 -7.57
CA GLY G 42 -56.86 -17.96 -6.98
C GLY G 42 -55.41 -18.24 -6.67
N LYS G 43 -54.53 -17.88 -7.61
CA LYS G 43 -53.12 -18.30 -7.55
C LYS G 43 -52.35 -17.49 -6.51
N GLU G 44 -51.12 -17.92 -6.21
CA GLU G 44 -50.28 -17.25 -5.22
C GLU G 44 -49.56 -16.06 -5.85
N ARG G 45 -48.95 -15.23 -5.02
CA ARG G 45 -48.25 -14.02 -5.49
C ARG G 45 -47.03 -14.41 -6.33
N GLU G 46 -46.98 -13.89 -7.56
CA GLU G 46 -45.99 -14.35 -8.54
C GLU G 46 -44.99 -13.24 -8.81
N PHE G 47 -43.73 -13.61 -9.02
CA PHE G 47 -42.71 -12.66 -9.42
C PHE G 47 -42.84 -12.31 -10.89
N VAL G 48 -42.87 -11.01 -11.20
CA VAL G 48 -42.97 -10.56 -12.59
C VAL G 48 -41.61 -10.16 -13.13
N GLY G 49 -40.97 -9.21 -12.45
CA GLY G 49 -39.64 -8.75 -12.83
C GLY G 49 -39.10 -7.73 -11.82
N ALA G 50 -37.88 -7.28 -12.04
CA ALA G 50 -37.27 -6.31 -11.14
C ALA G 50 -36.18 -5.51 -11.85
N ILE G 51 -35.78 -4.41 -11.25
CA ILE G 51 -34.80 -3.51 -11.87
C ILE G 51 -33.82 -2.94 -10.82
N SER G 52 -32.60 -2.60 -11.25
CA SER G 52 -31.53 -2.17 -10.32
C SER G 52 -31.58 -0.67 -10.05
N TRP G 53 -30.77 -0.23 -9.07
CA TRP G 53 -30.62 1.19 -8.72
C TRP G 53 -30.08 2.04 -9.90
N SER G 54 -29.05 1.52 -10.57
CA SER G 54 -28.50 2.19 -11.74
C SER G 54 -29.47 2.13 -12.92
N GLY G 55 -30.38 1.16 -12.87
CA GLY G 55 -31.40 1.02 -13.92
C GLY G 55 -30.92 0.15 -15.06
N GLY G 56 -29.62 -0.17 -15.06
CA GLY G 56 -29.02 -0.91 -16.18
C GLY G 56 -29.47 -2.35 -16.22
N SER G 57 -29.34 -3.06 -15.10
CA SER G 57 -29.66 -4.48 -15.03
C SER G 57 -31.14 -4.71 -14.66
N THR G 58 -31.78 -5.63 -15.37
CA THR G 58 -33.16 -6.03 -15.05
C THR G 58 -33.23 -7.55 -14.87
N SER G 59 -34.43 -8.06 -14.58
CA SER G 59 -34.64 -9.52 -14.53
C SER G 59 -36.14 -9.82 -14.58
N TYR G 60 -36.55 -10.76 -15.43
CA TYR G 60 -37.97 -11.04 -15.67
C TYR G 60 -38.28 -12.52 -15.41
N ALA G 61 -39.53 -12.81 -15.07
CA ALA G 61 -40.03 -14.20 -15.08
C ALA G 61 -40.15 -14.73 -16.51
N ASP G 62 -40.11 -16.05 -16.67
CA ASP G 62 -40.16 -16.66 -18.01
C ASP G 62 -41.47 -16.38 -18.73
N SER G 63 -42.59 -16.50 -18.00
CA SER G 63 -43.92 -16.26 -18.56
C SER G 63 -44.01 -14.84 -19.12
N VAL G 64 -43.43 -13.90 -18.40
CA VAL G 64 -43.54 -12.48 -18.72
C VAL G 64 -42.39 -12.01 -19.63
N LYS G 65 -41.38 -12.86 -19.78
CA LYS G 65 -40.20 -12.52 -20.58
C LYS G 65 -40.59 -12.21 -22.03
N ASP G 66 -40.00 -11.16 -22.59
CA ASP G 66 -40.13 -10.83 -24.01
C ASP G 66 -41.44 -10.09 -24.37
N ARG G 67 -42.35 -9.97 -23.40
CA ARG G 67 -43.62 -9.29 -23.62
C ARG G 67 -43.75 -8.06 -22.71
N PHE G 68 -42.88 -7.98 -21.70
CA PHE G 68 -42.91 -6.88 -20.75
C PHE G 68 -41.51 -6.24 -20.70
N THR G 69 -41.46 -4.97 -20.33
CA THR G 69 -40.18 -4.31 -20.08
C THR G 69 -40.27 -3.36 -18.90
N ILE G 70 -39.30 -3.46 -18.00
CA ILE G 70 -39.24 -2.58 -16.83
C ILE G 70 -38.14 -1.53 -17.01
N SER G 71 -38.47 -0.27 -16.73
CA SER G 71 -37.53 0.86 -16.86
C SER G 71 -37.52 1.72 -15.61
N ARG G 72 -36.43 2.48 -15.40
CA ARG G 72 -36.30 3.33 -14.22
C ARG G 72 -36.01 4.76 -14.63
N ASP G 73 -36.46 5.71 -13.81
CA ASP G 73 -36.13 7.12 -14.00
C ASP G 73 -35.93 7.79 -12.64
N ASN G 74 -34.71 7.69 -12.11
CA ASN G 74 -34.42 8.14 -10.74
C ASN G 74 -34.65 9.65 -10.57
N ALA G 75 -34.68 10.37 -11.69
CA ALA G 75 -35.09 11.78 -11.71
C ALA G 75 -36.47 11.98 -11.10
N LYS G 76 -37.39 11.04 -11.39
CA LYS G 76 -38.78 11.17 -10.94
C LYS G 76 -39.13 10.13 -9.88
N ASN G 77 -38.11 9.43 -9.38
CA ASN G 77 -38.31 8.37 -8.39
C ASN G 77 -39.49 7.48 -8.78
N THR G 78 -39.36 6.85 -9.95
CA THR G 78 -40.43 6.10 -10.55
C THR G 78 -39.86 4.96 -11.38
N VAL G 79 -40.44 3.78 -11.24
CA VAL G 79 -40.16 2.67 -12.14
C VAL G 79 -41.40 2.34 -12.96
N TYR G 80 -41.19 1.97 -14.22
CA TYR G 80 -42.29 1.75 -15.15
C TYR G 80 -42.32 0.29 -15.57
N LEU G 81 -43.51 -0.19 -15.90
CA LEU G 81 -43.68 -1.58 -16.37
C LEU G 81 -44.58 -1.60 -17.61
N GLU G 82 -43.96 -1.71 -18.79
CA GLU G 82 -44.71 -1.77 -20.04
C GLU G 82 -45.06 -3.22 -20.38
N MET G 83 -46.36 -3.49 -20.48
CA MET G 83 -46.85 -4.84 -20.75
C MET G 83 -47.51 -4.89 -22.13
N ASN G 84 -46.86 -5.58 -23.06
CA ASN G 84 -47.31 -5.63 -24.46
C ASN G 84 -47.74 -7.05 -24.85
N ASN G 85 -48.67 -7.15 -25.79
CA ASN G 85 -49.25 -8.45 -26.18
C ASN G 85 -49.85 -9.17 -24.96
N LEU G 86 -50.77 -8.50 -24.28
CA LEU G 86 -51.32 -9.01 -23.00
C LEU G 86 -52.23 -10.22 -23.21
N LYS G 87 -52.14 -11.18 -22.31
CA LYS G 87 -52.99 -12.38 -22.34
C LYS G 87 -53.94 -12.37 -21.14
N PRO G 88 -55.01 -13.19 -21.20
CA PRO G 88 -55.96 -13.31 -20.07
C PRO G 88 -55.31 -13.96 -18.84
N GLU G 89 -54.22 -14.69 -19.07
CA GLU G 89 -53.45 -15.26 -17.99
C GLU G 89 -52.75 -14.19 -17.14
N ASP G 90 -52.55 -13.01 -17.73
CA ASP G 90 -51.86 -11.91 -17.04
C ASP G 90 -52.77 -11.18 -16.04
N THR G 91 -54.07 -11.46 -16.11
CA THR G 91 -55.05 -10.79 -15.25
C THR G 91 -54.67 -10.98 -13.77
N ALA G 92 -54.49 -9.88 -13.06
CA ALA G 92 -54.14 -9.95 -11.64
C ALA G 92 -54.04 -8.54 -11.04
N VAL G 93 -53.85 -8.47 -9.72
CA VAL G 93 -53.49 -7.23 -9.04
C VAL G 93 -51.97 -7.06 -9.03
N TYR G 94 -51.48 -6.04 -9.73
CA TYR G 94 -50.04 -5.88 -9.90
C TYR G 94 -49.46 -5.00 -8.80
N TYR G 95 -48.47 -5.54 -8.08
CA TYR G 95 -47.89 -4.89 -6.90
C TYR G 95 -46.50 -4.32 -7.22
N CYS G 96 -46.11 -3.32 -6.47
CA CYS G 96 -44.81 -2.71 -6.62
C CYS G 96 -44.06 -2.79 -5.30
N ALA G 97 -42.85 -3.33 -5.32
CA ALA G 97 -42.11 -3.59 -4.07
C ALA G 97 -40.67 -3.08 -4.12
N ALA G 98 -40.13 -2.76 -2.95
CA ALA G 98 -38.75 -2.27 -2.84
C ALA G 98 -37.94 -3.15 -1.92
N LYS G 99 -36.73 -3.52 -2.35
CA LYS G 99 -35.92 -4.49 -1.60
C LYS G 99 -34.66 -3.88 -1.05
N GLY G 100 -34.30 -4.31 0.15
CA GLY G 100 -33.10 -3.80 0.82
C GLY G 100 -31.84 -4.27 0.15
N ARG G 101 -30.75 -3.56 0.40
CA ARG G 101 -29.54 -3.75 -0.36
C ARG G 101 -29.03 -5.20 -0.21
N TYR G 102 -29.04 -5.71 1.03
CA TYR G 102 -28.61 -7.06 1.30
C TYR G 102 -29.78 -7.91 1.79
N SER G 103 -30.72 -8.20 0.90
CA SER G 103 -31.98 -8.85 1.31
C SER G 103 -32.20 -10.17 0.58
N GLY G 104 -31.17 -10.67 -0.06
CA GLY G 104 -31.24 -11.98 -0.70
C GLY G 104 -31.94 -11.92 -2.05
N GLY G 105 -32.49 -13.05 -2.46
CA GLY G 105 -32.84 -13.25 -3.86
C GLY G 105 -34.02 -12.41 -4.28
N LEU G 106 -34.11 -12.13 -5.57
CA LEU G 106 -35.14 -11.23 -6.11
C LEU G 106 -36.53 -11.86 -6.05
N TYR G 107 -36.59 -13.17 -6.23
CA TYR G 107 -37.83 -13.85 -6.62
C TYR G 107 -38.79 -13.93 -5.43
N TYR G 108 -38.23 -13.93 -4.23
CA TYR G 108 -38.99 -14.25 -3.05
C TYR G 108 -39.45 -12.97 -2.35
N PRO G 109 -40.77 -12.82 -2.18
CA PRO G 109 -41.42 -11.60 -1.67
C PRO G 109 -41.10 -11.30 -0.21
N THR G 110 -40.85 -12.36 0.57
CA THR G 110 -40.38 -12.22 1.96
C THR G 110 -39.39 -11.08 2.14
N ASN G 111 -38.48 -10.97 1.18
CA ASN G 111 -37.30 -10.17 1.32
C ASN G 111 -37.60 -8.67 1.10
N TYR G 112 -38.72 -8.37 0.44
CA TYR G 112 -39.06 -6.98 0.17
C TYR G 112 -39.67 -6.37 1.43
N ASP G 113 -39.19 -5.19 1.80
CA ASP G 113 -39.63 -4.53 3.03
C ASP G 113 -40.89 -3.67 2.81
N TYR G 114 -41.00 -3.05 1.65
CA TYR G 114 -42.05 -2.08 1.40
C TYR G 114 -42.82 -2.38 0.12
N TRP G 115 -44.14 -2.32 0.23
CA TRP G 115 -45.05 -2.60 -0.87
C TRP G 115 -45.98 -1.42 -1.10
N GLY G 116 -46.65 -1.41 -2.25
CA GLY G 116 -47.72 -0.46 -2.50
C GLY G 116 -49.01 -1.20 -2.78
N GLN G 117 -50.12 -0.67 -2.29
CA GLN G 117 -51.40 -1.29 -2.51
C GLN G 117 -51.75 -1.29 -3.99
N GLY G 118 -51.91 -2.49 -4.54
CA GLY G 118 -51.67 -2.74 -5.95
C GLY G 118 -52.73 -2.13 -6.84
N THR G 119 -52.48 -2.16 -8.14
CA THR G 119 -53.47 -1.74 -9.13
C THR G 119 -53.95 -2.93 -9.96
N GLN G 120 -55.25 -2.94 -10.29
CA GLN G 120 -55.87 -4.09 -10.98
C GLN G 120 -55.61 -4.02 -12.48
N VAL G 121 -55.27 -5.17 -13.06
CA VAL G 121 -55.25 -5.32 -14.52
C VAL G 121 -56.10 -6.51 -14.94
N THR G 122 -57.08 -6.25 -15.81
CA THR G 122 -57.97 -7.31 -16.32
C THR G 122 -57.90 -7.38 -17.85
N VAL G 123 -57.87 -8.59 -18.41
CA VAL G 123 -57.58 -8.79 -19.84
C VAL G 123 -58.64 -9.70 -20.46
N GLN H 1 -18.47 -9.92 -32.42
CA GLN H 1 -18.03 -10.90 -33.44
C GLN H 1 -16.85 -10.37 -34.27
N VAL H 2 -16.29 -11.24 -35.11
CA VAL H 2 -15.20 -10.87 -36.02
C VAL H 2 -15.43 -11.52 -37.39
N GLN H 3 -15.01 -10.83 -38.46
CA GLN H 3 -15.08 -11.38 -39.81
C GLN H 3 -13.73 -11.28 -40.49
N LEU H 4 -13.25 -12.42 -41.01
CA LEU H 4 -11.93 -12.48 -41.62
C LEU H 4 -12.05 -12.84 -43.08
N GLN H 5 -11.25 -12.19 -43.92
CA GLN H 5 -11.22 -12.50 -45.34
C GLN H 5 -9.80 -12.49 -45.87
N GLU H 6 -9.46 -13.49 -46.68
CA GLU H 6 -8.11 -13.68 -47.18
C GLU H 6 -8.00 -13.21 -48.61
N SER H 7 -6.77 -13.21 -49.11
CA SER H 7 -6.50 -12.98 -50.52
C SER H 7 -5.04 -13.28 -50.79
N GLY H 8 -4.67 -13.34 -52.06
CA GLY H 8 -3.28 -13.48 -52.46
C GLY H 8 -2.92 -14.89 -52.87
N GLY H 9 -3.84 -15.84 -52.66
CA GLY H 9 -3.63 -17.22 -53.06
C GLY H 9 -3.70 -17.39 -54.57
N GLY H 10 -2.86 -18.27 -55.11
CA GLY H 10 -2.77 -18.47 -56.55
C GLY H 10 -1.83 -19.59 -56.92
N LEU H 11 -1.58 -19.76 -58.22
CA LEU H 11 -0.61 -20.75 -58.69
C LEU H 11 0.80 -20.16 -58.64
N VAL H 12 1.74 -20.94 -58.10
CA VAL H 12 3.14 -20.55 -58.03
C VAL H 12 4.05 -21.72 -58.40
N GLN H 13 5.21 -21.41 -58.98
CA GLN H 13 6.19 -22.43 -59.31
C GLN H 13 7.17 -22.63 -58.16
N ALA H 14 7.67 -23.86 -58.02
CA ALA H 14 8.49 -24.26 -56.87
C ALA H 14 9.71 -23.35 -56.70
N GLY H 15 10.09 -23.11 -55.45
CA GLY H 15 11.10 -22.10 -55.13
C GLY H 15 10.57 -20.67 -55.23
N GLY H 16 9.32 -20.52 -55.66
CA GLY H 16 8.72 -19.18 -55.82
C GLY H 16 8.30 -18.56 -54.50
N SER H 17 7.71 -17.37 -54.58
CA SER H 17 7.23 -16.67 -53.39
C SER H 17 5.78 -16.26 -53.57
N LEU H 18 5.10 -16.01 -52.44
CA LEU H 18 3.72 -15.53 -52.48
C LEU H 18 3.35 -14.88 -51.14
N ARG H 19 2.51 -13.86 -51.21
CA ARG H 19 2.13 -13.11 -50.02
C ARG H 19 0.61 -13.19 -49.81
N LEU H 20 0.20 -13.82 -48.71
CA LEU H 20 -1.21 -13.89 -48.37
C LEU H 20 -1.59 -12.80 -47.37
N SER H 21 -2.81 -12.28 -47.51
CA SER H 21 -3.30 -11.23 -46.63
C SER H 21 -4.56 -11.69 -45.94
N CYS H 22 -4.82 -11.14 -44.76
CA CYS H 22 -6.06 -11.42 -44.06
C CYS H 22 -6.61 -10.17 -43.43
N ALA H 23 -7.70 -9.64 -43.99
CA ALA H 23 -8.28 -8.38 -43.52
C ALA H 23 -9.39 -8.67 -42.54
N ALA H 24 -9.38 -7.99 -41.39
CA ALA H 24 -10.31 -8.30 -40.32
C ALA H 24 -11.22 -7.12 -40.01
N SER H 25 -12.43 -7.41 -39.57
CA SER H 25 -13.39 -6.38 -39.18
C SER H 25 -14.16 -6.81 -37.95
N GLY H 26 -14.66 -5.84 -37.19
CA GLY H 26 -15.43 -6.14 -35.96
C GLY H 26 -14.57 -6.10 -34.70
N HIS H 27 -14.92 -6.91 -33.71
CA HIS H 27 -14.28 -6.82 -32.39
C HIS H 27 -12.90 -7.47 -32.38
N THR H 28 -11.95 -6.91 -33.12
CA THR H 28 -10.64 -7.53 -33.25
C THR H 28 -9.85 -7.46 -31.94
N PHE H 29 -10.27 -6.60 -31.02
CA PHE H 29 -9.58 -6.45 -29.73
C PHE H 29 -9.81 -7.64 -28.83
N ASN H 30 -11.00 -8.19 -28.87
CA ASN H 30 -11.35 -9.32 -28.02
C ASN H 30 -10.67 -10.60 -28.51
N TYR H 31 -10.16 -10.57 -29.74
CA TYR H 31 -9.50 -11.74 -30.32
C TYR H 31 -8.13 -11.34 -30.86
N PRO H 32 -7.16 -11.17 -29.95
CA PRO H 32 -5.91 -10.49 -30.28
C PRO H 32 -4.97 -11.32 -31.14
N ILE H 33 -4.86 -12.60 -30.85
CA ILE H 33 -3.93 -13.45 -31.58
C ILE H 33 -4.54 -13.90 -32.93
N MET H 34 -3.72 -13.81 -33.99
CA MET H 34 -4.09 -14.31 -35.31
C MET H 34 -3.21 -15.47 -35.70
N GLY H 35 -3.82 -16.44 -36.37
CA GLY H 35 -3.17 -17.70 -36.69
C GLY H 35 -3.40 -18.08 -38.14
N TRP H 36 -2.44 -18.80 -38.70
CA TRP H 36 -2.53 -19.33 -40.04
C TRP H 36 -2.52 -20.85 -40.00
N PHE H 37 -3.52 -21.44 -40.62
CA PHE H 37 -3.59 -22.87 -40.78
C PHE H 37 -3.68 -23.21 -42.27
N ARG H 38 -3.20 -24.39 -42.65
CA ARG H 38 -3.39 -24.89 -44.01
C ARG H 38 -3.98 -26.29 -43.99
N GLN H 39 -4.82 -26.59 -44.99
CA GLN H 39 -5.49 -27.89 -45.08
C GLN H 39 -5.21 -28.52 -46.45
N ALA H 40 -4.30 -29.51 -46.46
CA ALA H 40 -4.03 -30.28 -47.68
C ALA H 40 -5.25 -31.15 -48.03
N PRO H 41 -5.34 -31.63 -49.28
CA PRO H 41 -6.51 -32.38 -49.71
C PRO H 41 -6.81 -33.57 -48.79
N GLY H 42 -5.79 -34.38 -48.52
CA GLY H 42 -5.96 -35.60 -47.74
C GLY H 42 -5.70 -35.38 -46.27
N LYS H 43 -4.66 -34.62 -45.95
CA LYS H 43 -4.16 -34.48 -44.60
C LYS H 43 -5.09 -33.59 -43.75
N GLU H 44 -4.83 -33.57 -42.45
CA GLU H 44 -5.63 -32.78 -41.50
C GLU H 44 -5.15 -31.35 -41.48
N ARG H 45 -5.94 -30.47 -40.87
CA ARG H 45 -5.61 -29.05 -40.80
C ARG H 45 -4.36 -28.82 -39.96
N GLU H 46 -3.37 -28.15 -40.53
CA GLU H 46 -2.03 -28.06 -39.93
C GLU H 46 -1.79 -26.63 -39.48
N PHE H 47 -1.09 -26.47 -38.35
CA PHE H 47 -0.70 -25.16 -37.88
C PHE H 47 0.50 -24.64 -38.68
N VAL H 48 0.38 -23.40 -39.18
CA VAL H 48 1.47 -22.79 -39.93
C VAL H 48 2.27 -21.83 -39.04
N GLY H 49 1.57 -20.84 -38.49
CA GLY H 49 2.17 -19.87 -37.60
C GLY H 49 1.14 -18.92 -37.01
N ALA H 50 1.58 -18.01 -36.16
CA ALA H 50 0.67 -17.07 -35.51
C ALA H 50 1.40 -15.83 -35.05
N ILE H 51 0.65 -14.77 -34.75
CA ILE H 51 1.24 -13.49 -34.39
C ILE H 51 0.44 -12.80 -33.29
N SER H 52 1.10 -11.96 -32.48
CA SER H 52 0.47 -11.33 -31.31
C SER H 52 -0.26 -10.02 -31.65
N TRP H 53 -1.01 -9.52 -30.68
CA TRP H 53 -1.71 -8.23 -30.81
C TRP H 53 -0.73 -7.05 -31.01
N SER H 54 0.34 -7.03 -30.23
CA SER H 54 1.38 -6.02 -30.37
C SER H 54 2.16 -6.21 -31.67
N GLY H 55 2.12 -7.43 -32.20
CA GLY H 55 2.79 -7.73 -33.47
C GLY H 55 4.24 -8.14 -33.27
N GLY H 56 4.75 -7.96 -32.05
CA GLY H 56 6.15 -8.22 -31.75
C GLY H 56 6.49 -9.71 -31.79
N SER H 57 5.73 -10.50 -31.04
CA SER H 57 6.00 -11.93 -30.90
C SER H 57 5.27 -12.75 -31.99
N THR H 58 5.98 -13.70 -32.58
CA THR H 58 5.39 -14.63 -33.55
C THR H 58 5.67 -16.08 -33.12
N SER H 59 5.18 -17.03 -33.91
CA SER H 59 5.48 -18.45 -33.68
C SER H 59 5.16 -19.26 -34.94
N TYR H 60 6.08 -20.12 -35.36
CA TYR H 60 5.95 -20.85 -36.64
C TYR H 60 6.08 -22.35 -36.41
N ALA H 61 5.48 -23.13 -37.30
CA ALA H 61 5.75 -24.58 -37.34
C ALA H 61 7.16 -24.86 -37.87
N ASP H 62 7.69 -26.03 -37.55
CA ASP H 62 9.06 -26.40 -37.95
C ASP H 62 9.22 -26.49 -39.46
N SER H 63 8.22 -27.11 -40.12
CA SER H 63 8.25 -27.27 -41.59
C SER H 63 8.32 -25.92 -42.27
N VAL H 64 7.59 -24.96 -41.73
CA VAL H 64 7.43 -23.64 -42.34
C VAL H 64 8.47 -22.64 -41.81
N LYS H 65 9.19 -23.04 -40.76
CA LYS H 65 10.19 -22.17 -40.13
C LYS H 65 11.27 -21.77 -41.14
N ASP H 66 11.65 -20.50 -41.10
CA ASP H 66 12.79 -19.98 -41.89
C ASP H 66 12.42 -19.67 -43.34
N ARG H 67 11.24 -20.08 -43.79
CA ARG H 67 10.84 -19.88 -45.19
C ARG H 67 9.60 -18.99 -45.29
N PHE H 68 8.94 -18.78 -44.16
CA PHE H 68 7.74 -17.96 -44.10
C PHE H 68 7.93 -16.88 -43.04
N THR H 69 7.23 -15.76 -43.19
CA THR H 69 7.23 -14.73 -42.16
C THR H 69 5.84 -14.12 -42.03
N ILE H 70 5.37 -14.00 -40.79
CA ILE H 70 4.07 -13.40 -40.52
C ILE H 70 4.26 -12.00 -39.91
N SER H 71 3.53 -11.02 -40.44
CA SER H 71 3.60 -9.63 -39.96
C SER H 71 2.21 -9.06 -39.70
N ARG H 72 2.14 -8.02 -38.87
CA ARG H 72 0.86 -7.38 -38.54
C ARG H 72 0.91 -5.91 -38.82
N ASP H 73 -0.24 -5.35 -39.19
CA ASP H 73 -0.38 -3.92 -39.38
C ASP H 73 -1.74 -3.45 -38.86
N ASN H 74 -1.81 -3.18 -37.55
CA ASN H 74 -3.09 -2.88 -36.89
C ASN H 74 -3.74 -1.61 -37.46
N ALA H 75 -2.93 -0.79 -38.12
CA ALA H 75 -3.44 0.36 -38.89
C ALA H 75 -4.47 -0.07 -39.94
N LYS H 76 -4.24 -1.21 -40.58
CA LYS H 76 -5.11 -1.68 -41.66
C LYS H 76 -5.89 -2.92 -41.25
N ASN H 77 -5.84 -3.26 -39.97
CA ASN H 77 -6.49 -4.46 -39.45
C ASN H 77 -6.24 -5.65 -40.39
N THR H 78 -4.97 -6.00 -40.54
CA THR H 78 -4.53 -6.98 -41.50
C THR H 78 -3.27 -7.67 -41.00
N VAL H 79 -3.24 -8.99 -41.14
CA VAL H 79 -2.01 -9.76 -40.96
C VAL H 79 -1.55 -10.36 -42.27
N TYR H 80 -0.24 -10.40 -42.47
CA TYR H 80 0.32 -10.85 -43.73
C TYR H 80 1.12 -12.12 -43.53
N LEU H 81 1.18 -12.94 -44.56
CA LEU H 81 1.97 -14.18 -44.52
C LEU H 81 2.82 -14.32 -45.79
N GLU H 82 4.10 -13.98 -45.68
CA GLU H 82 5.01 -14.09 -46.82
C GLU H 82 5.66 -15.47 -46.86
N MET H 83 5.42 -16.19 -47.96
CA MET H 83 5.91 -17.57 -48.12
C MET H 83 6.96 -17.61 -49.23
N ASN H 84 8.21 -17.84 -48.85
CA ASN H 84 9.34 -17.79 -49.78
C ASN H 84 10.00 -19.16 -49.91
N ASN H 85 10.59 -19.44 -51.07
CA ASN H 85 11.16 -20.76 -51.37
C ASN H 85 10.09 -21.87 -51.22
N LEU H 86 8.99 -21.72 -51.95
CA LEU H 86 7.83 -22.60 -51.79
C LEU H 86 8.09 -24.00 -52.34
N LYS H 87 7.59 -25.00 -51.62
CA LYS H 87 7.71 -26.40 -52.04
C LYS H 87 6.32 -26.96 -52.40
N PRO H 88 6.28 -28.09 -53.13
CA PRO H 88 5.00 -28.75 -53.47
C PRO H 88 4.29 -29.31 -52.23
N GLU H 89 5.05 -29.52 -51.17
CA GLU H 89 4.50 -29.94 -49.90
C GLU H 89 3.60 -28.85 -49.28
N ASP H 90 3.85 -27.59 -49.66
CA ASP H 90 3.12 -26.46 -49.09
C ASP H 90 1.73 -26.31 -49.71
N THR H 91 1.46 -27.04 -50.79
CA THR H 91 0.18 -26.95 -51.49
C THR H 91 -0.97 -27.24 -50.52
N ALA H 92 -1.89 -26.30 -50.39
CA ALA H 92 -3.05 -26.47 -49.52
C ALA H 92 -3.97 -25.26 -49.58
N VAL H 93 -5.13 -25.37 -48.93
CA VAL H 93 -6.00 -24.21 -48.68
C VAL H 93 -5.57 -23.49 -47.40
N TYR H 94 -5.09 -22.26 -47.53
CA TYR H 94 -4.53 -21.55 -46.39
C TYR H 94 -5.60 -20.70 -45.68
N TYR H 95 -5.77 -20.96 -44.38
CA TYR H 95 -6.84 -20.36 -43.59
C TYR H 95 -6.30 -19.28 -42.65
N CYS H 96 -7.16 -18.36 -42.28
CA CYS H 96 -6.79 -17.29 -41.36
C CYS H 96 -7.74 -17.32 -40.17
N ALA H 97 -7.19 -17.36 -38.96
CA ALA H 97 -8.01 -17.56 -37.75
C ALA H 97 -7.70 -16.58 -36.65
N ALA H 98 -8.67 -16.30 -35.80
CA ALA H 98 -8.50 -15.35 -34.70
C ALA H 98 -8.84 -16.02 -33.38
N LYS H 99 -7.98 -15.83 -32.38
CA LYS H 99 -8.13 -16.56 -31.12
C LYS H 99 -8.44 -15.63 -29.97
N GLY H 100 -9.30 -16.10 -29.07
CA GLY H 100 -9.69 -15.33 -27.90
C GLY H 100 -8.57 -15.18 -26.90
N ARG H 101 -8.70 -14.20 -26.04
CA ARG H 101 -7.58 -13.79 -25.20
C ARG H 101 -7.11 -14.96 -24.31
N TYR H 102 -8.06 -15.67 -23.70
CA TYR H 102 -7.72 -16.82 -22.87
C TYR H 102 -8.30 -18.07 -23.48
N SER H 103 -7.72 -18.52 -24.59
CA SER H 103 -8.28 -19.64 -25.37
C SER H 103 -7.32 -20.81 -25.48
N GLY H 104 -6.26 -20.79 -24.68
CA GLY H 104 -5.32 -21.89 -24.63
C GLY H 104 -4.35 -21.87 -25.79
N GLY H 105 -3.83 -23.05 -26.14
CA GLY H 105 -2.63 -23.13 -26.94
C GLY H 105 -2.84 -22.68 -28.36
N LEU H 106 -1.76 -22.27 -29.01
CA LEU H 106 -1.83 -21.71 -30.37
C LEU H 106 -2.11 -22.78 -31.40
N TYR H 107 -1.58 -23.98 -31.16
CA TYR H 107 -1.43 -24.98 -32.21
C TYR H 107 -2.76 -25.63 -32.56
N TYR H 108 -3.67 -25.63 -31.60
CA TYR H 108 -4.92 -26.36 -31.72
C TYR H 108 -6.04 -25.46 -32.26
N PRO H 109 -6.64 -25.88 -33.38
CA PRO H 109 -7.63 -25.09 -34.12
C PRO H 109 -8.94 -24.91 -33.37
N THR H 110 -9.29 -25.89 -32.54
CA THR H 110 -10.50 -25.81 -31.72
C THR H 110 -10.62 -24.47 -31.02
N ASN H 111 -9.50 -23.98 -30.52
CA ASN H 111 -9.49 -22.81 -29.65
C ASN H 111 -9.87 -21.50 -30.38
N TYR H 112 -9.58 -21.44 -31.67
CA TYR H 112 -9.91 -20.26 -32.46
C TYR H 112 -11.41 -20.17 -32.68
N ASP H 113 -11.96 -18.97 -32.45
CA ASP H 113 -13.41 -18.75 -32.53
C ASP H 113 -13.84 -18.41 -33.97
N TYR H 114 -13.00 -17.67 -34.69
CA TYR H 114 -13.40 -17.11 -35.98
C TYR H 114 -12.40 -17.44 -37.07
N TRP H 115 -12.92 -17.87 -38.21
CA TRP H 115 -12.11 -18.26 -39.37
C TRP H 115 -12.55 -17.49 -40.60
N GLY H 116 -11.71 -17.51 -41.63
CA GLY H 116 -12.08 -17.01 -42.93
C GLY H 116 -12.03 -18.10 -43.96
N GLN H 117 -12.96 -18.09 -44.89
CA GLN H 117 -13.00 -19.10 -45.92
C GLN H 117 -11.75 -19.00 -46.81
N GLY H 118 -10.96 -20.07 -46.82
CA GLY H 118 -9.53 -19.97 -47.10
C GLY H 118 -9.25 -19.67 -48.56
N THR H 119 -8.00 -19.38 -48.86
CA THR H 119 -7.56 -19.19 -50.25
C THR H 119 -6.59 -20.31 -50.67
N GLN H 120 -6.69 -20.74 -51.93
CA GLN H 120 -5.92 -21.89 -52.42
C GLN H 120 -4.50 -21.47 -52.80
N VAL H 121 -3.53 -22.29 -52.41
CA VAL H 121 -2.16 -22.16 -52.92
C VAL H 121 -1.69 -23.49 -53.50
N THR H 122 -1.28 -23.47 -54.77
CA THR H 122 -0.78 -24.66 -55.46
C THR H 122 0.65 -24.42 -55.98
N VAL H 123 1.52 -25.43 -55.84
CA VAL H 123 2.96 -25.27 -56.10
C VAL H 123 3.46 -26.39 -57.02
N GLN I 1 26.31 -10.03 -26.07
CA GLN I 1 27.68 -10.58 -26.02
C GLN I 1 28.71 -9.56 -25.56
N VAL I 2 29.88 -10.06 -25.17
CA VAL I 2 30.96 -9.21 -24.63
C VAL I 2 32.31 -9.62 -25.19
N GLN I 3 33.21 -8.66 -25.38
CA GLN I 3 34.58 -8.95 -25.85
C GLN I 3 35.58 -8.27 -24.94
N LEU I 4 36.54 -9.05 -24.45
CA LEU I 4 37.53 -8.54 -23.51
C LEU I 4 38.91 -8.63 -24.10
N GLN I 5 39.72 -7.61 -23.86
CA GLN I 5 41.10 -7.61 -24.33
C GLN I 5 42.01 -7.02 -23.26
N GLU I 6 43.15 -7.68 -23.05
CA GLU I 6 44.07 -7.30 -21.98
C GLU I 6 45.26 -6.54 -22.55
N SER I 7 46.08 -6.03 -21.65
CA SER I 7 47.38 -5.48 -22.01
C SER I 7 48.17 -5.21 -20.74
N GLY I 8 49.46 -4.92 -20.90
CA GLY I 8 50.29 -4.50 -19.78
C GLY I 8 51.19 -5.59 -19.26
N GLY I 9 50.99 -6.82 -19.75
CA GLY I 9 51.83 -7.95 -19.38
C GLY I 9 53.22 -7.86 -19.99
N GLY I 10 54.22 -8.29 -19.24
CA GLY I 10 55.61 -8.18 -19.67
C GLY I 10 56.57 -8.86 -18.72
N LEU I 11 57.87 -8.72 -18.99
CA LEU I 11 58.90 -9.17 -18.06
C LEU I 11 59.13 -8.15 -16.94
N VAL I 12 59.16 -8.63 -15.70
CA VAL I 12 59.41 -7.78 -14.54
C VAL I 12 60.37 -8.49 -13.57
N GLN I 13 61.16 -7.71 -12.85
CA GLN I 13 62.09 -8.24 -11.86
C GLN I 13 61.40 -8.34 -10.50
N ALA I 14 61.82 -9.31 -9.70
CA ALA I 14 61.16 -9.60 -8.42
C ALA I 14 61.13 -8.38 -7.50
N GLY I 15 60.06 -8.25 -6.73
CA GLY I 15 59.80 -7.03 -5.96
C GLY I 15 59.28 -5.88 -6.83
N GLY I 16 59.24 -6.09 -8.14
CA GLY I 16 58.81 -5.03 -9.07
C GLY I 16 57.30 -4.83 -9.07
N SER I 17 56.84 -3.89 -9.92
CA SER I 17 55.42 -3.63 -10.06
C SER I 17 54.99 -3.70 -11.53
N LEU I 18 53.70 -3.90 -11.75
CA LEU I 18 53.15 -3.95 -13.10
C LEU I 18 51.64 -3.71 -13.07
N ARG I 19 51.12 -3.06 -14.11
CA ARG I 19 49.70 -2.72 -14.16
C ARG I 19 49.06 -3.36 -15.39
N LEU I 20 48.12 -4.28 -15.16
CA LEU I 20 47.37 -4.91 -16.26
C LEU I 20 46.04 -4.21 -16.48
N SER I 21 45.63 -4.13 -17.74
CA SER I 21 44.37 -3.49 -18.09
C SER I 21 43.50 -4.46 -18.83
N CYS I 22 42.19 -4.26 -18.74
CA CYS I 22 41.24 -5.06 -19.49
C CYS I 22 40.14 -4.21 -20.06
N ALA I 23 40.15 -4.00 -21.37
CA ALA I 23 39.17 -3.13 -22.03
C ALA I 23 38.01 -3.97 -22.55
N ALA I 24 36.79 -3.53 -22.27
CA ALA I 24 35.62 -4.35 -22.58
C ALA I 24 34.72 -3.64 -23.57
N SER I 25 34.04 -4.42 -24.41
CA SER I 25 33.09 -3.86 -25.38
C SER I 25 31.86 -4.74 -25.48
N GLY I 26 30.74 -4.15 -25.91
CA GLY I 26 29.47 -4.88 -26.03
C GLY I 26 28.60 -4.76 -24.78
N HIS I 27 27.82 -5.80 -24.50
CA HIS I 27 26.81 -5.72 -23.43
C HIS I 27 27.47 -5.85 -22.05
N THR I 28 28.26 -4.87 -21.65
CA THR I 28 28.97 -4.96 -20.38
C THR I 28 28.01 -4.87 -19.18
N PHE I 29 26.79 -4.39 -19.42
CA PHE I 29 25.80 -4.25 -18.34
C PHE I 29 25.27 -5.59 -17.89
N ASN I 30 25.10 -6.52 -18.82
CA ASN I 30 24.56 -7.82 -18.51
C ASN I 30 25.59 -8.68 -17.77
N TYR I 31 26.85 -8.25 -17.81
CA TYR I 31 27.93 -8.98 -17.14
C TYR I 31 28.72 -8.04 -16.25
N PRO I 32 28.16 -7.70 -15.07
CA PRO I 32 28.64 -6.58 -14.28
C PRO I 32 29.95 -6.86 -13.57
N ILE I 33 30.10 -8.06 -13.03
CA ILE I 33 31.29 -8.41 -12.28
C ILE I 33 32.45 -8.77 -13.22
N MET I 34 33.63 -8.22 -12.94
CA MET I 34 34.86 -8.57 -13.65
C MET I 34 35.85 -9.24 -12.74
N GLY I 35 36.54 -10.25 -13.28
CA GLY I 35 37.39 -11.11 -12.51
C GLY I 35 38.73 -11.33 -13.18
N TRP I 36 39.74 -11.57 -12.35
CA TRP I 36 41.08 -11.87 -12.82
C TRP I 36 41.49 -13.27 -12.40
N PHE I 37 41.91 -14.05 -13.38
CA PHE I 37 42.44 -15.36 -13.14
C PHE I 37 43.86 -15.45 -13.72
N ARG I 38 44.69 -16.30 -13.12
CA ARG I 38 46.02 -16.58 -13.70
C ARG I 38 46.24 -18.08 -13.84
N GLN I 39 46.95 -18.46 -14.90
CA GLN I 39 47.20 -19.87 -15.23
C GLN I 39 48.70 -20.11 -15.40
N ALA I 40 49.34 -20.71 -14.39
CA ALA I 40 50.74 -21.14 -14.54
C ALA I 40 50.82 -22.29 -15.54
N PRO I 41 52.03 -22.56 -16.08
CA PRO I 41 52.18 -23.62 -17.09
C PRO I 41 51.61 -24.96 -16.60
N GLY I 42 52.01 -25.37 -15.39
CA GLY I 42 51.64 -26.67 -14.86
C GLY I 42 50.36 -26.63 -14.03
N LYS I 43 50.22 -25.59 -13.21
CA LYS I 43 49.12 -25.52 -12.23
C LYS I 43 47.79 -25.21 -12.92
N GLU I 44 46.69 -25.35 -12.17
CA GLU I 44 45.36 -25.05 -12.68
C GLU I 44 45.08 -23.56 -12.64
N ARG I 45 44.00 -23.14 -13.30
CA ARG I 45 43.61 -21.73 -13.33
C ARG I 45 43.20 -21.24 -11.96
N GLU I 46 43.83 -20.18 -11.48
CA GLU I 46 43.69 -19.74 -10.09
C GLU I 46 42.95 -18.41 -10.06
N PHE I 47 42.12 -18.22 -9.04
CA PHE I 47 41.41 -16.96 -8.85
C PHE I 47 42.36 -15.92 -8.24
N VAL I 48 42.42 -14.74 -8.85
CA VAL I 48 43.24 -13.66 -8.34
C VAL I 48 42.42 -12.66 -7.54
N GLY I 49 41.42 -12.08 -8.20
CA GLY I 49 40.51 -11.12 -7.54
C GLY I 49 39.38 -10.70 -8.48
N ALA I 50 38.48 -9.88 -8.00
CA ALA I 50 37.35 -9.44 -8.80
C ALA I 50 36.80 -8.13 -8.28
N ILE I 51 35.99 -7.46 -9.11
CA ILE I 51 35.46 -6.13 -8.76
C ILE I 51 34.01 -5.98 -9.22
N SER I 52 33.25 -5.12 -8.54
CA SER I 52 31.81 -4.97 -8.80
C SER I 52 31.50 -3.96 -9.90
N TRP I 53 30.25 -3.92 -10.33
CA TRP I 53 29.76 -2.95 -11.32
C TRP I 53 29.90 -1.48 -10.84
N SER I 54 29.53 -1.24 -9.59
CA SER I 54 29.68 0.07 -8.98
C SER I 54 31.16 0.40 -8.75
N GLY I 55 31.99 -0.64 -8.69
CA GLY I 55 33.43 -0.46 -8.52
C GLY I 55 33.83 -0.37 -7.06
N GLY I 56 32.83 -0.24 -6.17
CA GLY I 56 33.09 -0.03 -4.75
C GLY I 56 33.65 -1.28 -4.07
N SER I 57 32.98 -2.41 -4.26
CA SER I 57 33.36 -3.65 -3.59
C SER I 57 34.34 -4.47 -4.44
N THR I 58 35.38 -4.99 -3.79
CA THR I 58 36.33 -5.90 -4.45
C THR I 58 36.45 -7.21 -3.67
N SER I 59 37.28 -8.12 -4.16
CA SER I 59 37.58 -9.36 -3.45
C SER I 59 38.84 -10.02 -4.03
N TYR I 60 39.76 -10.43 -3.16
CA TYR I 60 41.07 -10.92 -3.58
C TYR I 60 41.34 -12.29 -2.99
N ALA I 61 42.16 -13.09 -3.67
CA ALA I 61 42.71 -14.32 -3.08
C ALA I 61 43.73 -13.98 -1.97
N ASP I 62 43.92 -14.91 -1.04
CA ASP I 62 44.82 -14.67 0.10
C ASP I 62 46.28 -14.47 -0.33
N SER I 63 46.73 -15.30 -1.28
CA SER I 63 48.09 -15.21 -1.81
C SER I 63 48.37 -13.82 -2.39
N VAL I 64 47.38 -13.29 -3.07
CA VAL I 64 47.52 -12.04 -3.80
C VAL I 64 47.11 -10.84 -2.93
N LYS I 65 46.47 -11.11 -1.80
CA LYS I 65 45.96 -10.06 -0.92
C LYS I 65 47.09 -9.14 -0.44
N ASP I 66 46.84 -7.84 -0.44
CA ASP I 66 47.75 -6.85 0.15
C ASP I 66 48.91 -6.47 -0.76
N ARG I 67 49.05 -7.16 -1.88
CA ARG I 67 50.12 -6.87 -2.84
C ARG I 67 49.54 -6.44 -4.19
N PHE I 68 48.25 -6.67 -4.38
CA PHE I 68 47.57 -6.34 -5.64
C PHE I 68 46.36 -5.46 -5.33
N THR I 69 45.96 -4.64 -6.29
CA THR I 69 44.72 -3.87 -6.15
C THR I 69 43.99 -3.78 -7.48
N ILE I 70 42.68 -4.05 -7.45
CA ILE I 70 41.85 -3.98 -8.65
C ILE I 70 40.95 -2.74 -8.60
N SER I 71 40.91 -2.00 -9.71
CA SER I 71 40.10 -0.77 -9.80
C SER I 71 39.26 -0.77 -11.08
N ARG I 72 38.18 0.02 -11.08
CA ARG I 72 37.28 0.11 -12.24
C ARG I 72 37.14 1.54 -12.68
N ASP I 73 36.93 1.72 -13.98
CA ASP I 73 36.65 3.02 -14.54
C ASP I 73 35.61 2.89 -15.66
N ASN I 74 34.33 2.88 -15.28
CA ASN I 74 33.24 2.58 -16.23
C ASN I 74 33.18 3.63 -17.34
N ALA I 75 33.78 4.80 -17.11
CA ALA I 75 33.99 5.81 -18.15
C ALA I 75 34.73 5.24 -19.37
N LYS I 76 35.71 4.37 -19.12
CA LYS I 76 36.55 3.82 -20.19
C LYS I 76 36.27 2.34 -20.41
N ASN I 77 35.24 1.81 -19.75
CA ASN I 77 34.92 0.39 -19.83
C ASN I 77 36.19 -0.47 -19.69
N THR I 78 36.83 -0.30 -18.54
CA THR I 78 38.13 -0.89 -18.28
C THR I 78 38.29 -1.17 -16.79
N VAL I 79 38.81 -2.35 -16.48
CA VAL I 79 39.25 -2.66 -15.13
C VAL I 79 40.75 -2.83 -15.08
N TYR I 80 41.36 -2.38 -13.99
CA TYR I 80 42.81 -2.37 -13.88
C TYR I 80 43.25 -3.30 -12.76
N LEU I 81 44.45 -3.86 -12.88
CA LEU I 81 45.01 -4.73 -11.86
C LEU I 81 46.47 -4.34 -11.58
N GLU I 82 46.68 -3.61 -10.49
CA GLU I 82 48.03 -3.19 -10.10
C GLU I 82 48.68 -4.24 -9.20
N MET I 83 49.80 -4.79 -9.66
CA MET I 83 50.51 -5.87 -8.95
C MET I 83 51.85 -5.33 -8.43
N ASN I 84 51.96 -5.20 -7.12
CA ASN I 84 53.14 -4.60 -6.49
C ASN I 84 53.87 -5.63 -5.62
N ASN I 85 55.19 -5.48 -5.49
CA ASN I 85 56.02 -6.45 -4.78
C ASN I 85 55.87 -7.86 -5.37
N LEU I 86 56.14 -7.98 -6.67
CA LEU I 86 55.88 -9.22 -7.42
C LEU I 86 56.87 -10.32 -7.04
N LYS I 87 56.36 -11.55 -6.95
CA LYS I 87 57.19 -12.72 -6.66
C LYS I 87 57.25 -13.64 -7.89
N PRO I 88 58.24 -14.56 -7.92
CA PRO I 88 58.34 -15.54 -9.03
C PRO I 88 57.18 -16.53 -9.03
N GLU I 89 56.52 -16.67 -7.89
CA GLU I 89 55.34 -17.51 -7.80
C GLU I 89 54.15 -16.91 -8.56
N ASP I 90 54.20 -15.60 -8.81
CA ASP I 90 53.11 -14.91 -9.52
C ASP I 90 53.18 -15.15 -11.03
N THR I 91 54.30 -15.69 -11.51
CA THR I 91 54.48 -15.91 -12.95
C THR I 91 53.34 -16.75 -13.52
N ALA I 92 52.64 -16.22 -14.51
CA ALA I 92 51.55 -16.94 -15.16
C ALA I 92 50.96 -16.11 -16.31
N VAL I 93 50.04 -16.72 -17.05
CA VAL I 93 49.22 -16.00 -18.03
C VAL I 93 47.98 -15.43 -17.33
N TYR I 94 47.89 -14.11 -17.26
CA TYR I 94 46.81 -13.48 -16.50
C TYR I 94 45.61 -13.21 -17.40
N TYR I 95 44.45 -13.73 -16.97
CA TYR I 95 43.23 -13.69 -17.77
C TYR I 95 42.24 -12.66 -17.19
N CYS I 96 41.37 -12.17 -18.06
CA CYS I 96 40.35 -11.24 -17.65
C CYS I 96 38.98 -11.81 -18.00
N ALA I 97 38.08 -11.88 -17.03
CA ALA I 97 36.78 -12.53 -17.24
C ALA I 97 35.61 -11.69 -16.78
N ALA I 98 34.45 -11.92 -17.39
CA ALA I 98 33.23 -11.19 -17.04
C ALA I 98 32.13 -12.16 -16.65
N LYS I 99 31.44 -11.86 -15.53
CA LYS I 99 30.47 -12.81 -14.99
C LYS I 99 29.07 -12.27 -15.05
N GLY I 100 28.13 -13.16 -15.35
CA GLY I 100 26.73 -12.79 -15.44
C GLY I 100 26.12 -12.44 -14.10
N ARG I 101 25.02 -11.73 -14.14
CA ARG I 101 24.49 -11.12 -12.94
C ARG I 101 24.15 -12.20 -11.89
N TYR I 102 23.50 -13.29 -12.33
CA TYR I 102 23.17 -14.38 -11.43
C TYR I 102 23.93 -15.63 -11.80
N SER I 103 25.24 -15.63 -11.58
CA SER I 103 26.10 -16.71 -12.08
C SER I 103 26.84 -17.41 -10.96
N GLY I 104 26.44 -17.15 -9.73
CA GLY I 104 27.03 -17.85 -8.59
C GLY I 104 28.38 -17.29 -8.21
N GLY I 105 29.20 -18.12 -7.58
CA GLY I 105 30.32 -17.62 -6.79
C GLY I 105 31.41 -17.06 -7.64
N LEU I 106 32.21 -16.17 -7.05
CA LEU I 106 33.25 -15.45 -7.80
C LEU I 106 34.41 -16.37 -8.17
N TYR I 107 34.71 -17.31 -7.29
CA TYR I 107 36.00 -18.01 -7.31
C TYR I 107 36.07 -19.02 -8.44
N TYR I 108 34.91 -19.50 -8.87
CA TYR I 108 34.83 -20.59 -9.82
C TYR I 108 34.71 -20.09 -11.25
N PRO I 109 35.66 -20.49 -12.10
CA PRO I 109 35.79 -19.98 -13.48
C PRO I 109 34.66 -20.41 -14.39
N THR I 110 34.08 -21.57 -14.11
CA THR I 110 32.92 -22.07 -14.86
C THR I 110 31.89 -20.97 -15.09
N ASN I 111 31.65 -20.19 -14.04
CA ASN I 111 30.52 -19.27 -14.00
C ASN I 111 30.70 -18.09 -14.98
N TYR I 112 31.93 -17.72 -15.24
CA TYR I 112 32.22 -16.62 -16.14
C TYR I 112 31.91 -17.02 -17.59
N ASP I 113 31.18 -16.15 -18.29
CA ASP I 113 30.73 -16.45 -19.66
C ASP I 113 31.79 -16.01 -20.69
N TYR I 114 32.48 -14.91 -20.43
CA TYR I 114 33.34 -14.30 -21.43
C TYR I 114 34.74 -14.06 -20.89
N TRP I 115 35.73 -14.47 -21.68
CA TRP I 115 37.15 -14.34 -21.32
C TRP I 115 37.89 -13.57 -22.39
N GLY I 116 39.10 -13.12 -22.05
CA GLY I 116 40.00 -12.52 -23.03
C GLY I 116 41.27 -13.31 -23.12
N GLN I 117 41.81 -13.46 -24.32
CA GLN I 117 43.04 -14.20 -24.50
C GLN I 117 44.20 -13.51 -23.76
N GLY I 118 44.77 -14.23 -22.81
CA GLY I 118 45.45 -13.62 -21.67
C GLY I 118 46.76 -12.95 -22.04
N THR I 119 47.32 -12.20 -21.11
CA THR I 119 48.66 -11.63 -21.29
C THR I 119 49.66 -12.25 -20.30
N GLN I 120 50.89 -12.46 -20.77
CA GLN I 120 51.92 -13.17 -19.99
C GLN I 120 52.59 -12.23 -19.00
N VAL I 121 52.79 -12.71 -17.78
CA VAL I 121 53.63 -12.04 -16.80
C VAL I 121 54.70 -13.00 -16.27
N THR I 122 55.96 -12.61 -16.42
CA THR I 122 57.09 -13.41 -15.94
C THR I 122 57.95 -12.60 -14.95
N VAL I 123 58.38 -13.25 -13.86
CA VAL I 123 59.02 -12.56 -12.74
C VAL I 123 60.33 -13.24 -12.37
N GLN J 1 34.60 4.79 15.63
CA GLN J 1 35.08 4.70 17.04
C GLN J 1 34.61 5.89 17.88
N VAL J 2 34.77 5.79 19.21
CA VAL J 2 34.37 6.85 20.14
C VAL J 2 35.41 7.03 21.24
N GLN J 3 35.58 8.27 21.70
CA GLN J 3 36.52 8.57 22.80
C GLN J 3 35.81 9.40 23.86
N LEU J 4 35.86 8.93 25.11
CA LEU J 4 35.15 9.58 26.20
C LEU J 4 36.15 10.09 27.23
N GLN J 5 35.89 11.28 27.74
CA GLN J 5 36.72 11.84 28.82
C GLN J 5 35.84 12.51 29.87
N GLU J 6 36.15 12.25 31.14
CA GLU J 6 35.36 12.74 32.25
C GLU J 6 36.03 13.92 32.90
N SER J 7 35.31 14.54 33.83
CA SER J 7 35.89 15.56 34.69
C SER J 7 34.89 15.88 35.79
N GLY J 8 35.34 16.62 36.78
CA GLY J 8 34.45 17.13 37.83
C GLY J 8 34.55 16.35 39.12
N GLY J 9 35.28 15.23 39.08
CA GLY J 9 35.52 14.43 40.28
C GLY J 9 36.46 15.12 41.25
N GLY J 10 36.21 14.96 42.54
CA GLY J 10 37.00 15.61 43.58
C GLY J 10 36.58 15.18 44.97
N LEU J 11 37.15 15.82 45.98
CA LEU J 11 36.73 15.59 47.37
C LEU J 11 35.50 16.42 47.71
N VAL J 12 34.52 15.78 48.33
CA VAL J 12 33.30 16.45 48.77
C VAL J 12 32.90 15.97 50.16
N GLN J 13 32.27 16.86 50.94
CA GLN J 13 31.79 16.49 52.26
C GLN J 13 30.35 15.98 52.19
N ALA J 14 30.02 15.08 53.12
CA ALA J 14 28.74 14.35 53.09
C ALA J 14 27.55 15.31 53.07
N GLY J 15 26.49 14.91 52.37
CA GLY J 15 25.36 15.81 52.09
C GLY J 15 25.67 16.83 51.00
N GLY J 16 26.92 16.86 50.52
CA GLY J 16 27.35 17.83 49.51
C GLY J 16 26.86 17.48 48.11
N SER J 17 27.23 18.31 47.14
CA SER J 17 26.86 18.09 45.75
C SER J 17 28.08 18.11 44.85
N LEU J 18 27.96 17.50 43.68
CA LEU J 18 29.04 17.50 42.69
C LEU J 18 28.49 17.17 41.30
N ARG J 19 29.09 17.78 40.28
CA ARG J 19 28.63 17.60 38.91
C ARG J 19 29.74 17.00 38.06
N LEU J 20 29.52 15.79 37.56
CA LEU J 20 30.47 15.13 36.67
C LEU J 20 30.08 15.34 35.21
N SER J 21 31.07 15.50 34.35
CA SER J 21 30.85 15.71 32.93
C SER J 21 31.53 14.60 32.15
N CYS J 22 31.00 14.31 30.98
CA CYS J 22 31.64 13.38 30.07
C CYS J 22 31.57 13.88 28.65
N ALA J 23 32.71 14.32 28.12
CA ALA J 23 32.76 14.88 26.77
C ALA J 23 33.13 13.79 25.77
N ALA J 24 32.39 13.69 24.68
CA ALA J 24 32.58 12.60 23.74
C ALA J 24 33.02 13.13 22.38
N SER J 25 33.80 12.33 21.68
CA SER J 25 34.21 12.65 20.33
C SER J 25 34.15 11.42 19.44
N GLY J 26 33.99 11.63 18.13
CA GLY J 26 33.91 10.54 17.16
C GLY J 26 32.48 10.12 16.85
N HIS J 27 32.29 8.85 16.52
CA HIS J 27 31.00 8.38 15.99
C HIS J 27 29.99 8.19 17.12
N THR J 28 29.56 9.31 17.73
CA THR J 28 28.63 9.23 18.85
C THR J 28 27.26 8.74 18.42
N PHE J 29 26.97 8.80 17.12
CA PHE J 29 25.66 8.38 16.61
C PHE J 29 25.48 6.88 16.67
N ASN J 30 26.55 6.15 16.41
CA ASN J 30 26.49 4.70 16.40
C ASN J 30 26.38 4.14 17.82
N TYR J 31 26.67 4.98 18.81
CA TYR J 31 26.59 4.58 20.21
C TYR J 31 25.73 5.56 21.00
N PRO J 32 24.40 5.47 20.86
CA PRO J 32 23.50 6.51 21.29
C PRO J 32 23.33 6.59 22.79
N ILE J 33 23.23 5.44 23.45
CA ILE J 33 23.00 5.43 24.89
C ILE J 33 24.30 5.66 25.65
N MET J 34 24.24 6.53 26.66
CA MET J 34 25.36 6.78 27.56
C MET J 34 25.01 6.33 28.96
N GLY J 35 26.00 5.75 29.63
CA GLY J 35 25.81 5.14 30.92
C GLY J 35 26.88 5.59 31.91
N TRP J 36 26.50 5.59 33.17
CA TRP J 36 27.41 5.88 34.25
C TRP J 36 27.57 4.66 35.15
N PHE J 37 28.81 4.27 35.36
CA PHE J 37 29.12 3.21 36.29
C PHE J 37 30.09 3.74 37.34
N ARG J 38 30.05 3.16 38.54
CA ARG J 38 31.04 3.47 39.56
C ARG J 38 31.67 2.19 40.11
N GLN J 39 32.96 2.28 40.46
CA GLN J 39 33.71 1.12 40.96
C GLN J 39 34.32 1.46 42.33
N ALA J 40 33.70 0.96 43.40
CA ALA J 40 34.26 1.10 44.74
C ALA J 40 35.54 0.28 44.86
N PRO J 41 36.39 0.59 45.86
CA PRO J 41 37.67 -0.11 45.99
C PRO J 41 37.49 -1.64 46.04
N GLY J 42 36.58 -2.09 46.90
CA GLY J 42 36.37 -3.52 47.14
C GLY J 42 35.31 -4.11 46.23
N LYS J 43 34.20 -3.40 46.07
CA LYS J 43 33.02 -3.95 45.40
C LYS J 43 33.23 -4.01 43.87
N GLU J 44 32.29 -4.66 43.18
CA GLU J 44 32.31 -4.75 41.72
C GLU J 44 31.79 -3.47 41.08
N ARG J 45 31.97 -3.36 39.77
CA ARG J 45 31.50 -2.19 39.02
C ARG J 45 29.97 -2.14 39.01
N GLU J 46 29.42 -1.02 39.46
CA GLU J 46 27.98 -0.91 39.73
C GLU J 46 27.35 0.04 38.72
N PHE J 47 26.13 -0.27 38.31
CA PHE J 47 25.39 0.60 37.42
C PHE J 47 24.81 1.77 38.20
N VAL J 48 25.04 2.99 37.71
CA VAL J 48 24.51 4.19 38.34
C VAL J 48 23.24 4.66 37.64
N GLY J 49 23.36 4.93 36.34
CA GLY J 49 22.23 5.37 35.53
C GLY J 49 22.63 5.51 34.08
N ALA J 50 21.67 5.87 33.24
CA ALA J 50 21.93 6.00 31.81
C ALA J 50 20.93 6.91 31.16
N ILE J 51 21.25 7.38 29.96
CA ILE J 51 20.40 8.35 29.28
C ILE J 51 20.35 8.06 27.77
N SER J 52 19.25 8.45 27.13
CA SER J 52 19.01 8.12 25.71
C SER J 52 19.62 9.16 24.75
N TRP J 53 19.62 8.82 23.46
CA TRP J 53 20.09 9.72 22.40
C TRP J 53 19.27 11.03 22.33
N SER J 54 17.96 10.90 22.39
CA SER J 54 17.07 12.06 22.42
C SER J 54 17.23 12.84 23.72
N GLY J 55 17.72 12.17 24.76
CA GLY J 55 17.95 12.81 26.05
C GLY J 55 16.72 12.76 26.94
N GLY J 56 15.59 12.36 26.37
CA GLY J 56 14.31 12.41 27.08
C GLY J 56 14.24 11.35 28.16
N SER J 57 14.51 10.10 27.79
CA SER J 57 14.37 8.98 28.70
C SER J 57 15.67 8.71 29.47
N THR J 58 15.55 8.48 30.77
CA THR J 58 16.69 8.11 31.61
C THR J 58 16.38 6.82 32.36
N SER J 59 17.34 6.35 33.16
CA SER J 59 17.12 5.24 34.07
C SER J 59 18.22 5.22 35.14
N TYR J 60 17.81 5.05 36.40
CA TYR J 60 18.74 5.13 37.53
C TYR J 60 18.68 3.86 38.37
N ALA J 61 19.77 3.55 39.06
CA ALA J 61 19.76 2.54 40.11
C ALA J 61 18.98 3.03 41.34
N ASP J 62 18.45 2.09 42.13
CA ASP J 62 17.62 2.44 43.29
C ASP J 62 18.40 3.19 44.36
N SER J 63 19.63 2.76 44.62
CA SER J 63 20.51 3.42 45.59
C SER J 63 20.71 4.89 45.23
N VAL J 64 20.88 5.16 43.95
CA VAL J 64 21.22 6.49 43.45
C VAL J 64 19.95 7.29 43.09
N LYS J 65 18.82 6.61 43.05
CA LYS J 65 17.56 7.23 42.62
C LYS J 65 17.20 8.41 43.51
N ASP J 66 16.73 9.50 42.90
CA ASP J 66 16.18 10.66 43.63
C ASP J 66 17.26 11.60 44.17
N ARG J 67 18.52 11.19 44.10
CA ARG J 67 19.61 12.02 44.62
C ARG J 67 20.56 12.42 43.49
N PHE J 68 20.43 11.76 42.34
CA PHE J 68 21.26 12.04 41.19
C PHE J 68 20.37 12.36 40.00
N THR J 69 20.89 13.13 39.05
CA THR J 69 20.17 13.36 37.79
C THR J 69 21.15 13.39 36.62
N ILE J 70 20.81 12.66 35.57
CA ILE J 70 21.63 12.62 34.36
C ILE J 70 20.96 13.43 33.25
N SER J 71 21.74 14.30 32.59
CA SER J 71 21.22 15.14 31.51
C SER J 71 22.13 15.07 30.28
N ARG J 72 21.58 15.41 29.12
CA ARG J 72 22.33 15.38 27.87
C ARG J 72 22.29 16.72 27.19
N ASP J 73 23.36 17.03 26.46
CA ASP J 73 23.41 18.23 25.64
C ASP J 73 24.17 17.94 24.34
N ASN J 74 23.45 17.40 23.35
CA ASN J 74 24.06 16.91 22.12
C ASN J 74 24.75 18.04 21.34
N ALA J 75 24.37 19.28 21.66
CA ALA J 75 25.08 20.47 21.16
C ALA J 75 26.57 20.44 21.50
N LYS J 76 26.89 19.96 22.71
CA LYS J 76 28.27 19.96 23.19
C LYS J 76 28.83 18.53 23.29
N ASN J 77 28.09 17.56 22.77
CA ASN J 77 28.48 16.15 22.85
C ASN J 77 28.97 15.80 24.26
N THR J 78 28.06 15.96 25.21
CA THR J 78 28.38 15.85 26.62
C THR J 78 27.15 15.36 27.38
N VAL J 79 27.37 14.42 28.28
CA VAL J 79 26.36 14.05 29.27
C VAL J 79 26.81 14.43 30.67
N TYR J 80 25.88 14.87 31.49
CA TYR J 80 26.20 15.37 32.81
C TYR J 80 25.60 14.48 33.87
N LEU J 81 26.23 14.42 35.03
CA LEU J 81 25.72 13.65 36.17
C LEU J 81 25.78 14.48 37.45
N GLU J 82 24.63 15.04 37.84
CA GLU J 82 24.56 15.83 39.07
C GLU J 82 24.24 14.95 40.26
N MET J 83 25.15 14.93 41.24
CA MET J 83 25.02 14.08 42.42
C MET J 83 24.80 14.96 43.66
N ASN J 84 23.59 14.90 44.21
CA ASN J 84 23.21 15.77 45.34
C ASN J 84 22.92 14.93 46.58
N ASN J 85 23.14 15.52 47.75
CA ASN J 85 23.01 14.79 49.03
C ASN J 85 23.92 13.55 49.05
N LEU J 86 25.22 13.77 48.84
CA LEU J 86 26.17 12.67 48.67
C LEU J 86 26.44 11.94 49.99
N LYS J 87 26.55 10.61 49.91
CA LYS J 87 26.86 9.78 51.08
C LYS J 87 28.26 9.17 50.92
N PRO J 88 28.85 8.67 52.03
CA PRO J 88 30.16 8.00 51.97
C PRO J 88 30.11 6.67 51.21
N GLU J 89 28.90 6.12 51.08
CA GLU J 89 28.68 4.93 50.29
C GLU J 89 28.85 5.20 48.80
N ASP J 90 28.73 6.45 48.40
CA ASP J 90 28.87 6.83 46.98
C ASP J 90 30.33 6.90 46.53
N THR J 91 31.26 6.86 47.50
CA THR J 91 32.69 6.98 47.18
C THR J 91 33.10 5.89 46.18
N ALA J 92 33.66 6.31 45.06
CA ALA J 92 34.10 5.36 44.03
C ALA J 92 34.73 6.10 42.86
N VAL J 93 35.31 5.34 41.93
CA VAL J 93 35.75 5.87 40.63
C VAL J 93 34.59 5.84 39.64
N TYR J 94 34.13 7.02 39.23
CA TYR J 94 32.93 7.09 38.39
C TYR J 94 33.31 7.07 36.90
N TYR J 95 32.73 6.11 36.17
CA TYR J 95 33.07 5.86 34.78
C TYR J 95 31.97 6.33 33.85
N CYS J 96 32.34 6.65 32.62
CA CYS J 96 31.40 7.07 31.61
C CYS J 96 31.48 6.13 30.42
N ALA J 97 30.35 5.57 30.01
CA ALA J 97 30.36 4.51 28.97
C ALA J 97 29.33 4.78 27.87
N ALA J 98 29.62 4.24 26.69
CA ALA J 98 28.71 4.42 25.53
C ALA J 98 28.31 3.08 24.96
N LYS J 99 27.02 2.90 24.69
CA LYS J 99 26.52 1.58 24.30
C LYS J 99 25.98 1.58 22.89
N GLY J 100 26.23 0.49 22.17
CA GLY J 100 25.78 0.35 20.80
C GLY J 100 24.27 0.22 20.69
N ARG J 101 23.75 0.50 19.51
CA ARG J 101 22.32 0.67 19.37
C ARG J 101 21.56 -0.62 19.77
N TYR J 102 22.06 -1.77 19.32
CA TYR J 102 21.46 -3.04 19.67
C TYR J 102 22.41 -3.87 20.52
N SER J 103 22.63 -3.45 21.76
CA SER J 103 23.66 -4.04 22.61
C SER J 103 23.08 -4.61 23.89
N GLY J 104 21.76 -4.74 23.94
CA GLY J 104 21.10 -5.38 25.07
C GLY J 104 20.97 -4.47 26.26
N GLY J 105 20.89 -5.07 27.43
CA GLY J 105 20.38 -4.39 28.61
C GLY J 105 21.33 -3.33 29.10
N LEU J 106 20.78 -2.34 29.82
CA LEU J 106 21.57 -1.18 30.24
C LEU J 106 22.53 -1.54 31.36
N TYR J 107 22.11 -2.47 32.22
CA TYR J 107 22.71 -2.63 33.54
C TYR J 107 24.08 -3.31 33.44
N TYR J 108 24.27 -4.08 32.38
CA TYR J 108 25.43 -4.94 32.27
C TYR J 108 26.54 -4.26 31.46
N PRO J 109 27.72 -4.09 32.07
CA PRO J 109 28.85 -3.33 31.53
C PRO J 109 29.46 -3.94 30.28
N THR J 110 29.42 -5.26 30.18
CA THR J 110 29.94 -5.94 28.98
C THR J 110 29.45 -5.31 27.70
N ASN J 111 28.19 -4.91 27.69
CA ASN J 111 27.52 -4.46 26.47
C ASN J 111 28.10 -3.12 25.91
N TYR J 112 28.60 -2.30 26.82
CA TYR J 112 29.19 -1.02 26.42
C TYR J 112 30.53 -1.24 25.71
N ASP J 113 30.70 -0.58 24.57
CA ASP J 113 31.91 -0.76 23.76
C ASP J 113 33.04 0.19 24.19
N TYR J 114 32.68 1.41 24.60
CA TYR J 114 33.67 2.44 24.84
C TYR J 114 33.51 3.05 26.23
N TRP J 115 34.62 3.18 26.92
CA TRP J 115 34.68 3.74 28.28
C TRP J 115 35.66 4.90 28.31
N GLY J 116 35.59 5.68 29.38
CA GLY J 116 36.60 6.69 29.65
C GLY J 116 37.28 6.43 30.96
N GLN J 117 38.57 6.72 31.03
CA GLN J 117 39.32 6.51 32.25
C GLN J 117 38.78 7.41 33.37
N GLY J 118 38.28 6.77 34.43
CA GLY J 118 37.26 7.37 35.28
C GLY J 118 37.82 8.49 36.14
N THR J 119 36.92 9.22 36.80
CA THR J 119 37.32 10.25 37.74
C THR J 119 36.91 9.87 39.17
N GLN J 120 37.77 10.19 40.14
CA GLN J 120 37.57 9.77 41.53
C GLN J 120 36.60 10.71 42.24
N VAL J 121 35.67 10.12 43.00
CA VAL J 121 34.84 10.87 43.93
C VAL J 121 34.95 10.29 45.33
N THR J 122 35.36 11.11 46.29
CA THR J 122 35.47 10.68 47.69
C THR J 122 34.58 11.57 48.60
N VAL J 123 33.91 10.94 49.57
CA VAL J 123 32.88 11.61 50.37
C VAL J 123 33.15 11.37 51.86
C1 NAG K . -2.10 7.78 30.15
C2 NAG K . -1.43 8.00 31.50
C3 NAG K . -1.93 6.97 32.51
C4 NAG K . -3.46 6.98 32.57
C5 NAG K . -4.06 6.84 31.18
C6 NAG K . -5.57 6.99 31.19
C7 NAG K . 0.75 8.99 31.00
C8 NAG K . 2.23 8.84 31.12
N2 NAG K . 0.02 7.94 31.40
O3 NAG K . -1.38 7.28 33.78
O4 NAG K . -3.93 5.91 33.38
O5 NAG K . -3.53 7.84 30.30
O6 NAG K . -6.11 6.94 29.89
O7 NAG K . 0.23 10.02 30.56
C1 NAG K . -4.22 6.05 34.72
C2 NAG K . -4.89 4.76 35.18
C3 NAG K . -5.13 4.82 36.68
C4 NAG K . -3.83 5.10 37.40
C5 NAG K . -3.19 6.37 36.84
C6 NAG K . -1.83 6.68 37.43
C7 NAG K . -6.21 3.80 33.34
C8 NAG K . -7.56 3.72 32.70
N2 NAG K . -6.14 4.53 34.47
O3 NAG K . -5.68 3.58 37.10
O4 NAG K . -4.06 5.27 38.79
O5 NAG K . -3.00 6.23 35.43
O6 NAG K . -1.36 7.96 37.02
O7 NAG K . -5.21 3.29 32.83
C1 BMA K . -3.64 4.18 39.52
C2 BMA K . -3.44 4.70 40.94
C3 BMA K . -3.01 3.56 41.85
C4 BMA K . -4.00 2.39 41.75
C5 BMA K . -4.16 1.97 40.29
C6 BMA K . -5.22 0.90 40.10
O2 BMA K . -4.64 5.31 41.41
O3 BMA K . -2.92 4.03 43.18
O4 BMA K . -3.53 1.28 42.52
O5 BMA K . -4.58 3.11 39.51
O6 BMA K . -6.33 1.10 40.96
C1 MAN K . -1.62 4.45 43.40
C2 MAN K . -1.20 4.15 44.84
C3 MAN K . -1.92 5.08 45.81
C4 MAN K . -1.80 6.53 45.37
C5 MAN K . -2.26 6.67 43.93
C6 MAN K . -2.11 8.09 43.41
O2 MAN K . 0.21 4.30 44.96
O3 MAN K . -1.38 4.91 47.11
O4 MAN K . -2.61 7.36 46.19
O5 MAN K . -1.45 5.84 43.09
O6 MAN K . -2.28 8.16 42.00
C1 MAN K . -7.10 -0.03 41.14
C2 MAN K . -8.53 0.47 41.31
C3 MAN K . -8.59 1.33 42.57
C4 MAN K . -8.09 0.55 43.77
C5 MAN K . -6.71 -0.03 43.49
C6 MAN K . -6.20 -0.94 44.59
O2 MAN K . -9.43 -0.63 41.42
O3 MAN K . -9.92 1.81 42.78
O4 MAN K . -8.01 1.41 44.90
O5 MAN K . -6.73 -0.81 42.29
O6 MAN K . -4.90 -1.44 44.33
C1 NAG L . -30.24 1.41 8.11
C2 NAG L . -31.17 1.62 9.30
C3 NAG L . -31.92 0.33 9.59
C4 NAG L . -32.63 -0.18 8.34
C5 NAG L . -31.70 -0.21 7.12
C6 NAG L . -32.45 -0.42 5.84
C7 NAG L . -30.63 3.29 11.03
C8 NAG L . -29.81 3.57 12.25
N2 NAG L . -30.45 2.07 10.48
O3 NAG L . -32.89 0.59 10.61
O4 NAG L . -33.10 -1.50 8.57
O5 NAG L . -31.00 1.04 6.97
O6 NAG L . -31.59 -0.37 4.70
O7 NAG L . -31.43 4.10 10.57
C1 NAG L . -34.47 -1.65 8.52
C2 NAG L . -34.78 -3.13 8.31
C3 NAG L . -36.27 -3.37 8.51
C4 NAG L . -36.67 -2.88 9.90
C5 NAG L . -36.28 -1.41 10.06
C6 NAG L . -36.56 -0.87 11.45
C7 NAG L . -33.16 -4.09 6.76
C8 NAG L . -32.97 -4.74 5.42
N2 NAG L . -34.36 -3.57 6.99
O3 NAG L . -36.54 -4.76 8.39
O4 NAG L . -38.07 -3.03 10.10
O5 NAG L . -34.87 -1.26 9.84
O6 NAG L . -36.22 0.49 11.55
O7 NAG L . -32.26 -4.07 7.60
C1 BMA L . -38.26 -3.98 11.08
C2 BMA L . -39.60 -3.65 11.70
C3 BMA L . -40.00 -4.76 12.68
C4 BMA L . -39.92 -6.14 12.03
C5 BMA L . -38.62 -6.34 11.23
C6 BMA L . -38.72 -7.55 10.30
O2 BMA L . -40.59 -3.53 10.67
O3 BMA L . -41.34 -4.55 13.11
O4 BMA L . -40.00 -7.12 13.06
O5 BMA L . -38.36 -5.20 10.38
O6 BMA L . -39.93 -7.48 9.55
C1 MAN L . -41.40 -3.74 14.22
C2 MAN L . -42.62 -4.16 15.00
C3 MAN L . -43.89 -3.85 14.21
C4 MAN L . -43.90 -2.41 13.70
C5 MAN L . -42.59 -2.07 13.00
C6 MAN L . -42.49 -0.60 12.63
O2 MAN L . -42.63 -3.52 16.26
O3 MAN L . -45.03 -4.09 15.02
O4 MAN L . -44.98 -2.22 12.79
O5 MAN L . -41.49 -2.35 13.88
O6 MAN L . -41.17 -0.22 12.26
C1 MAN L . -40.05 -8.40 8.53
C2 MAN L . -41.25 -7.95 7.67
C3 MAN L . -42.54 -8.12 8.46
C4 MAN L . -42.66 -9.53 9.03
C5 MAN L . -41.40 -9.87 9.84
C6 MAN L . -41.41 -11.29 10.36
O2 MAN L . -41.30 -8.68 6.46
O3 MAN L . -43.67 -7.84 7.62
O4 MAN L . -43.78 -9.60 9.89
O5 MAN L . -40.25 -9.75 8.99
O6 MAN L . -40.27 -11.54 11.17
C1 NAG M . -16.90 -10.86 -23.93
C2 NAG M . -18.32 -11.18 -24.37
C3 NAG M . -18.49 -12.68 -24.56
C4 NAG M . -17.42 -13.21 -25.50
C5 NAG M . -16.01 -12.75 -25.08
C6 NAG M . -14.98 -13.09 -26.13
C7 NAG M . -19.66 -9.41 -23.31
C8 NAG M . -20.81 -9.13 -22.38
N2 NAG M . -19.29 -10.70 -23.39
O3 NAG M . -19.77 -12.95 -25.10
O4 NAG M . -17.44 -14.64 -25.46
O5 NAG M . -15.99 -11.34 -24.90
O6 NAG M . -13.73 -12.48 -25.84
O7 NAG M . -19.14 -8.53 -23.99
C1 NAG M . -17.82 -15.22 -26.64
C2 NAG M . -17.28 -16.65 -26.60
C3 NAG M . -17.76 -17.42 -27.83
C4 NAG M . -19.29 -17.35 -27.91
C5 NAG M . -19.76 -15.89 -27.86
C6 NAG M . -21.28 -15.77 -27.80
C7 NAG M . -15.14 -16.98 -25.39
C8 NAG M . -13.65 -17.10 -25.54
N2 NAG M . -15.83 -16.67 -26.52
O3 NAG M . -17.33 -18.77 -27.74
O4 NAG M . -19.74 -17.92 -29.12
O5 NAG M . -19.25 -15.26 -26.68
O6 NAG M . -21.70 -14.42 -27.86
O7 NAG M . -15.70 -17.12 -24.31
C1 BMA M . -20.56 -18.98 -28.81
C2 BMA M . -21.50 -19.22 -29.98
C3 BMA M . -22.42 -20.37 -29.66
C4 BMA M . -21.63 -21.62 -29.26
C5 BMA M . -20.57 -21.30 -28.19
C6 BMA M . -19.58 -22.42 -27.99
O2 BMA M . -20.75 -19.49 -31.16
O3 BMA M . -23.23 -20.66 -30.79
O4 BMA M . -22.53 -22.60 -28.75
O5 BMA M . -19.79 -20.15 -28.58
O6 BMA M . -19.04 -22.86 -29.24
C1 MAN M . -24.56 -20.45 -30.47
C2 MAN M . -25.44 -21.25 -31.41
C3 MAN M . -25.31 -20.70 -32.83
C4 MAN M . -25.56 -19.21 -32.86
C5 MAN M . -24.67 -18.50 -31.83
C6 MAN M . -24.96 -17.02 -31.73
O2 MAN M . -26.79 -21.17 -30.97
O3 MAN M . -26.22 -21.36 -33.68
O4 MAN M . -25.28 -18.71 -34.15
O5 MAN M . -24.90 -19.06 -30.54
O6 MAN M . -24.07 -16.38 -30.82
C1 MAN M . -18.07 -23.86 -29.15
C2 MAN M . -17.54 -24.04 -30.56
C3 MAN M . -18.67 -24.50 -31.45
C4 MAN M . -19.34 -25.76 -30.89
C5 MAN M . -19.69 -25.60 -29.41
C6 MAN M . -20.11 -26.91 -28.76
O2 MAN M . -16.48 -24.99 -30.56
O3 MAN M . -18.17 -24.77 -32.76
O4 MAN M . -20.55 -25.98 -31.60
O5 MAN M . -18.55 -25.12 -28.67
O6 MAN M . -20.23 -26.82 -27.35
C1 NAG N . 19.72 -11.83 -21.40
C2 NAG N . 19.77 -12.56 -22.74
C3 NAG N . 20.36 -13.96 -22.55
C4 NAG N . 21.70 -13.88 -21.85
C5 NAG N . 21.59 -13.08 -20.56
C6 NAG N . 22.94 -12.86 -19.93
C7 NAG N . 18.00 -11.71 -24.18
C8 NAG N . 16.68 -12.01 -24.83
N2 NAG N . 18.46 -12.64 -23.36
O3 NAG N . 20.53 -14.56 -23.83
O4 NAG N . 22.16 -15.18 -21.53
O5 NAG N . 21.03 -11.79 -20.83
O6 NAG N . 22.91 -11.77 -19.02
O7 NAG N . 18.61 -10.66 -24.40
C1 NAG N . 23.17 -15.78 -22.25
C2 NAG N . 23.73 -16.96 -21.48
C3 NAG N . 24.72 -17.72 -22.35
C4 NAG N . 24.08 -18.09 -23.69
C5 NAG N . 23.44 -16.86 -24.34
C6 NAG N . 22.66 -17.18 -25.60
C7 NAG N . 23.74 -16.53 -19.06
C8 NAG N . 24.54 -16.02 -17.89
N2 NAG N . 24.36 -16.52 -20.25
O3 NAG N . 25.13 -18.91 -21.67
O4 NAG N . 25.08 -18.61 -24.55
O5 NAG N . 22.53 -16.24 -23.43
O6 NAG N . 22.36 -16.01 -26.34
O7 NAG N . 22.57 -16.89 -18.93
C1 BMA N . 25.01 -19.96 -24.79
C2 BMA N . 25.74 -20.37 -26.07
C3 BMA N . 25.64 -21.88 -26.27
C4 BMA N . 26.09 -22.62 -25.02
C5 BMA N . 25.32 -22.09 -23.81
C6 BMA N . 25.74 -22.72 -22.49
O2 BMA N . 27.11 -19.98 -25.99
O3 BMA N . 26.45 -22.26 -27.39
O4 BMA N . 25.83 -24.01 -25.19
O5 BMA N . 25.54 -20.68 -23.68
O6 BMA N . 27.14 -22.58 -22.24
C1 MAN N . 27.45 -23.08 -20.99
C2 MAN N . 28.97 -22.92 -20.76
C3 MAN N . 29.73 -23.94 -21.61
C4 MAN N . 29.20 -25.34 -21.35
C5 MAN N . 27.71 -25.37 -21.63
C6 MAN N . 27.06 -26.75 -21.42
O2 MAN N . 29.27 -23.10 -19.38
O3 MAN N . 31.13 -23.85 -21.33
O4 MAN N . 29.85 -26.28 -22.22
O5 MAN N . 27.04 -24.44 -20.75
O6 MAN N . 27.02 -27.14 -20.05
C1 MAN N . 31.84 -23.87 -22.52
C2 MAN N . 33.36 -24.00 -22.26
C3 MAN N . 33.98 -22.64 -21.92
C4 MAN N . 33.53 -21.56 -22.89
C5 MAN N . 32.00 -21.52 -22.90
C6 MAN N . 31.45 -20.44 -23.82
O2 MAN N . 34.00 -24.57 -23.40
O3 MAN N . 35.40 -22.74 -21.93
O4 MAN N . 34.05 -20.29 -22.52
O5 MAN N . 31.53 -22.78 -23.40
O6 MAN N . 30.03 -20.32 -23.68
C1 MAN N . 25.89 -21.80 -28.56
C2 MAN N . 25.84 -22.94 -29.57
C3 MAN N . 27.25 -23.32 -30.01
C4 MAN N . 27.99 -22.09 -30.51
C5 MAN N . 27.97 -21.00 -29.44
C6 MAN N . 28.63 -19.72 -29.90
O2 MAN N . 25.08 -22.55 -30.70
O3 MAN N . 27.18 -24.32 -31.01
O4 MAN N . 29.35 -22.41 -30.82
O5 MAN N . 26.61 -20.68 -29.12
O6 MAN N . 28.60 -18.74 -28.89
C1 NAG O . 28.68 -0.14 12.16
C2 NAG O . 30.13 -0.52 11.93
C3 NAG O . 30.51 -1.69 12.83
C4 NAG O . 30.21 -1.35 14.29
C5 NAG O . 28.77 -0.86 14.45
C6 NAG O . 28.49 -0.33 15.85
C7 NAG O . 31.56 -0.51 9.93
C8 NAG O . 31.61 -0.72 8.46
N2 NAG O . 30.40 -0.82 10.53
O3 NAG O . 31.89 -1.99 12.68
O4 NAG O . 30.37 -2.50 15.09
O5 NAG O . 28.50 0.22 13.53
O6 NAG O . 27.24 0.33 15.93
O7 NAG O . 32.53 -0.11 10.56
C1 NAG O . 31.46 -2.45 15.95
C2 NAG O . 31.23 -3.55 16.98
C3 NAG O . 32.47 -3.75 17.83
C4 NAG O . 33.72 -3.94 16.94
C5 NAG O . 33.81 -2.83 15.89
C6 NAG O . 34.93 -3.04 14.90
C7 NAG O . 28.83 -3.67 17.54
C8 NAG O . 27.76 -3.24 18.50
N2 NAG O . 30.08 -3.26 17.81
O3 NAG O . 32.29 -4.87 18.68
O4 NAG O . 34.89 -3.86 17.75
O5 NAG O . 32.59 -2.78 15.13
O6 NAG O . 35.02 -1.97 13.98
O7 NAG O . 28.57 -4.31 16.53
C1 BMA O . 35.32 -5.15 17.93
C2 BMA O . 36.80 -5.03 18.23
C3 BMA O . 37.41 -6.41 18.42
C4 BMA O . 36.61 -7.24 19.42
C5 BMA O . 35.12 -7.21 19.08
C6 BMA O . 34.24 -7.86 20.13
O2 BMA O . 36.99 -4.23 19.39
O3 BMA O . 38.76 -6.29 18.86
O4 BMA O . 37.05 -8.59 19.37
O5 BMA O . 34.68 -5.85 18.99
O6 BMA O . 34.78 -9.10 20.58
C1 MAN O . 34.05 -9.60 21.64
C2 MAN O . 34.24 -8.70 22.85
C3 MAN O . 35.66 -8.81 23.37
C4 MAN O . 36.09 -10.27 23.56
C5 MAN O . 35.76 -11.11 22.32
C6 MAN O . 36.03 -12.60 22.50
O2 MAN O . 33.30 -9.05 23.86
O3 MAN O . 35.74 -8.12 24.62
O4 MAN O . 37.50 -10.32 23.78
O5 MAN O . 34.37 -10.95 21.98
O6 MAN O . 35.37 -13.16 23.65
C1 MAN O . 36.73 -7.17 24.60
C2 MAN O . 36.88 -6.72 26.04
C3 MAN O . 35.65 -5.93 26.47
C4 MAN O . 35.31 -4.82 25.48
C5 MAN O . 35.21 -5.40 24.07
C6 MAN O . 34.96 -4.33 23.00
O2 MAN O . 38.06 -5.94 26.20
O3 MAN O . 35.85 -5.40 27.77
O4 MAN O . 34.07 -4.21 25.82
O5 MAN O . 36.44 -6.05 23.73
O6 MAN O . 34.72 -4.89 21.71
C1 MAN O . 39.58 -6.24 17.75
C2 MAN O . 40.88 -7.02 18.05
C3 MAN O . 41.83 -6.21 18.92
C4 MAN O . 42.00 -4.80 18.39
C5 MAN O . 40.63 -4.15 18.25
C6 MAN O . 40.70 -2.74 17.73
O2 MAN O . 41.51 -7.40 16.83
O3 MAN O . 43.10 -6.86 19.00
O4 MAN O . 42.79 -4.03 19.27
O5 MAN O . 39.86 -4.91 17.30
O6 MAN O . 39.44 -2.12 17.80
C1 NAG P . 17.67 -20.95 36.78
C2 NAG P . 18.84 -19.97 36.63
C3 NAG P . 18.98 -19.11 37.89
C4 NAG P . 17.65 -18.50 38.30
C5 NAG P . 16.58 -19.58 38.39
C6 NAG P . 15.20 -19.03 38.71
C7 NAG P . 21.14 -20.19 35.70
C8 NAG P . 22.25 -21.15 35.39
N2 NAG P . 20.08 -20.71 36.36
O3 NAG P . 19.92 -18.07 37.61
O4 NAG P . 17.78 -17.86 39.57
O5 NAG P . 16.48 -20.22 37.12
O6 NAG P . 14.84 -17.98 37.84
O7 NAG P . 21.20 -19.01 35.41
C1 NAG Q . -22.02 -20.10 35.54
C2 NAG Q . -21.92 -19.33 36.86
C3 NAG Q . -23.32 -18.99 37.38
C4 NAG Q . -24.10 -18.22 36.32
C5 NAG Q . -24.14 -19.05 35.03
C6 NAG Q . -24.81 -18.32 33.88
C7 NAG Q . -20.30 -19.54 38.68
C8 NAG Q . -19.48 -20.49 39.50
N2 NAG Q . -21.18 -20.09 37.85
O3 NAG Q . -23.20 -18.20 38.56
O4 NAG Q . -25.42 -17.95 36.75
O5 NAG Q . -22.80 -19.33 34.60
O6 NAG Q . -25.48 -19.23 33.01
O7 NAG Q . -20.17 -18.33 38.79
C1 NAG R . -33.26 -31.87 -0.63
C2 NAG R . -34.65 -31.27 -0.42
C3 NAG R . -35.57 -31.63 -1.58
C4 NAG R . -34.93 -31.18 -2.89
C5 NAG R . -33.53 -31.80 -3.02
C6 NAG R . -32.80 -31.33 -4.25
C7 NAG R . -34.90 -31.20 2.04
C8 NAG R . -35.76 -31.58 3.19
N2 NAG R . -35.23 -31.73 0.84
O3 NAG R . -36.83 -30.99 -1.42
O4 NAG R . -35.73 -31.59 -3.99
O5 NAG R . -32.73 -31.42 -1.89
O6 NAG R . -31.82 -32.27 -4.67
O7 NAG R . -33.95 -30.42 2.16
C1 NAG S . -0.44 -40.84 -21.01
C2 NAG S . -1.14 -41.15 -22.34
C3 NAG S . -0.15 -41.72 -23.35
C4 NAG S . 1.03 -40.78 -23.49
C5 NAG S . 1.67 -40.57 -22.13
C6 NAG S . 2.85 -39.64 -22.17
C7 NAG S . -3.49 -41.65 -21.78
C8 NAG S . -4.58 -42.69 -21.85
N2 NAG S . -2.26 -42.06 -22.14
O3 NAG S . -0.80 -41.92 -24.60
O4 NAG S . 2.00 -41.33 -24.39
O5 NAG S . 0.70 -39.99 -21.24
O6 NAG S . 2.44 -38.28 -22.07
O7 NAG S . -3.72 -40.48 -21.43
C1 NAG T . 30.76 -34.21 2.22
C2 NAG T . 31.64 -34.52 1.01
C3 NAG T . 33.10 -34.31 1.38
C4 NAG T . 33.29 -32.88 1.86
C5 NAG T . 32.36 -32.59 3.02
C6 NAG T . 32.39 -31.14 3.46
C7 NAG T . 30.99 -36.15 -0.72
C8 NAG T . 30.98 -37.59 -1.13
N2 NAG T . 31.42 -35.88 0.52
O3 NAG T . 33.93 -34.57 0.24
O4 NAG T . 34.63 -32.67 2.26
O5 NAG T . 31.00 -32.85 2.64
O6 NAG T . 33.25 -30.37 2.62
O7 NAG T . 30.65 -35.26 -1.49
#